data_3UK1
#
_entry.id   3UK1
#
_cell.length_a   145.350
_cell.length_b   145.350
_cell.length_c   142.040
_cell.angle_alpha   90.000
_cell.angle_beta   90.000
_cell.angle_gamma   90.000
#
_symmetry.space_group_name_H-M   'P 41 21 2'
#
loop_
_entity.id
_entity.type
_entity.pdbx_description
1 polymer Transketolase
2 non-polymer 'SULFATE ION'
3 non-polymer 'CHLORIDE ION'
4 water water
#
_entity_poly.entity_id   1
_entity_poly.type   'polypeptide(L)'
_entity_poly.pdbx_seq_one_letter_code
;MAHHHHHHMGTLEAQTQGPGSMPPVPRFLDSFSGLDMTTSSPASTTLMANAIRALAMDAVQQANSGHPGMPMGMAEIGVA
LWSRHLKHNPTNPHWADRDRFVLSNGHGSMLLYSLLHLTGYDLPIEELKNFRQLHSKTPGHPEYGITPGVETTTGPLGQG
LANAVGMALGEALLAAEFNRDDAKIVDHHTYVFLGDG(OCS)LMEGISHEACSLAGTLKLNKLIALYDDNGISIDGDVVN
WFHDDTPKRFEAYGWNVIPNVNGHDVDAIDAAIAKAKRSDKPSLICCKTRIGNGAATKAGGHDVHGAPLGADEIAKTREA
LGWTWAPFVIPQEVYAAWDAKEAGKRSEDDWNAAFAQYRAKYPAEAAEFERRMAGTLPADWAAKAAAIVAGANERGETVA
TRKASQQTIEGLAAVLPELLGGSADLTGSNLTNWKASKAVRANADGPGVQWGNHINYGVREFGMSAAINGLVLHGGYKPF
GGTFLTFSDYSRNALRVAALMKVPSIFVFTHDSIGLGEDGPTHQSVEHVASLRLIPNLDVWRPADTVETAVAWTYAVAHQ
HPSCLIFSRQNLAFNARTDAQLANVEKGGYVLRDWDEEIVARKIILIATGSEVELAMKAVEPLAQQGIAARVVSMPSSDV
FDRQDAEYRERVLPHGVRRVAIEAGVTDFWRKYVGLEGGVVGIDTFGESAPAGVLFKHFGFTVEHVIETAKAVLA
;
_entity_poly.pdbx_strand_id   A,B
#
loop_
_chem_comp.id
_chem_comp.type
_chem_comp.name
_chem_comp.formula
CL non-polymer 'CHLORIDE ION' 'Cl -1'
SO4 non-polymer 'SULFATE ION' 'O4 S -2'
#
# COMPACT_ATOMS: atom_id res chain seq x y z
N SER A 41 7.92 -0.31 53.72
CA SER A 41 8.97 0.07 52.73
C SER A 41 8.30 0.48 51.42
N PRO A 42 8.83 1.51 50.75
CA PRO A 42 8.19 1.87 49.51
C PRO A 42 8.54 0.85 48.40
N ALA A 43 7.77 0.88 47.32
CA ALA A 43 7.89 -0.10 46.27
C ALA A 43 9.27 -0.09 45.62
N SER A 44 9.83 -1.28 45.45
CA SER A 44 11.03 -1.50 44.66
C SER A 44 10.64 -1.34 43.20
N THR A 45 11.61 -1.17 42.32
CA THR A 45 11.29 -1.09 40.88
C THR A 45 10.74 -2.43 40.41
N THR A 46 11.22 -3.52 41.04
CA THR A 46 10.71 -4.87 40.72
C THR A 46 9.20 -4.99 40.98
N LEU A 47 8.75 -4.46 42.11
CA LEU A 47 7.33 -4.48 42.45
C LEU A 47 6.57 -3.51 41.48
N MET A 48 7.15 -2.35 41.23
CA MET A 48 6.54 -1.43 40.27
C MET A 48 6.34 -2.13 38.93
N ALA A 49 7.41 -2.76 38.42
CA ALA A 49 7.27 -3.55 37.16
C ALA A 49 6.30 -4.75 37.23
N ASN A 50 6.32 -5.52 38.33
CA ASN A 50 5.47 -6.71 38.42
C ASN A 50 3.97 -6.36 38.41
N ALA A 51 3.67 -5.15 38.84
CA ALA A 51 2.33 -4.59 38.79
C ALA A 51 1.82 -4.58 37.35
N ILE A 52 2.69 -4.19 36.44
CA ILE A 52 2.41 -4.28 35.00
C ILE A 52 2.15 -5.74 34.57
N ARG A 53 3.05 -6.66 34.94
CA ARG A 53 2.94 -8.08 34.57
C ARG A 53 1.60 -8.67 35.06
N ALA A 54 1.23 -8.31 36.30
CA ALA A 54 -0.01 -8.76 36.91
C ALA A 54 -1.24 -8.27 36.15
N LEU A 55 -1.36 -6.95 35.93
CA LEU A 55 -2.46 -6.40 35.14
C LEU A 55 -2.54 -7.03 33.73
N ALA A 56 -1.41 -7.12 33.06
CA ALA A 56 -1.39 -7.74 31.72
C ALA A 56 -1.89 -9.19 31.73
N MET A 57 -1.28 -10.05 32.55
CA MET A 57 -1.73 -11.44 32.53
C MET A 57 -3.16 -11.63 33.06
N ASP A 58 -3.58 -10.78 33.98
CA ASP A 58 -4.93 -10.86 34.53
C ASP A 58 -6.02 -10.35 33.58
N ALA A 59 -5.71 -9.28 32.84
CA ALA A 59 -6.67 -8.73 31.91
C ALA A 59 -6.81 -9.71 30.75
N VAL A 60 -5.70 -10.31 30.33
CA VAL A 60 -5.75 -11.28 29.25
C VAL A 60 -6.58 -12.51 29.65
N GLN A 61 -6.33 -13.03 30.86
CA GLN A 61 -7.12 -14.14 31.41
C GLN A 61 -8.61 -13.80 31.46
N GLN A 62 -8.93 -12.60 31.96
CA GLN A 62 -10.33 -12.18 32.07
C GLN A 62 -11.02 -12.14 30.69
N ALA A 63 -10.32 -11.60 29.69
CA ALA A 63 -10.84 -11.47 28.34
C ALA A 63 -10.78 -12.80 27.58
N ASN A 64 -10.04 -13.77 28.11
CA ASN A 64 -9.64 -14.96 27.37
C ASN A 64 -9.19 -14.64 25.94
N SER A 65 -8.50 -13.52 25.78
CA SER A 65 -8.03 -13.10 24.49
C SER A 65 -6.85 -12.13 24.70
N GLY A 66 -5.91 -12.11 23.76
CA GLY A 66 -4.81 -11.15 23.84
C GLY A 66 -3.43 -11.73 24.16
N HIS A 67 -2.43 -10.84 24.21
CA HIS A 67 -1.01 -11.22 24.32
C HIS A 67 -0.35 -10.65 25.57
N PRO A 68 -0.02 -11.51 26.54
CA PRO A 68 0.56 -11.02 27.80
C PRO A 68 2.08 -10.86 27.74
N GLY A 69 2.72 -11.52 26.77
CA GLY A 69 4.18 -11.69 26.76
C GLY A 69 4.97 -10.42 26.54
N MET A 70 4.50 -9.59 25.60
CA MET A 70 5.12 -8.31 25.28
C MET A 70 5.06 -7.34 26.47
N PRO A 71 3.85 -7.05 27.01
CA PRO A 71 3.87 -6.19 28.20
C PRO A 71 4.77 -6.73 29.30
N MET A 72 4.83 -8.04 29.45
CA MET A 72 5.61 -8.63 30.53
C MET A 72 7.10 -8.50 30.24
N GLY A 73 7.45 -8.61 28.97
CA GLY A 73 8.84 -8.44 28.53
C GLY A 73 9.34 -7.01 28.68
N MET A 74 8.46 -6.03 28.45
CA MET A 74 8.82 -4.60 28.41
C MET A 74 8.53 -3.83 29.70
N ALA A 75 8.14 -4.54 30.75
CA ALA A 75 7.75 -3.92 32.02
C ALA A 75 8.80 -3.01 32.64
N GLU A 76 10.06 -3.49 32.70
CA GLU A 76 11.18 -2.66 33.16
C GLU A 76 11.44 -1.42 32.28
N ILE A 77 11.36 -1.59 30.95
CA ILE A 77 11.46 -0.44 30.05
C ILE A 77 10.38 0.58 30.39
N GLY A 78 9.16 0.07 30.61
CA GLY A 78 8.06 0.88 31.08
C GLY A 78 8.35 1.69 32.32
N VAL A 79 8.84 1.02 33.38
CA VAL A 79 9.30 1.70 34.61
C VAL A 79 10.38 2.76 34.32
N ALA A 80 11.42 2.39 33.57
CA ALA A 80 12.52 3.32 33.32
C ALA A 80 12.04 4.56 32.58
N LEU A 81 11.29 4.39 31.50
CA LEU A 81 10.74 5.58 30.79
C LEU A 81 9.69 6.33 31.58
N TRP A 82 8.58 5.68 31.88
CA TRP A 82 7.50 6.45 32.50
C TRP A 82 7.81 6.99 33.85
N SER A 83 8.48 6.23 34.72
CA SER A 83 8.65 6.75 36.07
C SER A 83 9.81 7.73 36.23
N ARG A 84 10.76 7.71 35.30
CA ARG A 84 11.94 8.55 35.48
C ARG A 84 12.12 9.68 34.46
N HIS A 85 11.59 9.54 33.24
CA HIS A 85 11.92 10.48 32.18
C HIS A 85 10.70 11.08 31.55
N LEU A 86 9.61 10.35 31.47
CA LEU A 86 8.46 10.93 30.77
C LEU A 86 7.93 12.24 31.42
N LYS A 87 7.92 13.32 30.64
CA LYS A 87 7.27 14.54 31.10
C LYS A 87 5.78 14.57 30.63
N HIS A 88 4.82 14.48 31.56
CA HIS A 88 3.38 14.40 31.23
C HIS A 88 2.53 14.77 32.44
N ASN A 89 1.29 15.11 32.17
CA ASN A 89 0.32 15.37 33.21
C ASN A 89 -0.90 14.51 33.02
N PRO A 90 -1.02 13.43 33.83
CA PRO A 90 -2.15 12.52 33.73
C PRO A 90 -3.49 13.26 33.79
N THR A 91 -3.56 14.33 34.56
CA THR A 91 -4.77 15.10 34.78
C THR A 91 -5.14 15.91 33.53
N ASN A 92 -4.17 16.19 32.66
CA ASN A 92 -4.40 16.82 31.36
C ASN A 92 -3.57 16.20 30.19
N PRO A 93 -4.11 15.14 29.56
CA PRO A 93 -3.41 14.48 28.44
C PRO A 93 -3.28 15.38 27.19
N HIS A 94 -3.90 16.55 27.23
CA HIS A 94 -3.88 17.46 26.09
C HIS A 94 -2.95 18.61 26.37
N TRP A 95 -2.17 18.55 27.45
CA TRP A 95 -1.18 19.59 27.71
C TRP A 95 -0.30 19.71 26.48
N ALA A 96 -0.19 20.91 25.91
CA ALA A 96 0.50 21.14 24.63
C ALA A 96 1.98 20.77 24.67
N ASP A 97 2.63 20.99 25.81
CA ASP A 97 4.08 20.73 25.88
C ASP A 97 4.52 19.35 26.49
N ARG A 98 3.57 18.46 26.71
CA ARG A 98 3.83 17.07 27.12
C ARG A 98 4.77 16.33 26.15
N ASP A 99 5.65 15.48 26.69
CA ASP A 99 6.35 14.51 25.89
C ASP A 99 5.30 13.67 25.17
N ARG A 100 5.60 13.18 23.96
CA ARG A 100 4.65 12.29 23.26
C ARG A 100 5.15 10.88 23.37
N PHE A 101 4.27 9.95 23.78
CA PHE A 101 4.61 8.52 23.81
C PHE A 101 3.85 7.69 22.76
N VAL A 102 4.55 6.82 22.04
CA VAL A 102 3.87 5.93 21.09
C VAL A 102 4.24 4.45 21.32
N LEU A 103 3.22 3.61 21.50
CA LEU A 103 3.38 2.16 21.47
C LEU A 103 3.20 1.72 20.02
N SER A 104 4.30 1.60 19.31
CA SER A 104 4.18 1.23 17.89
C SER A 104 3.80 -0.26 17.78
N ASN A 105 4.30 -1.09 18.67
CA ASN A 105 3.92 -2.53 18.70
C ASN A 105 2.57 -2.66 19.37
N GLY A 106 1.51 -2.67 18.56
CA GLY A 106 0.13 -2.61 19.08
C GLY A 106 -0.33 -3.78 19.96
N HIS A 107 0.25 -4.96 19.73
CA HIS A 107 -0.05 -6.19 20.48
C HIS A 107 0.06 -6.10 22.01
N GLY A 108 1.10 -5.48 22.54
CA GLY A 108 1.19 -5.34 24.00
C GLY A 108 0.43 -4.14 24.56
N SER A 109 -0.86 -4.02 24.22
CA SER A 109 -1.62 -2.84 24.61
C SER A 109 -1.86 -2.78 26.12
N MET A 110 -1.84 -3.93 26.80
CA MET A 110 -1.95 -3.91 28.25
C MET A 110 -0.74 -3.23 28.90
N LEU A 111 0.39 -3.20 28.22
CA LEU A 111 1.50 -2.38 28.71
C LEU A 111 1.03 -0.92 28.85
N LEU A 112 0.42 -0.39 27.78
CA LEU A 112 0.05 1.00 27.82
C LEU A 112 -1.07 1.24 28.80
N TYR A 113 -2.08 0.37 28.78
CA TYR A 113 -3.20 0.50 29.72
C TYR A 113 -2.73 0.45 31.17
N SER A 114 -1.84 -0.48 31.48
CA SER A 114 -1.24 -0.50 32.82
C SER A 114 -0.59 0.83 33.16
N LEU A 115 0.25 1.31 32.24
CA LEU A 115 1.03 2.54 32.46
C LEU A 115 0.11 3.73 32.69
N LEU A 116 -0.94 3.85 31.85
CA LEU A 116 -1.91 4.95 32.01
C LEU A 116 -2.67 4.83 33.33
N HIS A 117 -3.17 3.64 33.60
CA HIS A 117 -3.85 3.39 34.89
C HIS A 117 -2.99 3.62 36.11
N LEU A 118 -1.83 3.00 36.15
CA LEU A 118 -0.87 3.21 37.25
C LEU A 118 -0.42 4.67 37.50
N THR A 119 -0.09 5.45 36.46
CA THR A 119 0.47 6.82 36.68
C THR A 119 -0.57 7.89 36.96
N GLY A 120 -1.84 7.50 36.85
CA GLY A 120 -2.92 8.34 37.36
C GLY A 120 -3.86 8.93 36.32
N TYR A 121 -3.82 8.45 35.08
CA TYR A 121 -4.78 8.90 34.06
C TYR A 121 -6.18 8.40 34.38
N ASP A 122 -7.16 9.00 33.73
CA ASP A 122 -8.54 8.67 34.03
C ASP A 122 -8.91 7.43 33.25
N LEU A 123 -8.49 6.28 33.78
CA LEU A 123 -8.70 4.98 33.18
C LEU A 123 -8.81 4.02 34.36
N PRO A 124 -10.04 3.87 34.90
CA PRO A 124 -10.26 3.11 36.11
C PRO A 124 -9.97 1.62 35.94
N ILE A 125 -9.75 0.91 37.04
CA ILE A 125 -9.57 -0.56 36.96
C ILE A 125 -10.78 -1.31 36.33
N GLU A 126 -11.99 -0.81 36.52
CA GLU A 126 -13.14 -1.44 35.89
C GLU A 126 -12.91 -1.57 34.37
N GLU A 127 -12.24 -0.58 33.76
CA GLU A 127 -11.91 -0.63 32.31
C GLU A 127 -10.89 -1.71 31.96
N LEU A 128 -9.83 -1.84 32.78
CA LEU A 128 -8.83 -2.87 32.52
C LEU A 128 -9.46 -4.25 32.61
N LYS A 129 -10.36 -4.45 33.58
CA LYS A 129 -11.17 -5.68 33.68
C LYS A 129 -11.99 -5.92 32.40
N ASN A 130 -12.36 -4.83 31.74
CA ASN A 130 -13.12 -4.90 30.49
C ASN A 130 -12.30 -4.90 29.21
N PHE A 131 -11.02 -5.26 29.33
CA PHE A 131 -10.16 -5.49 28.16
C PHE A 131 -10.83 -6.25 27.03
N ARG A 132 -10.81 -5.66 25.83
CA ARG A 132 -11.22 -6.35 24.61
C ARG A 132 -12.74 -6.62 24.55
N GLN A 133 -13.50 -5.96 25.41
CA GLN A 133 -15.00 -6.06 25.42
C GLN A 133 -15.64 -4.85 24.73
N LEU A 134 -16.81 -5.08 24.11
CA LEU A 134 -17.51 -4.07 23.33
C LEU A 134 -17.67 -2.76 24.10
N HIS A 135 -17.26 -1.65 23.51
CA HIS A 135 -17.36 -0.31 24.13
C HIS A 135 -16.51 -0.08 25.37
N SER A 136 -15.62 -1.00 25.72
CA SER A 136 -14.69 -0.70 26.79
C SER A 136 -13.69 0.37 26.30
N LYS A 137 -13.05 1.03 27.25
CA LYS A 137 -11.96 1.96 26.93
C LYS A 137 -10.62 1.24 26.83
N THR A 138 -10.68 -0.09 26.68
CA THR A 138 -9.50 -0.91 26.57
C THR A 138 -9.61 -1.90 25.40
N PRO A 139 -9.79 -1.37 24.16
CA PRO A 139 -9.76 -2.19 22.93
C PRO A 139 -8.47 -3.01 22.80
N GLY A 140 -8.54 -4.07 21.97
CA GLY A 140 -7.43 -4.96 21.65
C GLY A 140 -6.13 -4.28 21.26
N HIS A 141 -6.21 -3.27 20.38
CA HIS A 141 -5.08 -2.38 20.08
C HIS A 141 -5.49 -1.00 20.50
N PRO A 142 -4.55 -0.20 21.01
CA PRO A 142 -4.96 1.11 21.52
C PRO A 142 -5.56 2.03 20.44
N GLU A 143 -6.53 2.86 20.86
CA GLU A 143 -7.26 3.72 19.93
C GLU A 143 -7.28 5.17 20.41
N TYR A 144 -6.69 6.03 19.62
CA TYR A 144 -6.78 7.48 19.84
C TYR A 144 -8.23 7.93 19.91
N GLY A 145 -8.55 8.76 20.89
CA GLY A 145 -9.93 9.29 21.01
C GLY A 145 -10.80 8.47 21.92
N ILE A 146 -10.44 7.21 22.16
CA ILE A 146 -11.21 6.35 23.01
C ILE A 146 -10.73 6.38 24.45
N THR A 147 -9.42 6.50 24.62
CA THR A 147 -8.77 6.27 25.88
C THR A 147 -7.90 7.48 26.14
N PRO A 148 -8.01 8.07 27.34
CA PRO A 148 -7.19 9.25 27.61
C PRO A 148 -5.71 8.87 27.64
N GLY A 149 -4.87 9.70 27.04
CA GLY A 149 -3.45 9.47 27.00
C GLY A 149 -3.02 8.62 25.80
N VAL A 150 -3.97 8.00 25.10
CA VAL A 150 -3.60 7.27 23.87
C VAL A 150 -3.39 8.28 22.71
N GLU A 151 -2.13 8.41 22.24
CA GLU A 151 -1.75 9.50 21.31
C GLU A 151 -2.06 9.23 19.85
N THR A 152 -2.14 7.94 19.52
CA THR A 152 -2.40 7.51 18.17
C THR A 152 -3.00 6.11 18.17
N THR A 153 -3.49 5.66 17.03
CA THR A 153 -4.00 4.30 16.89
C THR A 153 -3.04 3.41 16.09
N THR A 154 -2.62 2.33 16.73
CA THR A 154 -1.62 1.41 16.20
C THR A 154 -2.21 0.00 16.20
N GLY A 155 -1.54 -0.88 15.46
CA GLY A 155 -2.05 -2.22 15.20
C GLY A 155 -1.31 -2.74 13.98
N PRO A 156 -1.51 -2.12 12.81
CA PRO A 156 -0.65 -2.49 11.69
C PRO A 156 0.77 -2.00 11.98
N LEU A 157 1.74 -2.91 11.95
CA LEU A 157 3.11 -2.63 12.41
C LEU A 157 3.85 -1.53 11.63
N GLY A 158 4.76 -0.84 12.29
CA GLY A 158 5.62 0.14 11.66
C GLY A 158 5.05 1.54 11.63
N GLN A 159 3.73 1.67 11.47
CA GLN A 159 3.06 2.96 11.41
C GLN A 159 3.17 3.85 12.67
N GLY A 160 3.07 3.22 13.84
CA GLY A 160 3.31 3.99 15.07
C GLY A 160 4.67 4.70 15.05
N LEU A 161 5.65 4.06 14.45
CA LEU A 161 7.01 4.60 14.50
C LEU A 161 7.04 5.80 13.56
N ALA A 162 6.36 5.64 12.43
CA ALA A 162 6.20 6.71 11.44
C ALA A 162 5.38 7.86 12.04
N ASN A 163 4.30 7.54 12.77
CA ASN A 163 3.56 8.53 13.55
C ASN A 163 4.49 9.28 14.46
N ALA A 164 5.30 8.56 15.25
CA ALA A 164 6.27 9.23 16.14
C ALA A 164 7.22 10.21 15.44
N VAL A 165 7.75 9.81 14.31
CA VAL A 165 8.61 10.68 13.49
C VAL A 165 7.88 11.99 13.14
N GLY A 166 6.59 11.88 12.78
CA GLY A 166 5.80 13.04 12.41
C GLY A 166 5.54 13.90 13.63
N MET A 167 5.31 13.28 14.79
CA MET A 167 5.20 14.09 16.05
C MET A 167 6.51 14.81 16.42
N ALA A 168 7.66 14.14 16.21
CA ALA A 168 8.93 14.77 16.56
C ALA A 168 9.17 15.89 15.57
N LEU A 169 8.89 15.64 14.31
CA LEU A 169 8.98 16.72 13.31
C LEU A 169 8.10 17.94 13.68
N GLY A 170 6.86 17.69 14.09
CA GLY A 170 5.98 18.74 14.61
C GLY A 170 6.56 19.55 15.75
N GLU A 171 7.02 18.87 16.82
CA GLU A 171 7.68 19.57 17.91
C GLU A 171 8.86 20.43 17.43
N ALA A 172 9.69 19.90 16.54
CA ALA A 172 10.91 20.65 16.09
C ALA A 172 10.51 21.86 15.24
N LEU A 173 9.46 21.70 14.43
CA LEU A 173 9.02 22.80 13.58
C LEU A 173 8.39 23.94 14.43
N LEU A 174 7.47 23.56 15.31
CA LEU A 174 6.85 24.52 16.25
C LEU A 174 7.88 25.29 17.06
N ALA A 175 8.90 24.60 17.56
CA ALA A 175 9.92 25.23 18.37
C ALA A 175 10.69 26.23 17.57
N ALA A 176 11.15 25.81 16.40
CA ALA A 176 11.86 26.72 15.52
C ALA A 176 10.96 27.92 15.18
N GLU A 177 9.66 27.69 15.03
CA GLU A 177 8.74 28.76 14.66
C GLU A 177 8.44 29.72 15.86
N PHE A 178 8.16 29.14 17.02
CA PHE A 178 7.62 29.90 18.16
C PHE A 178 8.59 30.30 19.28
N ASN A 179 9.58 29.48 19.58
CA ASN A 179 10.50 29.82 20.68
C ASN A 179 11.22 31.11 20.39
N ARG A 180 11.39 31.93 21.43
CA ARG A 180 12.17 33.16 21.29
C ARG A 180 13.38 33.13 22.23
N ASP A 181 14.38 33.97 21.97
CA ASP A 181 15.58 34.00 22.80
C ASP A 181 15.27 34.22 24.27
N ASP A 182 14.26 35.04 24.55
CA ASP A 182 13.92 35.29 25.95
C ASP A 182 12.69 34.53 26.46
N ALA A 183 12.12 33.62 25.64
CA ALA A 183 10.93 32.87 26.10
C ALA A 183 10.67 31.62 25.26
N LYS A 184 10.83 30.48 25.89
CA LYS A 184 10.69 29.18 25.27
C LYS A 184 9.32 28.65 25.68
N ILE A 185 8.51 28.21 24.71
CA ILE A 185 7.25 27.53 24.99
C ILE A 185 7.15 26.10 24.40
N VAL A 186 8.05 25.77 23.48
CA VAL A 186 8.07 24.40 22.91
C VAL A 186 9.36 23.65 23.25
N ASP A 187 9.19 22.51 23.94
CA ASP A 187 10.33 21.69 24.30
C ASP A 187 9.88 20.37 24.91
N HIS A 188 9.76 19.36 24.05
CA HIS A 188 9.37 18.05 24.52
C HIS A 188 9.91 16.96 23.62
N HIS A 189 10.06 15.76 24.21
CA HIS A 189 10.59 14.61 23.48
C HIS A 189 9.50 13.75 22.93
N THR A 190 9.85 12.90 21.97
CA THR A 190 8.93 11.92 21.43
C THR A 190 9.56 10.53 21.63
N TYR A 191 8.85 9.66 22.35
CA TYR A 191 9.30 8.33 22.71
C TYR A 191 8.45 7.35 22.00
N VAL A 192 9.07 6.30 21.44
CA VAL A 192 8.31 5.20 20.84
C VAL A 192 8.87 3.85 21.26
N PHE A 193 7.97 2.95 21.66
CA PHE A 193 8.30 1.58 21.93
C PHE A 193 8.06 0.81 20.65
N LEU A 194 9.02 -0.06 20.40
CA LEU A 194 9.19 -0.68 19.12
C LEU A 194 9.54 -2.17 19.24
N GLY A 195 9.05 -3.01 18.34
CA GLY A 195 9.43 -4.44 18.30
C GLY A 195 10.04 -4.87 16.97
N ASP A 196 10.41 -6.15 16.84
CA ASP A 196 11.04 -6.67 15.59
C ASP A 196 10.16 -6.53 14.37
N GLY A 197 8.86 -6.76 14.54
CA GLY A 197 7.90 -6.54 13.45
C GLY A 197 8.01 -5.16 12.83
N OCS A 198 8.01 -4.12 13.68
CA OCS A 198 8.11 -2.74 13.26
CB OCS A 198 8.11 -1.81 14.50
SG OCS A 198 6.80 -2.00 15.58
C OCS A 198 9.38 -2.50 12.44
O OCS A 198 9.34 -1.82 11.42
OD1 OCS A 198 5.61 -1.57 14.88
OD2 OCS A 198 6.93 -1.14 16.95
OD3 OCS A 198 6.76 -3.39 15.91
N LEU A 199 10.52 -3.04 12.92
CA LEU A 199 11.80 -2.92 12.21
C LEU A 199 11.93 -3.67 10.88
N MET A 200 11.12 -4.71 10.66
CA MET A 200 11.14 -5.43 9.41
C MET A 200 10.32 -4.68 8.39
N GLU A 201 9.30 -3.97 8.84
CA GLU A 201 8.39 -3.30 7.91
C GLU A 201 9.12 -2.21 7.16
N GLY A 202 8.90 -2.12 5.85
CA GLY A 202 9.53 -1.13 5.00
C GLY A 202 9.28 0.27 5.51
N ILE A 203 8.13 0.48 6.14
CA ILE A 203 7.82 1.82 6.66
C ILE A 203 8.81 2.31 7.73
N SER A 204 9.44 1.41 8.49
CA SER A 204 10.47 1.86 9.47
C SER A 204 11.65 2.43 8.72
N HIS A 205 12.02 1.79 7.63
CA HIS A 205 13.06 2.35 6.78
C HIS A 205 12.75 3.72 6.28
N GLU A 206 11.52 3.95 5.79
CA GLU A 206 11.18 5.25 5.27
C GLU A 206 11.19 6.30 6.36
N ALA A 207 10.61 5.99 7.51
CA ALA A 207 10.50 6.93 8.60
C ALA A 207 11.85 7.20 9.24
N CYS A 208 12.69 6.18 9.39
CA CYS A 208 13.92 6.38 10.16
C CYS A 208 15.02 7.07 9.37
N SER A 209 15.11 6.75 8.09
CA SER A 209 15.94 7.44 7.12
C SER A 209 15.63 8.95 7.07
N LEU A 210 14.36 9.29 6.97
CA LEU A 210 13.92 10.69 6.99
C LEU A 210 14.23 11.40 8.30
N ALA A 211 13.87 10.79 9.43
CA ALA A 211 14.19 11.33 10.77
C ALA A 211 15.70 11.59 10.96
N GLY A 212 16.51 10.66 10.45
CA GLY A 212 17.94 10.79 10.54
C GLY A 212 18.47 11.89 9.62
N THR A 213 17.91 12.04 8.42
CA THR A 213 18.36 13.15 7.56
C THR A 213 17.97 14.51 8.12
N LEU A 214 16.84 14.53 8.79
CA LEU A 214 16.29 15.74 9.39
C LEU A 214 16.79 16.01 10.80
N LYS A 215 17.60 15.09 11.34
CA LYS A 215 18.34 15.34 12.57
C LYS A 215 17.39 15.61 13.73
N LEU A 216 16.31 14.80 13.78
CA LEU A 216 15.27 14.87 14.79
C LEU A 216 15.76 14.22 16.09
N ASN A 217 16.68 14.90 16.73
CA ASN A 217 17.37 14.37 17.87
C ASN A 217 16.52 14.20 19.14
N LYS A 218 15.28 14.69 19.14
CA LYS A 218 14.45 14.58 20.34
C LYS A 218 13.56 13.34 20.23
N LEU A 219 13.75 12.58 19.16
CA LEU A 219 13.04 11.32 18.97
C LEU A 219 13.89 10.19 19.56
N ILE A 220 13.30 9.41 20.47
CA ILE A 220 14.02 8.36 21.21
C ILE A 220 13.20 7.06 21.11
N ALA A 221 13.72 6.08 20.38
CA ALA A 221 13.06 4.79 20.16
C ALA A 221 13.65 3.72 21.07
N LEU A 222 12.77 3.01 21.78
CA LEU A 222 13.25 1.92 22.66
C LEU A 222 12.78 0.58 22.11
N TYR A 223 13.73 -0.27 21.77
CA TYR A 223 13.45 -1.45 20.97
C TYR A 223 13.48 -2.66 21.87
N ASP A 224 12.36 -3.37 21.85
CA ASP A 224 12.21 -4.63 22.57
C ASP A 224 12.96 -5.72 21.79
N ASP A 225 14.26 -5.83 22.04
CA ASP A 225 15.10 -6.76 21.33
C ASP A 225 15.07 -8.15 22.03
N ASN A 226 14.04 -8.92 21.75
CA ASN A 226 13.81 -10.18 22.43
C ASN A 226 14.16 -11.46 21.63
N GLY A 227 14.72 -11.32 20.43
CA GLY A 227 15.07 -12.50 19.58
C GLY A 227 13.91 -13.20 18.86
N ILE A 228 12.71 -12.65 19.03
CA ILE A 228 11.44 -13.32 18.70
C ILE A 228 10.53 -12.43 17.86
N SER A 229 9.94 -13.00 16.81
CA SER A 229 8.72 -12.43 16.20
C SER A 229 7.68 -13.56 16.21
N ILE A 230 6.50 -13.31 15.64
CA ILE A 230 5.41 -14.28 15.77
C ILE A 230 5.73 -15.72 15.23
N ASP A 231 6.50 -15.81 14.13
CA ASP A 231 6.88 -17.11 13.53
C ASP A 231 7.96 -17.92 14.31
N GLY A 232 8.60 -17.32 15.32
CA GLY A 232 9.70 -17.97 16.07
C GLY A 232 10.95 -17.10 16.20
N ASP A 233 12.13 -17.72 16.23
CA ASP A 233 13.42 -17.00 16.29
C ASP A 233 13.69 -16.14 15.04
N VAL A 234 13.80 -14.83 15.23
CA VAL A 234 13.89 -13.87 14.09
C VAL A 234 15.05 -14.07 13.13
N VAL A 235 16.16 -14.63 13.63
CA VAL A 235 17.40 -14.92 12.89
C VAL A 235 17.20 -15.64 11.55
N ASN A 236 16.18 -16.50 11.47
CA ASN A 236 15.89 -17.21 10.23
C ASN A 236 15.33 -16.32 9.12
N TRP A 237 14.86 -15.12 9.46
CA TRP A 237 14.27 -14.22 8.43
C TRP A 237 14.58 -12.76 8.64
N PHE A 238 15.23 -12.47 9.76
CA PHE A 238 15.60 -11.10 10.15
C PHE A 238 16.97 -11.05 10.84
N HIS A 239 18.03 -10.97 10.06
CA HIS A 239 19.35 -11.10 10.66
C HIS A 239 20.12 -9.83 10.47
N ASP A 240 19.39 -8.74 10.27
CA ASP A 240 19.96 -7.39 10.28
C ASP A 240 20.89 -7.11 11.46
N ASP A 241 21.96 -6.37 11.20
CA ASP A 241 22.70 -5.70 12.21
C ASP A 241 21.96 -4.38 12.39
N THR A 242 20.96 -4.38 13.28
CA THR A 242 20.09 -3.23 13.47
C THR A 242 20.82 -1.96 13.93
N PRO A 243 21.73 -2.11 14.93
CA PRO A 243 22.57 -0.97 15.27
C PRO A 243 23.28 -0.31 14.07
N LYS A 244 23.90 -1.09 13.19
CA LYS A 244 24.69 -0.55 12.06
C LYS A 244 23.71 0.07 11.03
N ARG A 245 22.56 -0.59 10.85
CA ARG A 245 21.51 -0.04 10.00
C ARG A 245 21.15 1.37 10.44
N PHE A 246 20.84 1.52 11.73
CA PHE A 246 20.43 2.79 12.27
C PHE A 246 21.48 3.89 12.29
N GLU A 247 22.73 3.56 12.63
CA GLU A 247 23.85 4.46 12.40
C GLU A 247 23.95 4.87 10.94
N ALA A 248 23.73 3.96 9.99
CA ALA A 248 23.71 4.36 8.57
C ALA A 248 22.64 5.44 8.27
N TYR A 249 21.58 5.50 9.10
CA TYR A 249 20.49 6.48 8.93
C TYR A 249 20.86 7.82 9.54
N GLY A 250 21.96 7.88 10.27
CA GLY A 250 22.31 9.09 10.98
C GLY A 250 21.69 9.05 12.39
N TRP A 251 21.28 7.88 12.87
CA TRP A 251 20.87 7.79 14.29
C TRP A 251 21.99 7.41 15.24
N ASN A 252 21.83 7.80 16.51
CA ASN A 252 22.65 7.36 17.62
C ASN A 252 22.02 6.06 18.10
N VAL A 253 22.84 5.06 18.43
CA VAL A 253 22.33 3.75 18.87
C VAL A 253 23.08 3.42 20.14
N ILE A 254 22.31 2.97 21.12
CA ILE A 254 22.88 2.45 22.36
C ILE A 254 22.54 0.97 22.31
N PRO A 255 23.52 0.14 21.89
CA PRO A 255 23.21 -1.28 21.67
C PRO A 255 23.24 -2.04 23.00
N ASN A 256 22.70 -3.26 23.03
CA ASN A 256 23.01 -4.17 24.14
C ASN A 256 22.73 -3.65 25.57
N VAL A 257 21.58 -3.00 25.78
CA VAL A 257 21.21 -2.53 27.13
C VAL A 257 20.40 -3.68 27.73
N ASN A 258 20.64 -3.98 28.99
CA ASN A 258 19.93 -5.08 29.66
C ASN A 258 18.49 -4.63 29.84
N GLY A 259 17.60 -5.28 29.10
CA GLY A 259 16.20 -4.89 29.02
C GLY A 259 15.43 -5.08 30.28
N HIS A 260 16.06 -5.74 31.25
CA HIS A 260 15.42 -5.91 32.56
C HIS A 260 16.06 -5.16 33.68
N ASP A 261 16.96 -4.24 33.36
CA ASP A 261 17.68 -3.45 34.34
C ASP A 261 17.20 -1.99 34.18
N VAL A 262 16.35 -1.55 35.11
CA VAL A 262 15.71 -0.24 35.08
C VAL A 262 16.74 0.85 35.10
N ASP A 263 17.76 0.71 35.95
CA ASP A 263 18.84 1.69 36.04
C ASP A 263 19.61 1.83 34.74
N ALA A 264 19.93 0.70 34.10
CA ALA A 264 20.59 0.69 32.80
C ALA A 264 19.72 1.39 31.72
N ILE A 265 18.43 1.05 31.65
CA ILE A 265 17.58 1.67 30.63
C ILE A 265 17.49 3.17 30.93
N ASP A 266 17.28 3.49 32.21
CA ASP A 266 17.27 4.87 32.68
C ASP A 266 18.48 5.64 32.17
N ALA A 267 19.70 5.15 32.48
CA ALA A 267 20.92 5.82 32.02
C ALA A 267 20.97 5.91 30.50
N ALA A 268 20.38 4.93 29.82
CA ALA A 268 20.47 4.92 28.37
C ALA A 268 19.55 6.03 27.80
N ILE A 269 18.36 6.18 28.39
CA ILE A 269 17.48 7.30 28.05
C ILE A 269 18.17 8.66 28.35
N ALA A 270 18.84 8.72 29.50
CA ALA A 270 19.54 9.94 29.90
C ALA A 270 20.58 10.32 28.84
N LYS A 271 21.29 9.31 28.32
CA LYS A 271 22.33 9.55 27.30
C LYS A 271 21.69 9.99 26.01
N ALA A 272 20.57 9.34 25.64
CA ALA A 272 19.84 9.69 24.39
C ALA A 272 19.46 11.14 24.43
N LYS A 273 19.04 11.62 25.60
CA LYS A 273 18.68 13.04 25.74
C LYS A 273 19.81 13.99 25.53
N ARG A 274 21.05 13.52 25.66
CA ARG A 274 22.16 14.43 25.39
C ARG A 274 22.61 14.33 23.92
N SER A 275 22.04 13.42 23.15
CA SER A 275 22.50 13.13 21.78
C SER A 275 22.08 14.19 20.77
N ASP A 276 22.95 14.42 19.81
CA ASP A 276 22.67 15.29 18.68
C ASP A 276 21.85 14.61 17.56
N LYS A 277 21.51 13.34 17.75
CA LYS A 277 20.89 12.54 16.71
C LYS A 277 19.73 11.82 17.35
N PRO A 278 18.69 11.45 16.55
CA PRO A 278 17.64 10.60 17.14
C PRO A 278 18.32 9.30 17.63
N SER A 279 17.77 8.67 18.67
CA SER A 279 18.40 7.54 19.32
C SER A 279 17.56 6.29 19.34
N LEU A 280 18.24 5.16 19.15
CA LEU A 280 17.62 3.87 19.24
C LEU A 280 18.31 3.19 20.41
N ILE A 281 17.51 2.70 21.34
CA ILE A 281 18.01 2.01 22.53
C ILE A 281 17.62 0.55 22.38
N CYS A 282 18.62 -0.30 22.20
CA CYS A 282 18.33 -1.70 21.97
C CYS A 282 18.28 -2.39 23.32
N CYS A 283 17.06 -2.74 23.71
CA CYS A 283 16.81 -3.38 25.00
C CYS A 283 16.68 -4.91 24.88
N LYS A 284 17.69 -5.63 25.36
CA LYS A 284 17.71 -7.08 25.35
C LYS A 284 16.80 -7.58 26.46
N THR A 285 15.61 -8.08 26.13
CA THR A 285 14.59 -8.43 27.14
C THR A 285 14.36 -9.95 27.38
N GLY A 306 -2.97 -19.95 30.60
CA GLY A 306 -4.19 -19.75 31.37
C GLY A 306 -3.93 -19.88 32.86
N ALA A 307 -4.94 -20.37 33.60
CA ALA A 307 -4.99 -20.44 35.09
C ALA A 307 -3.76 -20.98 35.86
N ASP A 308 -3.28 -22.18 35.50
CA ASP A 308 -2.17 -22.82 36.24
C ASP A 308 -0.88 -22.02 36.09
N GLU A 309 -0.56 -21.65 34.84
CA GLU A 309 0.61 -20.87 34.49
C GLU A 309 0.61 -19.50 35.19
N ILE A 310 -0.57 -18.87 35.26
CA ILE A 310 -0.71 -17.58 35.96
C ILE A 310 -0.48 -17.75 37.47
N ALA A 311 -0.99 -18.85 38.02
CA ALA A 311 -0.86 -19.09 39.46
C ALA A 311 0.62 -19.27 39.82
N LYS A 312 1.33 -20.06 39.00
CA LYS A 312 2.75 -20.32 39.17
C LYS A 312 3.64 -19.11 38.84
N THR A 313 3.18 -18.21 37.96
CA THR A 313 3.93 -16.95 37.69
C THR A 313 3.83 -16.01 38.90
N ARG A 314 2.65 -15.98 39.51
CA ARG A 314 2.42 -15.21 40.74
C ARG A 314 3.42 -15.61 41.82
N GLU A 315 3.59 -16.91 42.00
CA GLU A 315 4.55 -17.45 42.97
C GLU A 315 5.98 -17.12 42.57
N ALA A 316 6.33 -17.36 41.30
CA ALA A 316 7.68 -17.04 40.81
C ALA A 316 8.02 -15.56 41.00
N LEU A 317 7.02 -14.69 40.93
CA LEU A 317 7.21 -13.24 41.10
C LEU A 317 7.03 -12.76 42.55
N GLY A 318 6.43 -13.59 43.40
CA GLY A 318 6.05 -13.16 44.76
C GLY A 318 4.97 -12.09 44.71
N TRP A 319 4.22 -12.06 43.62
CA TRP A 319 3.04 -11.23 43.53
C TRP A 319 1.87 -11.93 44.17
N THR A 320 1.51 -11.52 45.39
CA THR A 320 0.51 -12.24 46.16
C THR A 320 -0.91 -11.78 45.89
N TRP A 321 -1.08 -10.62 45.25
CA TRP A 321 -2.40 -9.95 45.17
C TRP A 321 -3.33 -10.51 44.14
N ALA A 322 -4.61 -10.48 44.48
CA ALA A 322 -5.67 -10.97 43.64
C ALA A 322 -5.79 -10.17 42.32
N PRO A 323 -6.43 -10.76 41.28
CA PRO A 323 -6.58 -10.06 40.01
C PRO A 323 -7.04 -8.61 40.15
N PHE A 324 -6.39 -7.70 39.42
CA PHE A 324 -6.73 -6.27 39.40
C PHE A 324 -6.58 -5.50 40.72
N VAL A 325 -5.95 -6.12 41.73
CA VAL A 325 -5.68 -5.46 43.00
C VAL A 325 -4.22 -5.01 42.98
N ILE A 326 -4.06 -3.70 43.14
CA ILE A 326 -2.75 -3.06 43.18
C ILE A 326 -2.55 -2.47 44.59
N PRO A 327 -1.46 -2.86 45.27
CA PRO A 327 -1.26 -2.33 46.62
C PRO A 327 -0.92 -0.86 46.63
N GLN A 328 -1.29 -0.20 47.71
CA GLN A 328 -1.27 1.25 47.83
C GLN A 328 0.08 1.86 47.46
N GLU A 329 1.16 1.18 47.89
CA GLU A 329 2.50 1.70 47.72
C GLU A 329 3.01 1.63 46.28
N VAL A 330 2.44 0.70 45.50
CA VAL A 330 2.76 0.56 44.09
C VAL A 330 2.12 1.73 43.35
N TYR A 331 0.83 1.95 43.62
CA TYR A 331 0.16 3.17 43.22
C TYR A 331 0.93 4.47 43.56
N ALA A 332 1.43 4.54 44.78
CA ALA A 332 2.13 5.75 45.26
C ALA A 332 3.45 5.93 44.53
N ALA A 333 4.10 4.83 44.17
CA ALA A 333 5.39 4.88 43.45
C ALA A 333 5.17 5.21 42.00
N TRP A 334 4.00 4.88 41.46
CA TRP A 334 3.73 5.20 40.06
C TRP A 334 3.02 6.49 39.81
N ASP A 335 2.23 6.98 40.78
CA ASP A 335 1.40 8.17 40.53
C ASP A 335 2.17 9.37 40.05
N ALA A 336 1.66 10.02 39.02
CA ALA A 336 2.37 11.10 38.39
C ALA A 336 1.57 12.40 38.43
N LYS A 337 0.46 12.43 39.18
CA LYS A 337 -0.42 13.62 39.16
C LYS A 337 0.29 14.82 39.72
N GLU A 338 1.12 14.59 40.72
CA GLU A 338 1.72 15.65 41.51
C GLU A 338 2.87 16.26 40.72
N ALA A 339 3.78 15.42 40.22
CA ALA A 339 4.82 15.92 39.30
C ALA A 339 4.19 16.50 38.02
N GLY A 340 3.09 15.90 37.57
CA GLY A 340 2.36 16.40 36.39
C GLY A 340 1.87 17.83 36.54
N LYS A 341 1.20 18.09 37.67
CA LYS A 341 0.62 19.40 37.91
C LYS A 341 1.72 20.45 37.97
N ARG A 342 2.80 20.17 38.71
CA ARG A 342 3.97 21.06 38.77
C ARG A 342 4.56 21.39 37.42
N SER A 343 4.76 20.36 36.58
CA SER A 343 5.30 20.54 35.24
C SER A 343 4.41 21.41 34.36
N GLU A 344 3.11 21.11 34.34
CA GLU A 344 2.18 21.91 33.57
C GLU A 344 2.02 23.32 34.15
N ASP A 345 1.98 23.44 35.49
CA ASP A 345 1.97 24.77 36.14
C ASP A 345 3.20 25.59 35.73
N ASP A 346 4.40 25.02 35.89
CA ASP A 346 5.62 25.71 35.44
C ASP A 346 5.45 26.16 33.98
N TRP A 347 4.93 25.26 33.16
CA TRP A 347 4.78 25.58 31.73
C TRP A 347 3.78 26.68 31.51
N ASN A 348 2.65 26.66 32.22
CA ASN A 348 1.63 27.71 32.10
C ASN A 348 2.19 29.09 32.45
N ALA A 349 3.11 29.12 33.42
CA ALA A 349 3.77 30.37 33.79
C ALA A 349 4.81 30.77 32.76
N ALA A 350 5.58 29.82 32.22
CA ALA A 350 6.45 30.17 31.11
C ALA A 350 5.63 30.69 29.92
N PHE A 351 4.39 30.22 29.79
CA PHE A 351 3.51 30.69 28.70
C PHE A 351 2.94 32.08 28.92
N ALA A 352 2.47 32.36 30.15
CA ALA A 352 2.08 33.73 30.55
C ALA A 352 3.21 34.74 30.26
N GLN A 353 4.46 34.40 30.59
CA GLN A 353 5.59 35.29 30.27
C GLN A 353 5.79 35.48 28.76
N TYR A 354 5.55 34.42 27.98
CA TYR A 354 5.61 34.46 26.52
C TYR A 354 4.50 35.37 26.00
N ARG A 355 3.28 35.14 26.47
CA ARG A 355 2.15 35.99 26.09
C ARG A 355 2.39 37.48 26.41
N ALA A 356 3.09 37.77 27.52
CA ALA A 356 3.34 39.14 27.91
C ALA A 356 4.30 39.78 26.91
N LYS A 357 5.30 39.03 26.46
CA LYS A 357 6.25 39.55 25.46
C LYS A 357 5.80 39.41 24.00
N TYR A 358 4.98 38.40 23.70
CA TYR A 358 4.62 38.06 22.32
C TYR A 358 3.14 37.75 22.19
N PRO A 359 2.27 38.73 22.47
CA PRO A 359 0.84 38.43 22.60
C PRO A 359 0.18 37.83 21.35
N ALA A 360 0.63 38.22 20.16
CA ALA A 360 -0.06 37.77 18.95
C ALA A 360 0.34 36.31 18.71
N GLU A 361 1.64 36.04 18.86
CA GLU A 361 2.20 34.69 18.73
C GLU A 361 1.57 33.74 19.74
N ALA A 362 1.34 34.24 20.96
CA ALA A 362 0.76 33.39 21.98
C ALA A 362 -0.68 32.97 21.61
N ALA A 363 -1.49 33.93 21.14
CA ALA A 363 -2.85 33.59 20.72
C ALA A 363 -2.80 32.64 19.52
N GLU A 364 -1.86 32.85 18.58
CA GLU A 364 -1.73 31.99 17.40
C GLU A 364 -1.32 30.56 17.79
N PHE A 365 -0.40 30.43 18.73
CA PHE A 365 -0.02 29.11 19.23
C PHE A 365 -1.24 28.36 19.78
N GLU A 366 -1.99 29.02 20.64
CA GLU A 366 -3.17 28.39 21.23
C GLU A 366 -4.23 27.99 20.23
N ARG A 367 -4.54 28.88 19.29
CA ARG A 367 -5.50 28.61 18.25
C ARG A 367 -5.03 27.40 17.44
N ARG A 368 -3.76 27.43 17.06
CA ARG A 368 -3.22 26.39 16.19
C ARG A 368 -3.04 25.05 16.93
N MET A 369 -2.70 25.09 18.22
CA MET A 369 -2.63 23.81 18.96
C MET A 369 -4.02 23.20 19.07
N ALA A 370 -5.08 24.00 19.11
CA ALA A 370 -6.44 23.43 19.17
C ALA A 370 -6.89 22.95 17.80
N GLY A 371 -6.17 23.34 16.73
CA GLY A 371 -6.58 23.04 15.36
C GLY A 371 -7.78 23.83 14.88
N THR A 372 -8.03 25.00 15.50
CA THR A 372 -9.07 25.91 15.10
C THR A 372 -8.60 26.80 13.97
N LEU A 373 -9.49 27.02 13.03
CA LEU A 373 -9.22 27.89 11.96
C LEU A 373 -9.40 29.33 12.44
N PRO A 374 -8.88 30.32 11.68
CA PRO A 374 -9.06 31.73 12.03
C PRO A 374 -10.53 32.12 12.20
N ALA A 375 -10.79 33.15 13.00
CA ALA A 375 -12.14 33.49 13.44
C ALA A 375 -12.99 33.99 12.26
N ASP A 376 -12.34 34.57 11.27
CA ASP A 376 -13.04 35.00 10.08
C ASP A 376 -12.82 34.03 8.94
N TRP A 377 -12.58 32.76 9.29
CA TRP A 377 -12.46 31.72 8.25
C TRP A 377 -13.57 31.74 7.23
N ALA A 378 -14.83 31.82 7.62
CA ALA A 378 -15.87 31.75 6.57
C ALA A 378 -15.65 32.81 5.49
N ALA A 379 -15.32 34.04 5.89
CA ALA A 379 -14.98 35.03 4.87
C ALA A 379 -13.76 34.69 4.03
N LYS A 380 -12.73 34.12 4.66
CA LYS A 380 -11.47 33.90 3.98
C LYS A 380 -11.59 32.70 3.00
N ALA A 381 -12.36 31.68 3.39
CA ALA A 381 -12.65 30.59 2.48
C ALA A 381 -13.47 31.07 1.25
N ALA A 382 -14.46 31.92 1.51
CA ALA A 382 -15.32 32.44 0.45
C ALA A 382 -14.54 33.25 -0.57
N ALA A 383 -13.48 33.95 -0.10
CA ALA A 383 -12.67 34.81 -0.99
C ALA A 383 -11.81 33.93 -1.88
N ILE A 384 -11.31 32.82 -1.35
CA ILE A 384 -10.55 31.87 -2.16
C ILE A 384 -11.43 31.29 -3.27
N VAL A 385 -12.61 30.78 -2.90
CA VAL A 385 -13.56 30.23 -3.86
C VAL A 385 -14.00 31.28 -4.87
N ALA A 386 -14.36 32.47 -4.41
CA ALA A 386 -14.81 33.51 -5.37
C ALA A 386 -13.74 33.93 -6.35
N GLY A 387 -12.47 33.94 -5.91
CA GLY A 387 -11.41 34.34 -6.82
C GLY A 387 -11.21 33.33 -7.93
N ALA A 388 -11.32 32.03 -7.60
CA ALA A 388 -11.41 30.95 -8.61
C ALA A 388 -12.54 31.14 -9.64
N ASN A 389 -13.74 31.39 -9.15
CA ASN A 389 -14.88 31.67 -10.03
C ASN A 389 -14.65 32.93 -10.89
N GLU A 390 -14.15 34.02 -10.30
CA GLU A 390 -13.86 35.25 -11.07
C GLU A 390 -12.81 35.01 -12.18
N ARG A 391 -11.76 34.23 -11.89
CA ARG A 391 -10.67 33.99 -12.86
C ARG A 391 -11.09 33.16 -14.09
N GLY A 392 -12.04 32.25 -13.89
CA GLY A 392 -12.63 31.49 -15.00
C GLY A 392 -11.64 30.71 -15.86
N GLU A 393 -10.57 30.22 -15.21
CA GLU A 393 -9.41 29.71 -15.89
C GLU A 393 -9.55 28.23 -16.23
N THR A 394 -9.10 27.87 -17.43
CA THR A 394 -8.95 26.46 -17.86
C THR A 394 -7.50 26.02 -17.59
N VAL A 395 -7.32 25.19 -16.56
CA VAL A 395 -6.01 24.66 -16.20
C VAL A 395 -6.23 23.24 -15.70
N ALA A 396 -5.15 22.50 -15.48
CA ALA A 396 -5.24 21.16 -14.86
C ALA A 396 -5.68 21.34 -13.43
N THR A 397 -6.39 20.38 -12.85
CA THR A 397 -6.77 20.61 -11.45
C THR A 397 -5.55 20.44 -10.53
N ARG A 398 -4.48 19.80 -11.00
CA ARG A 398 -3.22 19.96 -10.21
C ARG A 398 -2.80 21.45 -10.12
N LYS A 399 -3.00 22.25 -11.20
CA LYS A 399 -2.63 23.68 -11.16
C LYS A 399 -3.65 24.47 -10.31
N ALA A 400 -4.93 24.15 -10.48
CA ALA A 400 -5.98 24.73 -9.64
C ALA A 400 -5.63 24.47 -8.19
N SER A 401 -5.29 23.22 -7.89
CA SER A 401 -4.82 22.86 -6.53
C SER A 401 -3.69 23.78 -6.05
N GLN A 402 -2.65 23.93 -6.86
CA GLN A 402 -1.55 24.83 -6.45
CA GLN A 402 -1.53 24.85 -6.60
C GLN A 402 -2.06 26.25 -6.21
N GLN A 403 -3.02 26.74 -7.01
CA GLN A 403 -3.54 28.10 -6.86
C GLN A 403 -4.27 28.27 -5.51
N THR A 404 -5.07 27.27 -5.18
CA THR A 404 -5.82 27.24 -3.90
C THR A 404 -4.83 27.12 -2.75
N ILE A 405 -3.87 26.20 -2.88
CA ILE A 405 -2.77 26.14 -1.84
C ILE A 405 -2.19 27.51 -1.59
N GLU A 406 -1.85 28.21 -2.67
CA GLU A 406 -1.34 29.57 -2.52
C GLU A 406 -2.28 30.52 -1.72
N GLY A 407 -3.56 30.58 -2.08
CA GLY A 407 -4.50 31.37 -1.28
C GLY A 407 -4.64 30.85 0.16
N LEU A 408 -4.67 29.53 0.36
CA LEU A 408 -4.75 28.98 1.73
C LEU A 408 -3.54 29.38 2.57
N ALA A 409 -2.35 29.32 1.96
CA ALA A 409 -1.12 29.57 2.74
C ALA A 409 -1.09 31.02 3.25
N ALA A 410 -1.73 31.93 2.50
CA ALA A 410 -1.71 33.37 2.84
C ALA A 410 -2.61 33.67 4.05
N VAL A 411 -3.55 32.76 4.36
CA VAL A 411 -4.43 32.96 5.54
C VAL A 411 -4.26 31.92 6.63
N LEU A 412 -3.65 30.79 6.28
CA LEU A 412 -3.36 29.75 7.25
C LEU A 412 -1.85 29.61 7.52
N PRO A 413 -1.32 30.33 8.51
CA PRO A 413 0.12 30.18 8.82
C PRO A 413 0.49 28.72 9.21
N GLU A 414 -0.53 27.95 9.62
CA GLU A 414 -0.33 26.55 10.06
C GLU A 414 -0.15 25.60 8.88
N LEU A 415 -0.39 26.06 7.67
CA LEU A 415 -0.36 25.17 6.49
C LEU A 415 1.02 24.58 6.25
N LEU A 416 1.05 23.26 6.13
CA LEU A 416 2.29 22.53 5.99
C LEU A 416 2.21 21.46 4.87
N GLY A 417 2.80 21.78 3.74
CA GLY A 417 2.69 20.94 2.57
C GLY A 417 3.92 20.08 2.38
N GLY A 418 3.93 19.35 1.28
CA GLY A 418 5.05 18.50 0.94
C GLY A 418 4.59 17.47 -0.07
N SER A 419 5.55 16.67 -0.51
CA SER A 419 5.34 15.71 -1.56
C SER A 419 6.38 14.63 -1.46
N ALA A 420 6.00 13.40 -1.82
CA ALA A 420 6.92 12.28 -1.86
C ALA A 420 7.74 12.30 -3.16
N ASP A 421 8.55 13.35 -3.30
CA ASP A 421 9.49 13.49 -4.43
C ASP A 421 8.80 13.79 -5.75
N LEU A 422 7.64 14.42 -5.71
CA LEU A 422 6.91 14.79 -6.90
C LEU A 422 6.43 16.24 -6.76
N THR A 423 7.29 17.08 -6.19
CA THR A 423 6.92 18.48 -5.89
C THR A 423 6.46 19.18 -7.15
N GLY A 424 7.31 19.19 -8.19
CA GLY A 424 6.95 19.80 -9.48
C GLY A 424 5.74 19.19 -10.16
N SER A 425 5.62 17.86 -10.11
CA SER A 425 4.50 17.15 -10.75
C SER A 425 3.20 17.35 -10.02
N ASN A 426 3.21 17.17 -8.70
CA ASN A 426 2.01 17.34 -7.87
C ASN A 426 1.57 18.81 -7.74
N LEU A 427 2.54 19.73 -7.83
CA LEU A 427 2.33 21.18 -7.60
C LEU A 427 1.84 21.46 -6.17
N THR A 428 2.63 21.01 -5.19
CA THR A 428 2.25 21.15 -3.81
C THR A 428 2.90 22.36 -3.16
N ASN A 429 3.86 22.95 -3.85
CA ASN A 429 4.60 24.06 -3.30
C ASN A 429 4.00 25.37 -3.73
N TRP A 430 4.27 26.43 -2.98
CA TRP A 430 3.87 27.76 -3.37
C TRP A 430 5.01 28.71 -3.20
N LYS A 431 4.91 29.82 -3.92
CA LYS A 431 5.96 30.81 -4.16
C LYS A 431 6.53 31.44 -2.91
N ALA A 432 5.69 31.56 -1.88
CA ALA A 432 6.13 32.18 -0.65
C ALA A 432 6.61 31.16 0.38
N SER A 433 6.61 29.87 0.03
CA SER A 433 6.99 28.84 1.01
C SER A 433 8.49 28.86 1.37
N LYS A 434 8.82 28.21 2.48
CA LYS A 434 10.21 27.95 2.84
C LYS A 434 10.35 26.42 2.98
N ALA A 435 11.38 25.85 2.35
CA ALA A 435 11.60 24.42 2.40
C ALA A 435 12.13 24.03 3.79
N VAL A 436 11.58 22.98 4.38
CA VAL A 436 12.11 22.44 5.65
C VAL A 436 13.46 21.80 5.34
N ARG A 437 14.48 22.08 6.16
CA ARG A 437 15.82 21.60 5.95
C ARG A 437 16.43 21.32 7.31
N ALA A 438 17.19 20.23 7.43
CA ALA A 438 18.10 20.03 8.57
C ALA A 438 18.99 21.25 8.79
N ASN A 439 19.25 21.60 10.05
CA ASN A 439 20.34 22.56 10.34
C ASN A 439 21.63 22.07 9.75
N ALA A 440 22.40 22.97 9.14
CA ALA A 440 23.70 22.61 8.58
C ALA A 440 24.69 22.10 9.65
N ASP A 441 24.75 22.78 10.80
CA ASP A 441 25.77 22.45 11.83
C ASP A 441 25.22 21.64 13.00
N GLY A 442 24.13 22.11 13.59
CA GLY A 442 23.58 21.42 14.75
C GLY A 442 22.43 20.46 14.45
N PRO A 443 21.89 19.83 15.50
CA PRO A 443 20.75 18.94 15.36
C PRO A 443 19.50 19.71 14.96
N GLY A 444 18.42 19.01 14.62
CA GLY A 444 17.14 19.68 14.39
C GLY A 444 16.97 20.24 12.98
N VAL A 445 15.87 20.94 12.75
CA VAL A 445 15.55 21.55 11.44
C VAL A 445 15.47 23.07 11.50
N GLN A 446 15.76 23.74 10.38
CA GLN A 446 15.34 25.11 10.18
C GLN A 446 13.84 25.05 9.87
N TRP A 447 13.08 26.05 10.29
CA TRP A 447 11.65 26.03 10.06
C TRP A 447 11.39 26.15 8.59
N GLY A 448 10.31 25.52 8.15
CA GLY A 448 9.84 25.67 6.76
C GLY A 448 8.39 25.27 6.77
N ASN A 449 7.69 25.45 5.67
CA ASN A 449 6.32 24.94 5.53
C ASN A 449 6.07 24.05 4.30
N HIS A 450 7.13 23.58 3.67
CA HIS A 450 6.99 22.60 2.59
C HIS A 450 8.06 21.57 2.74
N ILE A 451 7.65 20.31 2.80
CA ILE A 451 8.56 19.22 3.09
C ILE A 451 8.78 18.32 1.84
N ASN A 452 10.04 18.13 1.48
CA ASN A 452 10.40 17.09 0.50
C ASN A 452 10.53 15.77 1.26
N TYR A 453 9.52 14.90 1.16
CA TYR A 453 9.52 13.66 1.97
C TYR A 453 10.38 12.53 1.36
N GLY A 454 10.90 12.76 0.16
CA GLY A 454 11.58 11.68 -0.52
C GLY A 454 10.60 10.69 -1.08
N VAL A 455 11.12 9.62 -1.69
CA VAL A 455 10.24 8.67 -2.38
C VAL A 455 9.70 7.72 -1.29
N ARG A 456 8.86 8.27 -0.39
CA ARG A 456 8.35 7.53 0.78
C ARG A 456 6.84 7.76 1.00
N GLU A 457 6.01 7.26 0.11
CA GLU A 457 4.58 7.58 0.21
C GLU A 457 3.96 7.16 1.54
N PHE A 458 4.21 5.92 1.95
CA PHE A 458 3.62 5.37 3.17
C PHE A 458 4.12 6.08 4.41
N GLY A 459 5.45 6.16 4.56
CA GLY A 459 6.07 6.93 5.60
C GLY A 459 5.64 8.41 5.60
N MET A 460 5.55 9.06 4.44
CA MET A 460 5.06 10.44 4.45
C MET A 460 3.63 10.46 5.04
N SER A 461 2.81 9.51 4.60
CA SER A 461 1.39 9.51 5.02
C SER A 461 1.18 9.23 6.49
N ALA A 462 1.90 8.24 7.02
CA ALA A 462 1.88 8.03 8.45
C ALA A 462 2.49 9.18 9.23
N ALA A 463 3.53 9.84 8.68
CA ALA A 463 4.16 11.01 9.35
C ALA A 463 3.17 12.14 9.45
N ILE A 464 2.41 12.34 8.36
CA ILE A 464 1.34 13.33 8.35
C ILE A 464 0.34 12.99 9.44
N ASN A 465 -0.07 11.75 9.55
CA ASN A 465 -0.96 11.40 10.66
C ASN A 465 -0.39 11.87 11.99
N GLY A 466 0.90 11.57 12.24
CA GLY A 466 1.58 12.08 13.45
C GLY A 466 1.63 13.60 13.58
N LEU A 467 1.98 14.30 12.48
CA LEU A 467 1.90 15.77 12.46
C LEU A 467 0.48 16.24 12.85
N VAL A 468 -0.55 15.58 12.30
CA VAL A 468 -1.92 15.99 12.63
C VAL A 468 -2.19 15.76 14.10
N LEU A 469 -1.88 14.55 14.59
CA LEU A 469 -2.06 14.28 16.02
C LEU A 469 -1.31 15.27 16.92
N HIS A 470 -0.11 15.69 16.53
CA HIS A 470 0.70 16.52 17.41
C HIS A 470 0.02 17.83 17.73
N GLY A 471 -0.59 18.45 16.73
CA GLY A 471 -1.17 19.74 16.96
C GLY A 471 -0.25 20.83 16.42
N GLY A 472 -0.85 21.86 15.82
CA GLY A 472 -0.10 23.09 15.50
C GLY A 472 0.04 23.42 14.04
N TYR A 473 -0.06 22.38 13.21
CA TYR A 473 -0.01 22.54 11.75
C TYR A 473 -1.28 21.96 11.09
N LYS A 474 -1.50 22.33 9.83
CA LYS A 474 -2.54 21.77 8.99
C LYS A 474 -1.73 21.13 7.85
N PRO A 475 -1.35 19.86 7.98
CA PRO A 475 -0.47 19.26 6.96
C PRO A 475 -1.16 18.51 5.87
N PHE A 476 -0.51 18.46 4.71
CA PHE A 476 -0.95 17.67 3.58
C PHE A 476 0.27 17.19 2.86
N GLY A 477 0.16 16.14 2.05
CA GLY A 477 1.29 15.69 1.29
C GLY A 477 0.83 15.00 0.04
N GLY A 478 1.61 15.12 -1.02
CA GLY A 478 1.19 14.71 -2.37
C GLY A 478 2.00 13.56 -2.92
N THR A 479 1.37 12.84 -3.84
CA THR A 479 1.98 11.79 -4.65
C THR A 479 0.98 11.54 -5.78
N PHE A 480 1.30 10.61 -6.68
CA PHE A 480 0.37 10.22 -7.74
C PHE A 480 -0.70 9.33 -7.14
N LEU A 481 -1.91 9.41 -7.69
CA LEU A 481 -3.04 8.61 -7.19
C LEU A 481 -2.80 7.09 -7.08
N THR A 482 -2.28 6.46 -8.13
CA THR A 482 -1.99 5.03 -8.06
C THR A 482 -1.08 4.71 -6.88
N PHE A 483 -0.21 5.64 -6.49
CA PHE A 483 0.73 5.31 -5.41
C PHE A 483 0.04 5.45 -4.04
N SER A 484 -1.26 5.79 -4.08
CA SER A 484 -2.08 5.58 -2.90
C SER A 484 -2.06 4.12 -2.44
N ASP A 485 -1.72 3.18 -3.31
CA ASP A 485 -1.72 1.77 -2.96
C ASP A 485 -0.54 1.52 -2.01
N TYR A 486 0.53 2.32 -2.13
CA TYR A 486 1.70 2.19 -1.25
C TYR A 486 1.34 2.74 0.16
N SER A 487 0.64 3.87 0.20
CA SER A 487 0.29 4.56 1.47
C SER A 487 -1.09 4.21 2.07
N ARG A 488 -1.80 3.29 1.43
CA ARG A 488 -3.24 3.06 1.73
C ARG A 488 -3.59 2.90 3.21
N ASN A 489 -2.85 2.07 3.94
CA ASN A 489 -3.21 1.82 5.32
C ASN A 489 -3.10 3.04 6.18
N ALA A 490 -2.24 4.00 5.82
CA ALA A 490 -2.18 5.23 6.61
C ALA A 490 -3.39 6.11 6.31
N LEU A 491 -3.89 6.06 5.09
CA LEU A 491 -5.15 6.73 4.76
C LEU A 491 -6.30 6.13 5.63
N ARG A 492 -6.37 4.81 5.61
CA ARG A 492 -7.30 4.05 6.43
C ARG A 492 -7.28 4.43 7.92
N VAL A 493 -6.09 4.50 8.53
CA VAL A 493 -5.97 4.76 9.96
C VAL A 493 -6.36 6.23 10.32
N ALA A 494 -6.04 7.20 9.46
CA ALA A 494 -6.51 8.57 9.63
C ALA A 494 -8.03 8.53 9.71
N ALA A 495 -8.63 7.76 8.83
CA ALA A 495 -10.12 7.74 8.77
C ALA A 495 -10.69 7.03 10.01
N LEU A 496 -9.97 6.02 10.48
CA LEU A 496 -10.37 5.31 11.71
C LEU A 496 -10.20 6.24 12.91
N MET A 497 -9.13 7.02 12.92
CA MET A 497 -8.88 7.95 14.03
C MET A 497 -9.74 9.21 13.99
N LYS A 498 -10.32 9.48 12.82
CA LYS A 498 -11.17 10.64 12.64
C LYS A 498 -10.33 11.93 12.74
N VAL A 499 -9.20 11.94 12.05
CA VAL A 499 -8.36 13.13 12.07
C VAL A 499 -8.22 13.69 10.67
N PRO A 500 -8.21 15.01 10.55
CA PRO A 500 -8.35 15.69 9.23
C PRO A 500 -7.04 15.76 8.40
N SER A 501 -6.36 14.62 8.30
CA SER A 501 -5.19 14.47 7.44
C SER A 501 -5.61 14.75 6.03
N ILE A 502 -4.75 15.42 5.25
CA ILE A 502 -5.03 15.75 3.86
C ILE A 502 -4.02 15.06 2.98
N PHE A 503 -4.51 14.18 2.12
CA PHE A 503 -3.62 13.52 1.17
C PHE A 503 -3.94 14.01 -0.23
N VAL A 504 -2.93 14.59 -0.86
CA VAL A 504 -3.11 15.08 -2.22
C VAL A 504 -2.65 14.05 -3.24
N PHE A 505 -3.49 13.79 -4.24
CA PHE A 505 -3.11 12.84 -5.28
C PHE A 505 -3.30 13.46 -6.65
N THR A 506 -2.29 13.36 -7.53
CA THR A 506 -2.47 13.99 -8.87
C THR A 506 -2.22 12.87 -9.87
N HIS A 507 -2.36 13.17 -11.16
CA HIS A 507 -2.19 12.16 -12.24
C HIS A 507 -3.18 11.02 -12.09
N ASP A 508 -4.46 11.33 -12.28
CA ASP A 508 -5.53 10.53 -11.68
C ASP A 508 -6.22 9.54 -12.58
N SER A 509 -5.79 9.45 -13.85
CA SER A 509 -6.41 8.53 -14.79
C SER A 509 -5.52 8.31 -16.01
N ILE A 510 -6.10 7.68 -17.03
CA ILE A 510 -5.46 7.62 -18.36
C ILE A 510 -5.15 9.01 -18.94
N GLY A 511 -5.74 10.06 -18.35
CA GLY A 511 -5.47 11.46 -18.75
C GLY A 511 -4.02 11.89 -18.53
N LEU A 512 -3.32 11.19 -17.65
CA LEU A 512 -1.90 11.43 -17.49
C LEU A 512 -1.07 11.04 -18.75
N GLY A 513 -1.65 10.16 -19.58
CA GLY A 513 -1.01 9.72 -20.84
C GLY A 513 0.17 8.77 -20.75
N GLU A 514 1.31 9.25 -21.27
CA GLU A 514 2.37 8.36 -21.75
C GLU A 514 3.03 7.47 -20.73
N ASP A 515 3.06 7.92 -19.47
CA ASP A 515 3.69 7.11 -18.42
C ASP A 515 3.09 5.69 -18.33
N GLY A 516 1.85 5.53 -18.77
CA GLY A 516 1.35 4.17 -19.04
C GLY A 516 0.64 3.50 -17.87
N PRO A 517 0.32 2.21 -18.04
CA PRO A 517 -0.63 1.58 -17.14
C PRO A 517 -0.16 1.38 -15.72
N THR A 518 1.15 1.44 -15.44
CA THR A 518 1.61 1.26 -14.07
C THR A 518 1.32 2.52 -13.24
N HIS A 519 1.11 3.64 -13.93
CA HIS A 519 0.85 4.93 -13.31
C HIS A 519 -0.61 5.31 -13.39
N GLN A 520 -1.28 4.92 -14.47
CA GLN A 520 -2.66 5.28 -14.72
C GLN A 520 -3.63 4.58 -13.78
N SER A 521 -4.18 5.32 -12.83
CA SER A 521 -5.25 4.79 -11.97
C SER A 521 -6.50 4.46 -12.76
N VAL A 522 -7.15 3.40 -12.29
CA VAL A 522 -8.39 2.94 -12.86
C VAL A 522 -9.34 2.59 -11.71
N GLU A 523 -8.82 1.94 -10.68
CA GLU A 523 -9.66 1.42 -9.58
C GLU A 523 -9.56 2.34 -8.35
N HIS A 524 -8.68 3.30 -8.42
CA HIS A 524 -8.20 3.95 -7.21
C HIS A 524 -9.22 4.88 -6.62
N VAL A 525 -9.80 5.77 -7.43
CA VAL A 525 -10.86 6.67 -6.93
C VAL A 525 -11.96 5.89 -6.22
N ALA A 526 -12.50 4.86 -6.87
CA ALA A 526 -13.57 4.05 -6.28
C ALA A 526 -13.08 3.25 -5.08
N SER A 527 -11.83 2.79 -5.12
CA SER A 527 -11.39 2.00 -3.95
C SER A 527 -11.18 2.86 -2.71
N LEU A 528 -10.84 4.12 -2.88
CA LEU A 528 -10.68 5.00 -1.71
C LEU A 528 -12.03 5.46 -1.15
N ARG A 529 -13.02 5.67 -2.04
CA ARG A 529 -14.40 5.93 -1.62
C ARG A 529 -14.94 4.87 -0.66
N LEU A 530 -14.63 3.60 -0.93
CA LEU A 530 -15.00 2.48 -0.07
C LEU A 530 -14.55 2.55 1.39
N ILE A 531 -13.41 3.22 1.64
CA ILE A 531 -12.87 3.33 2.99
C ILE A 531 -13.79 4.18 3.87
N PRO A 532 -14.27 3.61 4.99
CA PRO A 532 -15.22 4.36 5.78
C PRO A 532 -14.61 5.65 6.28
N ASN A 533 -15.35 6.74 6.10
CA ASN A 533 -15.06 8.00 6.78
C ASN A 533 -13.91 8.76 6.12
N LEU A 534 -13.42 8.24 4.98
CA LEU A 534 -12.46 8.98 4.20
C LEU A 534 -13.20 9.77 3.10
N ASP A 535 -13.11 11.09 3.07
CA ASP A 535 -13.73 11.88 1.96
C ASP A 535 -12.82 11.84 0.73
N VAL A 536 -13.43 11.60 -0.41
CA VAL A 536 -12.72 11.63 -1.68
C VAL A 536 -13.24 12.77 -2.54
N TRP A 537 -12.36 13.67 -2.93
CA TRP A 537 -12.79 14.71 -3.86
C TRP A 537 -12.06 14.60 -5.18
N ARG A 538 -12.78 14.81 -6.28
CA ARG A 538 -12.21 14.76 -7.63
C ARG A 538 -12.86 15.92 -8.38
N PRO A 539 -12.35 17.15 -8.14
CA PRO A 539 -13.03 18.32 -8.64
C PRO A 539 -12.86 18.44 -10.17
N ALA A 540 -13.88 18.97 -10.83
CA ALA A 540 -13.87 19.20 -12.26
C ALA A 540 -13.06 20.41 -12.71
N ASP A 541 -12.91 21.41 -11.84
CA ASP A 541 -12.28 22.67 -12.28
C ASP A 541 -11.79 23.48 -11.09
N THR A 542 -11.45 24.75 -11.33
CA THR A 542 -10.84 25.57 -10.28
C THR A 542 -11.78 25.85 -9.10
N VAL A 543 -13.07 26.00 -9.40
CA VAL A 543 -14.06 26.26 -8.38
C VAL A 543 -14.31 25.01 -7.59
N GLU A 544 -14.44 23.86 -8.22
CA GLU A 544 -14.68 22.65 -7.43
C GLU A 544 -13.39 22.38 -6.61
N THR A 545 -12.23 22.69 -7.17
CA THR A 545 -10.93 22.51 -6.42
C THR A 545 -10.90 23.39 -5.18
N ALA A 546 -11.33 24.66 -5.32
CA ALA A 546 -11.28 25.62 -4.18
C ALA A 546 -12.26 25.19 -3.10
N VAL A 547 -13.49 24.83 -3.51
CA VAL A 547 -14.42 24.23 -2.60
C VAL A 547 -13.86 22.96 -1.87
N ALA A 548 -13.31 22.02 -2.63
CA ALA A 548 -12.85 20.77 -2.04
C ALA A 548 -11.77 21.03 -1.02
N TRP A 549 -10.82 21.92 -1.35
CA TRP A 549 -9.72 22.22 -0.48
C TRP A 549 -10.19 22.91 0.76
N THR A 550 -11.06 23.90 0.61
CA THR A 550 -11.46 24.72 1.80
C THR A 550 -12.41 23.87 2.69
N TYR A 551 -13.16 22.97 2.06
CA TYR A 551 -13.98 22.05 2.82
C TYR A 551 -13.09 21.06 3.58
N ALA A 552 -12.15 20.41 2.89
CA ALA A 552 -11.18 19.48 3.57
C ALA A 552 -10.46 20.10 4.76
N VAL A 553 -10.06 21.35 4.60
CA VAL A 553 -9.28 22.04 5.64
C VAL A 553 -10.13 22.30 6.89
N ALA A 554 -11.42 22.51 6.67
CA ALA A 554 -12.36 22.96 7.69
C ALA A 554 -13.02 21.81 8.43
N HIS A 555 -13.01 20.59 7.85
CA HIS A 555 -13.78 19.46 8.41
C HIS A 555 -12.95 18.40 9.06
N GLN A 556 -13.61 17.43 9.70
CA GLN A 556 -12.91 16.49 10.59
C GLN A 556 -12.44 15.19 9.92
N HIS A 557 -13.07 14.79 8.83
CA HIS A 557 -12.67 13.57 8.08
C HIS A 557 -11.36 13.83 7.38
N PRO A 558 -10.46 12.81 7.33
CA PRO A 558 -9.36 12.90 6.38
C PRO A 558 -9.93 13.00 4.97
N SER A 559 -9.17 13.61 4.07
CA SER A 559 -9.56 13.82 2.69
C SER A 559 -8.45 13.38 1.75
N CYS A 560 -8.89 12.74 0.66
CA CYS A 560 -8.08 12.51 -0.53
C CYS A 560 -8.58 13.54 -1.54
N LEU A 561 -7.65 14.36 -1.97
CA LEU A 561 -7.98 15.40 -2.95
C LEU A 561 -7.34 14.95 -4.28
N ILE A 562 -8.18 14.72 -5.28
CA ILE A 562 -7.68 14.07 -6.49
C ILE A 562 -7.62 14.94 -7.73
N PHE A 563 -6.41 15.17 -8.20
CA PHE A 563 -6.18 16.15 -9.25
C PHE A 563 -5.67 15.59 -10.60
N SER A 564 -6.02 16.26 -11.71
CA SER A 564 -5.62 15.84 -13.04
C SER A 564 -4.25 16.43 -13.40
N ARG A 565 -3.52 15.68 -14.23
CA ARG A 565 -2.36 16.21 -14.93
C ARG A 565 -2.76 17.23 -16.02
N GLN A 566 -3.83 16.92 -16.76
CA GLN A 566 -4.21 17.62 -18.04
C GLN A 566 -5.19 18.78 -17.83
N ASN A 567 -5.21 19.77 -18.74
CA ASN A 567 -6.11 20.92 -18.59
C ASN A 567 -7.57 20.49 -18.59
N LEU A 568 -8.38 20.96 -17.62
CA LEU A 568 -9.85 20.70 -17.66
C LEU A 568 -10.59 22.03 -17.85
N ALA A 569 -11.63 22.07 -18.71
CA ALA A 569 -12.36 23.30 -18.99
C ALA A 569 -13.05 23.90 -17.76
N PHE A 570 -12.98 25.21 -17.56
CA PHE A 570 -13.71 25.87 -16.48
C PHE A 570 -15.22 25.80 -16.75
N ASN A 571 -16.03 25.62 -15.72
CA ASN A 571 -17.47 25.68 -15.90
C ASN A 571 -18.08 26.88 -15.20
N ALA A 572 -18.87 27.65 -15.95
CA ALA A 572 -19.66 28.76 -15.41
C ALA A 572 -20.71 28.15 -14.49
N ARG A 573 -21.10 28.86 -13.45
CA ARG A 573 -22.09 28.35 -12.50
C ARG A 573 -22.95 29.52 -12.06
N THR A 574 -24.25 29.31 -11.94
CA THR A 574 -25.11 30.25 -11.26
C THR A 574 -24.79 30.28 -9.77
N ASP A 575 -25.24 31.34 -9.08
CA ASP A 575 -25.15 31.39 -7.63
C ASP A 575 -25.64 30.15 -6.89
N ALA A 576 -26.84 29.68 -7.21
CA ALA A 576 -27.42 28.48 -6.61
C ALA A 576 -26.52 27.29 -6.84
N GLN A 577 -25.97 27.12 -8.05
CA GLN A 577 -25.00 26.05 -8.29
C GLN A 577 -23.74 26.18 -7.45
N LEU A 578 -23.22 27.41 -7.33
CA LEU A 578 -22.00 27.64 -6.51
C LEU A 578 -22.26 27.22 -5.06
N ALA A 579 -23.49 27.42 -4.58
CA ALA A 579 -23.77 27.15 -3.18
C ALA A 579 -23.94 25.65 -2.95
N ASN A 580 -24.01 24.88 -4.03
CA ASN A 580 -24.28 23.45 -3.87
C ASN A 580 -23.03 22.59 -4.04
N VAL A 581 -21.95 23.20 -4.48
CA VAL A 581 -20.73 22.43 -4.76
C VAL A 581 -20.22 21.69 -3.49
N GLU A 582 -20.30 22.37 -2.36
CA GLU A 582 -19.82 21.80 -1.09
C GLU A 582 -20.71 20.67 -0.61
N LYS A 583 -21.90 20.51 -1.21
CA LYS A 583 -22.75 19.33 -0.97
C LYS A 583 -22.28 18.04 -1.71
N GLY A 584 -21.15 18.11 -2.44
CA GLY A 584 -20.54 16.88 -3.04
C GLY A 584 -21.09 16.41 -4.36
N GLY A 585 -22.41 16.54 -4.53
CA GLY A 585 -23.06 16.23 -5.79
C GLY A 585 -24.10 17.31 -5.96
N TYR A 586 -24.23 17.83 -7.17
CA TYR A 586 -25.17 18.90 -7.47
C TYR A 586 -25.46 18.99 -8.95
N VAL A 587 -26.63 19.56 -9.28
CA VAL A 587 -27.02 19.87 -10.65
C VAL A 587 -26.14 21.00 -11.20
N LEU A 588 -25.42 20.68 -12.26
CA LEU A 588 -24.56 21.66 -12.92
C LEU A 588 -25.20 22.24 -14.17
N ARG A 589 -26.04 21.44 -14.80
CA ARG A 589 -26.86 21.92 -15.88
C ARG A 589 -28.15 21.15 -15.84
N ASP A 590 -29.25 21.88 -15.72
CA ASP A 590 -30.55 21.29 -15.53
C ASP A 590 -31.29 21.23 -16.85
N TRP A 591 -32.36 20.43 -16.85
CA TRP A 591 -33.32 20.37 -17.94
C TRP A 591 -34.02 21.67 -18.11
N ASP A 592 -34.36 22.02 -19.35
CA ASP A 592 -35.25 23.16 -19.63
C ASP A 592 -36.62 23.06 -18.94
N GLU A 593 -37.18 24.24 -18.63
CA GLU A 593 -38.34 24.42 -17.75
C GLU A 593 -39.58 23.59 -18.09
N GLU A 594 -39.89 23.48 -19.38
CA GLU A 594 -41.00 22.65 -19.85
C GLU A 594 -40.61 22.03 -21.20
N ILE A 595 -40.32 20.74 -21.18
CA ILE A 595 -39.77 20.04 -22.35
C ILE A 595 -40.56 18.78 -22.67
N VAL A 596 -40.43 18.31 -23.90
CA VAL A 596 -41.08 17.06 -24.31
C VAL A 596 -40.08 15.94 -24.55
N ALA A 597 -38.79 16.29 -24.64
CA ALA A 597 -37.74 15.30 -24.90
C ALA A 597 -37.64 14.29 -23.74
N ARG A 598 -37.27 13.05 -24.06
CA ARG A 598 -36.94 12.05 -23.03
C ARG A 598 -35.69 12.47 -22.19
N LYS A 599 -35.79 12.21 -20.88
CA LYS A 599 -34.87 12.71 -19.87
C LYS A 599 -33.81 11.67 -19.49
N ILE A 600 -32.59 12.14 -19.34
CA ILE A 600 -31.50 11.31 -18.82
C ILE A 600 -30.71 12.20 -17.88
N ILE A 601 -30.11 11.59 -16.88
CA ILE A 601 -29.15 12.29 -16.05
C ILE A 601 -27.76 11.77 -16.34
N LEU A 602 -26.85 12.67 -16.65
CA LEU A 602 -25.45 12.31 -16.71
C LEU A 602 -24.82 12.68 -15.38
N ILE A 603 -24.20 11.69 -14.75
CA ILE A 603 -23.45 11.94 -13.53
C ILE A 603 -21.97 11.89 -13.86
N ALA A 604 -21.25 12.96 -13.57
CA ALA A 604 -19.85 12.98 -13.91
C ALA A 604 -18.98 13.52 -12.78
N THR A 605 -17.70 13.14 -12.80
CA THR A 605 -16.73 13.72 -11.85
C THR A 605 -15.47 14.09 -12.60
N GLY A 606 -14.69 14.98 -11.98
CA GLY A 606 -13.36 15.29 -12.41
C GLY A 606 -13.28 15.72 -13.87
N SER A 607 -12.26 15.18 -14.54
CA SER A 607 -12.07 15.42 -15.97
C SER A 607 -13.23 14.99 -16.84
N GLU A 608 -14.14 14.17 -16.32
CA GLU A 608 -15.26 13.71 -17.14
C GLU A 608 -16.46 14.62 -17.16
N VAL A 609 -16.49 15.61 -16.24
CA VAL A 609 -17.52 16.61 -16.25
C VAL A 609 -17.53 17.37 -17.58
N GLU A 610 -16.34 17.63 -18.13
CA GLU A 610 -16.21 18.29 -19.40
C GLU A 610 -16.84 17.46 -20.54
N LEU A 611 -16.64 16.14 -20.48
CA LEU A 611 -17.26 15.23 -21.42
C LEU A 611 -18.80 15.26 -21.29
N ALA A 612 -19.32 15.30 -20.06
CA ALA A 612 -20.79 15.34 -19.85
C ALA A 612 -21.36 16.62 -20.43
N MET A 613 -20.69 17.75 -20.19
CA MET A 613 -21.20 19.05 -20.69
C MET A 613 -21.15 19.10 -22.23
N LYS A 614 -20.09 18.55 -22.81
CA LYS A 614 -19.96 18.51 -24.28
C LYS A 614 -21.04 17.63 -24.93
N ALA A 615 -21.63 16.70 -24.17
CA ALA A 615 -22.62 15.75 -24.68
C ALA A 615 -24.07 16.24 -24.73
N VAL A 616 -24.34 17.34 -24.04
CA VAL A 616 -25.68 17.85 -23.84
C VAL A 616 -26.36 18.31 -25.16
N GLU A 617 -25.69 19.18 -25.92
CA GLU A 617 -26.28 19.64 -27.19
C GLU A 617 -26.31 18.46 -28.18
N PRO A 618 -25.21 17.70 -28.28
CA PRO A 618 -25.35 16.52 -29.12
C PRO A 618 -26.48 15.59 -28.73
N LEU A 619 -26.76 15.42 -27.43
CA LEU A 619 -27.87 14.58 -26.99
C LEU A 619 -29.23 15.20 -27.42
N ALA A 620 -29.34 16.52 -27.34
CA ALA A 620 -30.58 17.20 -27.65
C ALA A 620 -30.89 17.02 -29.12
N GLN A 621 -29.88 17.15 -29.98
CA GLN A 621 -30.06 16.89 -31.41
C GLN A 621 -30.48 15.42 -31.66
N GLN A 622 -30.27 14.54 -30.69
CA GLN A 622 -30.79 13.18 -30.80
C GLN A 622 -32.11 12.97 -30.04
N GLY A 623 -32.73 14.05 -29.59
CA GLY A 623 -34.02 14.00 -28.87
C GLY A 623 -33.90 13.57 -27.42
N ILE A 624 -32.70 13.72 -26.85
CA ILE A 624 -32.47 13.35 -25.45
C ILE A 624 -32.12 14.60 -24.64
N ALA A 625 -32.87 14.85 -23.58
CA ALA A 625 -32.64 16.01 -22.70
C ALA A 625 -31.83 15.60 -21.49
N ALA A 626 -30.59 16.09 -21.42
CA ALA A 626 -29.66 15.68 -20.32
C ALA A 626 -29.52 16.70 -19.17
N ARG A 627 -29.72 16.24 -17.92
CA ARG A 627 -29.24 16.98 -16.79
C ARG A 627 -27.84 16.46 -16.52
N VAL A 628 -26.92 17.36 -16.22
CA VAL A 628 -25.54 17.01 -15.80
C VAL A 628 -25.44 17.24 -14.30
N VAL A 629 -25.15 16.17 -13.58
CA VAL A 629 -24.89 16.24 -12.16
C VAL A 629 -23.40 16.10 -12.01
N SER A 630 -22.77 17.11 -11.41
CA SER A 630 -21.37 16.95 -11.09
C SER A 630 -21.27 16.42 -9.69
N MET A 631 -20.45 15.39 -9.51
CA MET A 631 -20.27 14.77 -8.21
C MET A 631 -18.80 14.77 -7.73
N PRO A 632 -18.29 15.95 -7.37
CA PRO A 632 -16.90 16.09 -6.89
C PRO A 632 -16.60 15.23 -5.70
N SER A 633 -17.63 14.95 -4.90
CA SER A 633 -17.51 13.98 -3.81
C SER A 633 -18.79 13.22 -3.50
N SER A 634 -18.84 11.96 -3.95
CA SER A 634 -19.94 11.08 -3.66
C SER A 634 -20.05 10.87 -2.18
N ASP A 635 -18.92 10.85 -1.44
CA ASP A 635 -18.97 10.61 0.01
C ASP A 635 -19.69 11.74 0.74
N VAL A 636 -19.37 12.96 0.34
CA VAL A 636 -20.04 14.13 0.94
C VAL A 636 -21.50 14.14 0.43
N PHE A 637 -21.75 13.73 -0.81
CA PHE A 637 -23.12 13.71 -1.34
C PHE A 637 -24.00 12.71 -0.57
N ASP A 638 -23.42 11.58 -0.14
CA ASP A 638 -24.21 10.57 0.57
C ASP A 638 -24.61 11.08 1.97
N ARG A 639 -23.90 12.04 2.53
CA ARG A 639 -24.26 12.61 3.86
C ARG A 639 -25.34 13.65 3.79
N GLN A 640 -25.73 14.06 2.58
CA GLN A 640 -26.81 15.04 2.41
C GLN A 640 -28.17 14.39 2.76
N ASP A 641 -29.15 15.19 3.15
CA ASP A 641 -30.44 14.61 3.53
C ASP A 641 -31.22 14.09 2.32
N ALA A 642 -32.18 13.20 2.60
CA ALA A 642 -32.93 12.51 1.55
C ALA A 642 -33.59 13.48 0.55
N GLU A 643 -34.07 14.61 1.05
CA GLU A 643 -34.79 15.56 0.19
C GLU A 643 -33.85 16.11 -0.89
N TYR A 644 -32.65 16.44 -0.48
CA TYR A 644 -31.64 17.00 -1.38
C TYR A 644 -31.20 15.96 -2.42
N ARG A 645 -30.99 14.72 -1.96
CA ARG A 645 -30.49 13.67 -2.85
C ARG A 645 -31.52 13.33 -3.89
N GLU A 646 -32.78 13.29 -3.48
CA GLU A 646 -33.88 13.12 -4.42
C GLU A 646 -33.98 14.33 -5.41
N ARG A 647 -33.82 15.57 -4.94
CA ARG A 647 -33.81 16.72 -5.83
C ARG A 647 -32.75 16.58 -6.98
N VAL A 648 -31.53 16.17 -6.63
CA VAL A 648 -30.41 16.04 -7.59
C VAL A 648 -30.58 14.82 -8.50
N LEU A 649 -31.02 13.70 -7.92
CA LEU A 649 -31.19 12.45 -8.64
C LEU A 649 -32.63 11.96 -8.46
N PRO A 650 -33.61 12.57 -9.17
CA PRO A 650 -35.02 12.14 -8.96
C PRO A 650 -35.27 10.67 -9.30
N HIS A 651 -35.98 9.99 -8.39
CA HIS A 651 -36.37 8.59 -8.55
C HIS A 651 -36.95 8.38 -9.92
N GLY A 652 -36.49 7.36 -10.62
CA GLY A 652 -37.16 6.98 -11.84
C GLY A 652 -36.80 7.76 -13.09
N VAL A 653 -35.89 8.72 -13.00
CA VAL A 653 -35.23 9.23 -14.20
C VAL A 653 -33.91 8.46 -14.32
N ARG A 654 -33.67 7.87 -15.48
CA ARG A 654 -32.51 7.01 -15.67
C ARG A 654 -31.18 7.77 -15.82
N ARG A 655 -30.07 7.10 -15.51
CA ARG A 655 -28.79 7.78 -15.38
C ARG A 655 -27.69 7.13 -16.19
N VAL A 656 -26.75 7.95 -16.66
CA VAL A 656 -25.48 7.46 -17.16
C VAL A 656 -24.38 8.15 -16.36
N ALA A 657 -23.53 7.38 -15.67
CA ALA A 657 -22.32 7.92 -15.01
C ALA A 657 -21.14 7.97 -15.97
N ILE A 658 -20.34 9.02 -15.85
CA ILE A 658 -19.17 9.17 -16.70
C ILE A 658 -17.97 9.48 -15.81
N GLU A 659 -16.95 8.64 -15.90
CA GLU A 659 -15.76 8.76 -14.98
C GLU A 659 -14.71 7.84 -15.48
N ALA A 660 -13.48 8.35 -15.58
CA ALA A 660 -12.39 7.54 -16.16
C ALA A 660 -11.80 6.64 -15.09
N GLY A 661 -12.62 5.72 -14.59
CA GLY A 661 -12.17 4.68 -13.63
C GLY A 661 -13.18 3.55 -13.71
N VAL A 662 -13.05 2.55 -12.84
CA VAL A 662 -13.95 1.39 -12.88
C VAL A 662 -15.45 1.74 -12.85
N THR A 663 -16.24 0.97 -13.57
CA THR A 663 -17.66 1.27 -13.76
C THR A 663 -18.55 0.79 -12.61
N ASP A 664 -18.28 -0.39 -12.06
CA ASP A 664 -19.11 -1.01 -10.99
C ASP A 664 -19.52 -0.09 -9.81
N PHE A 665 -18.60 0.76 -9.40
CA PHE A 665 -18.92 1.74 -8.33
C PHE A 665 -20.25 2.49 -8.58
N TRP A 666 -20.49 2.92 -9.81
CA TRP A 666 -21.61 3.80 -10.15
C TRP A 666 -22.97 3.15 -10.09
N ARG A 667 -22.97 1.82 -9.99
CA ARG A 667 -24.21 1.06 -9.94
C ARG A 667 -25.05 1.46 -8.73
N LYS A 668 -24.39 1.91 -7.66
CA LYS A 668 -25.13 2.51 -6.53
C LYS A 668 -25.92 3.78 -6.85
N TYR A 669 -25.56 4.50 -7.93
CA TYR A 669 -26.38 5.63 -8.37
C TYR A 669 -27.17 5.41 -9.67
N VAL A 670 -26.67 4.52 -10.54
CA VAL A 670 -27.32 4.35 -11.84
C VAL A 670 -28.15 3.06 -11.92
N GLY A 671 -27.95 2.15 -10.98
CA GLY A 671 -28.74 0.92 -10.88
C GLY A 671 -28.36 -0.07 -11.96
N LEU A 672 -29.03 -1.21 -11.95
CA LEU A 672 -28.80 -2.28 -12.95
C LEU A 672 -29.16 -1.85 -14.37
N GLU A 673 -30.20 -1.03 -14.50
CA GLU A 673 -30.67 -0.54 -15.79
C GLU A 673 -29.92 0.71 -16.29
N GLY A 674 -29.16 1.36 -15.40
CA GLY A 674 -28.42 2.56 -15.81
C GLY A 674 -27.22 2.28 -16.68
N GLY A 675 -26.51 3.35 -17.03
CA GLY A 675 -25.31 3.22 -17.86
C GLY A 675 -24.09 3.83 -17.21
N VAL A 676 -22.91 3.39 -17.67
CA VAL A 676 -21.62 3.94 -17.19
C VAL A 676 -20.65 4.00 -18.36
N VAL A 677 -20.11 5.19 -18.59
CA VAL A 677 -18.95 5.40 -19.48
C VAL A 677 -17.67 5.41 -18.59
N GLY A 678 -16.90 4.34 -18.62
CA GLY A 678 -15.73 4.20 -17.73
C GLY A 678 -14.66 3.29 -18.32
N ILE A 679 -13.79 2.76 -17.47
CA ILE A 679 -12.71 1.91 -17.95
C ILE A 679 -12.54 0.82 -16.89
N ASP A 680 -12.59 -0.43 -17.35
CA ASP A 680 -12.57 -1.58 -16.45
C ASP A 680 -11.37 -2.45 -16.71
N THR A 681 -10.44 -1.93 -17.52
CA THR A 681 -9.15 -2.57 -17.85
C THR A 681 -8.07 -1.61 -17.40
N PHE A 682 -6.81 -2.05 -17.48
CA PHE A 682 -5.69 -1.15 -17.28
C PHE A 682 -5.55 -0.24 -18.49
N GLY A 683 -4.70 0.78 -18.39
CA GLY A 683 -4.57 1.75 -19.47
C GLY A 683 -3.56 1.28 -20.51
N GLU A 684 -2.98 2.22 -21.24
CA GLU A 684 -1.95 1.94 -22.23
C GLU A 684 -1.00 3.11 -22.21
N SER A 685 0.21 2.92 -22.76
CA SER A 685 1.17 4.04 -22.92
C SER A 685 0.96 4.79 -24.24
N ALA A 686 0.31 5.96 -24.14
CA ALA A 686 0.06 6.84 -25.30
C ALA A 686 -0.35 8.24 -24.86
N PRO A 687 -0.33 9.23 -25.78
CA PRO A 687 -0.85 10.52 -25.32
C PRO A 687 -2.29 10.38 -24.79
N ALA A 688 -2.67 11.33 -23.93
CA ALA A 688 -3.92 11.37 -23.23
C ALA A 688 -5.11 11.48 -24.22
N GLY A 689 -4.99 12.36 -25.23
CA GLY A 689 -6.07 12.52 -26.22
C GLY A 689 -6.29 11.22 -27.01
N VAL A 690 -5.19 10.56 -27.36
CA VAL A 690 -5.27 9.24 -28.04
C VAL A 690 -5.95 8.21 -27.12
N LEU A 691 -5.62 8.24 -25.83
CA LEU A 691 -6.16 7.24 -24.89
C LEU A 691 -7.67 7.42 -24.63
N PHE A 692 -8.05 8.67 -24.41
CA PHE A 692 -9.44 8.99 -24.19
C PHE A 692 -10.33 8.52 -25.37
N LYS A 693 -9.89 8.72 -26.62
CA LYS A 693 -10.68 8.24 -27.78
C LYS A 693 -10.63 6.71 -27.79
N HIS A 694 -9.44 6.17 -27.66
CA HIS A 694 -9.24 4.70 -27.61
C HIS A 694 -10.15 4.02 -26.60
N PHE A 695 -10.33 4.65 -25.43
CA PHE A 695 -11.06 3.98 -24.35
C PHE A 695 -12.53 4.39 -24.30
N GLY A 696 -12.98 5.13 -25.30
CA GLY A 696 -14.41 5.38 -25.51
C GLY A 696 -14.91 6.59 -24.72
N PHE A 697 -14.00 7.47 -24.31
CA PHE A 697 -14.43 8.69 -23.62
C PHE A 697 -14.78 9.75 -24.64
N THR A 698 -15.94 9.57 -25.28
CA THR A 698 -16.36 10.37 -26.42
C THR A 698 -17.84 10.68 -26.38
N VAL A 699 -18.21 11.74 -27.05
CA VAL A 699 -19.61 12.11 -27.05
C VAL A 699 -20.42 10.97 -27.66
N GLU A 700 -19.88 10.39 -28.74
CA GLU A 700 -20.58 9.39 -29.48
C GLU A 700 -20.90 8.21 -28.59
N HIS A 701 -19.92 7.78 -27.79
CA HIS A 701 -20.15 6.70 -26.83
C HIS A 701 -21.10 7.07 -25.72
N VAL A 702 -21.04 8.34 -25.26
CA VAL A 702 -22.06 8.82 -24.31
C VAL A 702 -23.45 8.67 -24.94
N ILE A 703 -23.61 9.11 -26.20
CA ILE A 703 -24.93 9.07 -26.86
C ILE A 703 -25.41 7.64 -27.02
N GLU A 704 -24.54 6.76 -27.54
CA GLU A 704 -24.88 5.32 -27.60
C GLU A 704 -25.40 4.81 -26.26
N THR A 705 -24.64 5.07 -25.18
CA THR A 705 -24.99 4.55 -23.85
C THR A 705 -26.34 5.07 -23.41
N ALA A 706 -26.57 6.37 -23.58
CA ALA A 706 -27.83 7.00 -23.18
C ALA A 706 -29.04 6.40 -23.92
N LYS A 707 -28.91 6.15 -25.22
CA LYS A 707 -30.00 5.56 -26.01
C LYS A 707 -30.27 4.13 -25.57
N ALA A 708 -29.20 3.36 -25.33
CA ALA A 708 -29.35 1.98 -24.86
C ALA A 708 -29.99 1.94 -23.48
N VAL A 709 -29.61 2.87 -22.60
CA VAL A 709 -30.29 3.00 -21.29
C VAL A 709 -31.76 3.43 -21.42
N LEU A 710 -32.05 4.32 -22.36
CA LEU A 710 -33.43 4.80 -22.52
C LEU A 710 -34.37 3.85 -23.26
N ALA A 711 -33.82 2.79 -23.86
CA ALA A 711 -34.57 1.80 -24.66
C ALA A 711 -35.57 0.98 -23.83
N ALA B 43 35.56 -0.48 -32.86
CA ALA B 43 34.39 0.30 -32.34
C ALA B 43 34.40 0.35 -30.80
N SER B 44 34.83 1.49 -30.27
CA SER B 44 35.13 1.68 -28.86
C SER B 44 33.91 1.62 -27.94
N THR B 45 34.16 1.36 -26.66
CA THR B 45 33.06 1.35 -25.67
C THR B 45 32.38 2.73 -25.53
N THR B 46 33.12 3.83 -25.70
CA THR B 46 32.52 5.17 -25.76
C THR B 46 31.45 5.24 -26.84
N LEU B 47 31.79 4.69 -28.00
CA LEU B 47 30.89 4.64 -29.13
C LEU B 47 29.67 3.78 -28.82
N MET B 48 29.89 2.67 -28.10
CA MET B 48 28.82 1.75 -27.67
C MET B 48 27.89 2.38 -26.62
N ALA B 49 28.49 3.05 -25.65
CA ALA B 49 27.73 3.79 -24.63
C ALA B 49 26.96 4.96 -25.27
N ASN B 50 27.64 5.70 -26.13
CA ASN B 50 27.04 6.85 -26.79
C ASN B 50 25.83 6.45 -27.61
N ALA B 51 25.81 5.19 -28.03
CA ALA B 51 24.74 4.66 -28.86
C ALA B 51 23.46 4.65 -28.05
N ILE B 52 23.58 4.17 -26.83
CA ILE B 52 22.48 4.23 -25.89
C ILE B 52 22.01 5.68 -25.71
N ARG B 53 22.96 6.61 -25.54
CA ARG B 53 22.67 8.05 -25.34
C ARG B 53 21.84 8.60 -26.47
N ALA B 54 22.20 8.26 -27.72
CA ALA B 54 21.56 8.83 -28.90
C ALA B 54 20.11 8.33 -29.05
N LEU B 55 19.91 7.01 -28.93
CA LEU B 55 18.59 6.41 -28.97
C LEU B 55 17.67 6.93 -27.83
N ALA B 56 18.18 6.92 -26.59
CA ALA B 56 17.39 7.47 -25.47
C ALA B 56 16.97 8.92 -25.70
N MET B 57 17.91 9.81 -26.02
CA MET B 57 17.56 11.21 -26.24
C MET B 57 16.66 11.46 -27.44
N ASP B 58 16.92 10.76 -28.56
CA ASP B 58 16.12 10.90 -29.78
C ASP B 58 14.72 10.27 -29.62
N ALA B 59 14.63 9.13 -28.96
CA ALA B 59 13.26 8.54 -28.76
C ALA B 59 12.44 9.39 -27.77
N VAL B 60 13.09 9.94 -26.78
CA VAL B 60 12.36 10.85 -25.88
C VAL B 60 11.90 12.09 -26.66
N GLN B 61 12.76 12.59 -27.57
CA GLN B 61 12.40 13.85 -28.23
C GLN B 61 11.25 13.62 -29.20
N GLN B 62 11.31 12.47 -29.86
CA GLN B 62 10.34 12.05 -30.84
C GLN B 62 8.96 11.95 -30.21
N ALA B 63 8.90 11.31 -29.03
CA ALA B 63 7.67 11.12 -28.31
C ALA B 63 7.32 12.40 -27.57
N ASN B 64 8.26 13.33 -27.50
CA ASN B 64 8.13 14.53 -26.67
C ASN B 64 7.62 14.22 -25.24
N SER B 65 8.18 13.16 -24.64
CA SER B 65 7.74 12.56 -23.39
C SER B 65 8.73 11.50 -22.93
N GLY B 66 8.93 11.39 -21.62
CA GLY B 66 9.81 10.37 -21.08
C GLY B 66 11.07 10.87 -20.38
N HIS B 67 12.03 9.96 -20.17
CA HIS B 67 13.09 10.12 -19.18
C HIS B 67 14.42 9.83 -19.80
N PRO B 68 15.11 10.89 -20.26
CA PRO B 68 16.40 10.70 -20.93
C PRO B 68 17.57 10.64 -19.95
N GLY B 69 17.38 11.19 -18.74
CA GLY B 69 18.51 11.41 -17.85
C GLY B 69 19.16 10.15 -17.30
N MET B 70 18.33 9.19 -16.96
CA MET B 70 18.85 7.95 -16.39
C MET B 70 19.53 7.13 -17.50
N PRO B 71 18.84 6.94 -18.65
CA PRO B 71 19.58 6.14 -19.69
C PRO B 71 20.99 6.69 -20.09
N MET B 72 21.14 8.02 -20.17
CA MET B 72 22.44 8.65 -20.40
C MET B 72 23.40 8.49 -19.19
N GLY B 73 22.88 8.59 -17.96
CA GLY B 73 23.68 8.40 -16.76
C GLY B 73 24.22 6.99 -16.62
N MET B 74 23.45 6.03 -17.08
CA MET B 74 23.73 4.64 -16.86
C MET B 74 24.34 3.95 -18.07
N ALA B 75 24.66 4.73 -19.10
CA ALA B 75 25.11 4.13 -20.36
C ALA B 75 26.27 3.16 -20.23
N GLU B 76 27.30 3.58 -19.50
CA GLU B 76 28.49 2.78 -19.32
C GLU B 76 28.20 1.57 -18.48
N ILE B 77 27.41 1.73 -17.42
CA ILE B 77 26.92 0.56 -16.66
C ILE B 77 26.28 -0.45 -17.60
N GLY B 78 25.44 0.06 -18.52
CA GLY B 78 24.90 -0.78 -19.57
C GLY B 78 25.95 -1.54 -20.39
N VAL B 79 26.91 -0.82 -20.93
CA VAL B 79 28.02 -1.49 -21.61
C VAL B 79 28.67 -2.55 -20.71
N ALA B 80 29.09 -2.14 -19.53
CA ALA B 80 29.74 -3.05 -18.58
C ALA B 80 28.97 -4.34 -18.36
N LEU B 81 27.69 -4.24 -17.97
CA LEU B 81 26.91 -5.44 -17.65
C LEU B 81 26.57 -6.23 -18.90
N TRP B 82 25.93 -5.55 -19.84
CA TRP B 82 25.36 -6.25 -20.98
C TRP B 82 26.40 -6.76 -21.93
N SER B 83 27.39 -5.93 -22.25
CA SER B 83 28.45 -6.31 -23.17
C SER B 83 29.39 -7.38 -22.59
N ARG B 84 29.73 -7.28 -21.30
CA ARG B 84 30.83 -8.08 -20.78
C ARG B 84 30.50 -9.14 -19.74
N HIS B 85 29.22 -9.29 -19.39
CA HIS B 85 28.86 -10.16 -18.26
C HIS B 85 27.57 -10.88 -18.36
N LEU B 86 26.59 -10.26 -19.00
CA LEU B 86 25.26 -10.82 -18.97
C LEU B 86 25.24 -12.13 -19.78
N LYS B 87 24.79 -13.21 -19.16
CA LYS B 87 24.65 -14.47 -19.89
C LYS B 87 23.24 -14.56 -20.44
N HIS B 88 23.10 -14.35 -21.75
CA HIS B 88 21.76 -14.27 -22.39
C HIS B 88 21.77 -14.58 -23.86
N ASN B 89 20.59 -14.94 -24.38
CA ASN B 89 20.45 -15.20 -25.79
C ASN B 89 19.30 -14.42 -26.42
N PRO B 90 19.63 -13.34 -27.14
CA PRO B 90 18.67 -12.53 -27.85
C PRO B 90 17.64 -13.35 -28.64
N THR B 91 18.07 -14.45 -29.30
CA THR B 91 17.16 -15.28 -30.11
C THR B 91 16.13 -16.08 -29.29
N ASN B 92 16.50 -16.41 -28.07
CA ASN B 92 15.57 -17.05 -27.16
C ASN B 92 15.57 -16.36 -25.78
N PRO B 93 14.70 -15.34 -25.60
CA PRO B 93 14.60 -14.67 -24.30
C PRO B 93 13.89 -15.54 -23.24
N HIS B 94 13.35 -16.70 -23.63
CA HIS B 94 12.79 -17.68 -22.66
C HIS B 94 13.75 -18.80 -22.25
N TRP B 95 14.94 -18.81 -22.81
CA TRP B 95 15.98 -19.73 -22.35
C TRP B 95 16.06 -19.81 -20.83
N ALA B 96 15.74 -20.98 -20.29
CA ALA B 96 15.64 -21.27 -18.85
C ALA B 96 16.80 -20.79 -17.99
N ASP B 97 18.02 -20.93 -18.48
CA ASP B 97 19.18 -20.70 -17.61
C ASP B 97 19.85 -19.36 -17.88
N ARG B 98 19.13 -18.48 -18.56
CA ARG B 98 19.61 -17.11 -18.77
C ARG B 98 19.73 -16.41 -17.42
N ASP B 99 20.75 -15.55 -17.30
CA ASP B 99 20.73 -14.51 -16.27
C ASP B 99 19.38 -13.77 -16.42
N ARG B 100 18.85 -13.30 -15.29
CA ARG B 100 17.66 -12.41 -15.29
C ARG B 100 18.10 -10.98 -15.01
N PHE B 101 17.71 -10.05 -15.86
CA PHE B 101 18.00 -8.64 -15.63
C PHE B 101 16.70 -7.94 -15.30
N VAL B 102 16.74 -7.02 -14.34
CA VAL B 102 15.57 -6.22 -13.94
C VAL B 102 15.93 -4.75 -13.84
N LEU B 103 15.15 -3.93 -14.54
CA LEU B 103 15.28 -2.50 -14.54
C LEU B 103 14.31 -1.96 -13.48
N SER B 104 14.75 -1.95 -12.23
CA SER B 104 13.85 -1.52 -11.17
C SER B 104 13.54 -0.02 -11.27
N ASN B 105 14.51 0.79 -11.67
CA ASN B 105 14.24 2.23 -11.98
C ASN B 105 13.60 2.35 -13.37
N GLY B 106 12.35 1.87 -13.48
CA GLY B 106 11.70 1.59 -14.77
C GLY B 106 11.43 2.76 -15.72
N HIS B 107 11.39 3.97 -15.18
CA HIS B 107 11.17 5.17 -16.00
C HIS B 107 12.26 5.32 -17.05
N GLY B 108 13.49 4.88 -16.74
CA GLY B 108 14.59 4.96 -17.69
C GLY B 108 14.53 3.85 -18.75
N SER B 109 13.34 3.66 -19.32
CA SER B 109 13.06 2.46 -20.04
C SER B 109 13.80 2.43 -21.40
N MET B 110 14.12 3.61 -21.95
CA MET B 110 14.91 3.64 -23.18
C MET B 110 16.30 3.00 -22.95
N LEU B 111 16.76 2.92 -21.70
CA LEU B 111 18.03 2.20 -21.43
C LEU B 111 17.83 0.75 -21.87
N LEU B 112 16.78 0.12 -21.35
CA LEU B 112 16.49 -1.26 -21.68
C LEU B 112 16.17 -1.43 -23.17
N TYR B 113 15.28 -0.59 -23.70
CA TYR B 113 14.97 -0.71 -25.14
C TYR B 113 16.20 -0.58 -26.01
N SER B 114 17.11 0.34 -25.68
CA SER B 114 18.36 0.44 -26.43
C SER B 114 19.18 -0.86 -26.32
N LEU B 115 19.30 -1.37 -25.11
CA LEU B 115 20.06 -2.59 -24.88
C LEU B 115 19.44 -3.76 -25.59
N LEU B 116 18.12 -3.93 -25.50
CA LEU B 116 17.44 -5.00 -26.21
C LEU B 116 17.68 -4.88 -27.71
N HIS B 117 17.55 -3.66 -28.22
CA HIS B 117 17.70 -3.45 -29.64
C HIS B 117 19.12 -3.63 -30.06
N LEU B 118 20.05 -3.04 -29.32
CA LEU B 118 21.45 -3.07 -29.74
C LEU B 118 22.01 -4.48 -29.74
N THR B 119 21.59 -5.30 -28.76
CA THR B 119 22.19 -6.64 -28.61
C THR B 119 21.55 -7.70 -29.51
N GLY B 120 20.48 -7.32 -30.21
CA GLY B 120 19.92 -8.17 -31.25
C GLY B 120 18.64 -8.90 -30.88
N TYR B 121 17.91 -8.40 -29.89
CA TYR B 121 16.60 -8.97 -29.54
C TYR B 121 15.63 -8.57 -30.63
N ASP B 122 14.47 -9.19 -30.67
CA ASP B 122 13.48 -8.86 -31.69
C ASP B 122 12.73 -7.58 -31.33
N LEU B 123 13.46 -6.45 -31.32
CA LEU B 123 12.88 -5.13 -31.09
C LEU B 123 13.42 -4.19 -32.17
N PRO B 124 12.74 -4.14 -33.33
CA PRO B 124 13.25 -3.34 -34.44
C PRO B 124 13.24 -1.81 -34.16
N ILE B 125 14.01 -1.09 -34.94
CA ILE B 125 14.20 0.34 -34.77
C ILE B 125 12.88 1.10 -34.91
N GLU B 126 12.01 0.65 -35.82
CA GLU B 126 10.63 1.18 -35.92
C GLU B 126 9.97 1.36 -34.52
N GLU B 127 10.12 0.37 -33.64
CA GLU B 127 9.52 0.39 -32.29
C GLU B 127 10.09 1.47 -31.39
N LEU B 128 11.42 1.60 -31.34
CA LEU B 128 12.02 2.69 -30.57
C LEU B 128 11.56 4.05 -31.10
N LYS B 129 11.40 4.17 -32.41
CA LYS B 129 10.74 5.36 -33.01
C LYS B 129 9.31 5.58 -32.50
N ASN B 130 8.61 4.49 -32.15
CA ASN B 130 7.26 4.61 -31.59
C ASN B 130 7.16 4.59 -30.06
N PHE B 131 8.25 4.94 -29.42
CA PHE B 131 8.30 5.10 -27.95
C PHE B 131 7.10 5.84 -27.47
N ARG B 132 6.37 5.22 -26.53
CA ARG B 132 5.32 5.89 -25.79
C ARG B 132 4.09 6.16 -26.68
N GLN B 133 4.00 5.47 -27.81
CA GLN B 133 2.83 5.52 -28.69
C GLN B 133 1.92 4.29 -28.53
N LEU B 134 0.64 4.47 -28.81
CA LEU B 134 -0.36 3.44 -28.60
C LEU B 134 0.04 2.18 -29.38
N HIS B 135 0.04 1.05 -28.68
CA HIS B 135 0.29 -0.27 -29.26
C HIS B 135 1.70 -0.52 -29.62
N SER B 136 2.64 0.36 -29.27
CA SER B 136 4.03 0.06 -29.60
C SER B 136 4.57 -0.96 -28.59
N LYS B 137 5.65 -1.63 -28.98
CA LYS B 137 6.38 -2.52 -28.07
C LYS B 137 7.35 -1.74 -27.15
N THR B 138 7.16 -0.44 -27.04
CA THR B 138 8.04 0.40 -26.26
C THR B 138 7.27 1.34 -25.32
N PRO B 139 6.41 0.78 -24.41
CA PRO B 139 5.67 1.67 -23.47
C PRO B 139 6.58 2.52 -22.60
N GLY B 140 6.05 3.61 -22.01
CA GLY B 140 6.87 4.53 -21.21
C GLY B 140 7.66 3.86 -20.08
N HIS B 141 7.05 2.86 -19.47
CA HIS B 141 7.67 1.99 -18.49
C HIS B 141 7.63 0.56 -19.02
N PRO B 142 8.68 -0.24 -18.78
CA PRO B 142 8.73 -1.53 -19.47
C PRO B 142 7.65 -2.49 -18.98
N GLU B 143 7.12 -3.29 -19.89
CA GLU B 143 5.98 -4.15 -19.57
C GLU B 143 6.26 -5.60 -19.92
N TYR B 144 6.20 -6.49 -18.95
CA TYR B 144 6.34 -7.91 -19.23
C TYR B 144 5.21 -8.40 -20.17
N GLY B 145 5.57 -9.30 -21.09
CA GLY B 145 4.61 -9.87 -22.03
C GLY B 145 4.37 -9.00 -23.25
N ILE B 146 4.79 -7.75 -23.20
CA ILE B 146 4.63 -6.85 -24.35
C ILE B 146 5.90 -6.81 -25.20
N THR B 147 7.05 -6.91 -24.54
CA THR B 147 8.31 -6.64 -25.21
C THR B 147 9.25 -7.78 -24.91
N PRO B 148 9.89 -8.35 -25.95
CA PRO B 148 10.79 -9.47 -25.72
C PRO B 148 11.98 -9.05 -24.89
N GLY B 149 12.39 -9.91 -23.98
CA GLY B 149 13.51 -9.63 -23.07
C GLY B 149 13.12 -8.79 -21.87
N VAL B 150 11.89 -8.29 -21.81
CA VAL B 150 11.45 -7.56 -20.63
C VAL B 150 10.93 -8.58 -19.62
N GLU B 151 11.63 -8.70 -18.49
CA GLU B 151 11.45 -9.80 -17.55
C GLU B 151 10.35 -9.62 -16.53
N THR B 152 10.05 -8.35 -16.24
CA THR B 152 9.02 -7.95 -15.28
C THR B 152 8.51 -6.57 -15.65
N THR B 153 7.43 -6.15 -15.02
CA THR B 153 6.89 -4.85 -15.31
C THR B 153 7.22 -3.86 -14.21
N THR B 154 7.94 -2.80 -14.58
CA THR B 154 8.35 -1.81 -13.58
C THR B 154 7.80 -0.41 -13.84
N GLY B 155 8.14 0.54 -12.96
CA GLY B 155 7.51 1.85 -12.98
C GLY B 155 7.07 2.30 -11.60
N PRO B 156 6.33 1.46 -10.89
CA PRO B 156 6.20 1.71 -9.44
C PRO B 156 7.56 1.45 -8.74
N LEU B 157 8.16 2.45 -8.11
CA LEU B 157 9.51 2.30 -7.59
C LEU B 157 9.65 1.21 -6.49
N GLY B 158 10.86 0.65 -6.38
CA GLY B 158 11.17 -0.36 -5.37
C GLY B 158 10.77 -1.81 -5.70
N GLN B 159 9.69 -1.98 -6.46
CA GLN B 159 9.16 -3.33 -6.73
C GLN B 159 10.02 -4.17 -7.66
N GLY B 160 10.65 -3.54 -8.64
CA GLY B 160 11.56 -4.30 -9.53
C GLY B 160 12.64 -5.00 -8.70
N LEU B 161 13.16 -4.27 -7.71
CA LEU B 161 14.17 -4.81 -6.82
C LEU B 161 13.59 -6.01 -6.05
N ALA B 162 12.35 -5.90 -5.59
CA ALA B 162 11.78 -7.02 -4.85
C ALA B 162 11.49 -8.22 -5.79
N ASN B 163 11.02 -7.91 -7.00
CA ASN B 163 10.88 -8.94 -8.03
C ASN B 163 12.21 -9.68 -8.21
N ALA B 164 13.29 -8.92 -8.38
CA ALA B 164 14.61 -9.52 -8.56
C ALA B 164 15.03 -10.42 -7.39
N VAL B 165 14.78 -10.01 -6.15
CA VAL B 165 15.00 -10.91 -5.01
C VAL B 165 14.26 -12.25 -5.15
N GLY B 166 12.99 -12.17 -5.58
CA GLY B 166 12.20 -13.35 -5.86
C GLY B 166 12.79 -14.24 -6.95
N MET B 167 13.32 -13.63 -7.99
CA MET B 167 13.97 -14.39 -9.06
C MET B 167 15.25 -15.03 -8.59
N ALA B 168 15.98 -14.35 -7.70
CA ALA B 168 17.22 -14.92 -7.16
C ALA B 168 16.85 -16.06 -6.25
N LEU B 169 15.75 -15.91 -5.51
CA LEU B 169 15.29 -16.97 -4.65
C LEU B 169 14.90 -18.18 -5.48
N GLY B 170 14.21 -17.95 -6.61
CA GLY B 170 13.82 -19.04 -7.53
C GLY B 170 15.02 -19.80 -8.05
N GLU B 171 16.00 -19.10 -8.62
CA GLU B 171 17.26 -19.71 -9.07
C GLU B 171 17.99 -20.49 -7.98
N ALA B 172 18.09 -19.91 -6.79
CA ALA B 172 18.76 -20.61 -5.68
C ALA B 172 18.00 -21.86 -5.23
N LEU B 173 16.67 -21.78 -5.26
CA LEU B 173 15.85 -22.87 -4.78
C LEU B 173 15.88 -24.03 -5.78
N LEU B 174 15.72 -23.70 -7.07
CA LEU B 174 15.76 -24.67 -8.15
C LEU B 174 17.07 -25.41 -8.19
N ALA B 175 18.19 -24.66 -8.14
CA ALA B 175 19.54 -25.20 -8.06
C ALA B 175 19.68 -26.23 -6.95
N ALA B 176 19.29 -25.85 -5.74
CA ALA B 176 19.38 -26.72 -4.59
C ALA B 176 18.56 -27.97 -4.89
N GLU B 177 17.46 -27.77 -5.61
CA GLU B 177 16.56 -28.86 -5.97
C GLU B 177 17.08 -29.73 -7.15
N PHE B 178 17.48 -29.11 -8.25
CA PHE B 178 17.74 -29.84 -9.51
C PHE B 178 19.20 -30.19 -9.83
N ASN B 179 20.16 -29.44 -9.29
CA ASN B 179 21.54 -29.77 -9.53
C ASN B 179 21.92 -31.11 -8.87
N ARG B 180 22.91 -31.80 -9.46
CA ARG B 180 23.49 -33.01 -8.86
C ARG B 180 24.99 -32.89 -8.90
N ASP B 181 25.65 -33.45 -7.88
CA ASP B 181 27.12 -33.46 -7.81
C ASP B 181 27.79 -33.79 -9.17
N ASP B 182 27.14 -34.61 -10.01
CA ASP B 182 27.69 -34.98 -11.32
C ASP B 182 26.96 -34.42 -12.57
N ALA B 183 26.15 -33.37 -12.39
CA ALA B 183 25.39 -32.70 -13.50
C ALA B 183 24.57 -31.46 -13.04
N LYS B 184 25.04 -30.27 -13.41
CA LYS B 184 24.35 -29.01 -13.09
C LYS B 184 23.54 -28.45 -14.26
N ILE B 185 22.25 -28.16 -14.04
CA ILE B 185 21.47 -27.46 -15.06
C ILE B 185 20.94 -26.06 -14.66
N VAL B 186 21.13 -25.68 -13.39
CA VAL B 186 20.67 -24.37 -12.90
C VAL B 186 21.84 -23.58 -12.35
N ASP B 187 22.19 -22.51 -13.06
CA ASP B 187 23.26 -21.63 -12.64
C ASP B 187 23.15 -20.28 -13.38
N HIS B 188 22.48 -19.30 -12.78
CA HIS B 188 22.48 -17.96 -13.37
C HIS B 188 22.37 -16.89 -12.35
N HIS B 189 22.81 -15.69 -12.72
CA HIS B 189 22.73 -14.56 -11.78
C HIS B 189 21.51 -13.73 -12.03
N THR B 190 21.19 -12.88 -11.05
CA THR B 190 20.07 -11.96 -11.17
C THR B 190 20.60 -10.58 -10.92
N TYR B 191 20.53 -9.76 -11.96
CA TYR B 191 21.03 -8.41 -11.98
C TYR B 191 19.86 -7.46 -11.91
N VAL B 192 20.02 -6.36 -11.17
CA VAL B 192 18.98 -5.35 -11.07
C VAL B 192 19.62 -3.97 -11.01
N PHE B 193 19.18 -3.08 -11.91
CA PHE B 193 19.56 -1.65 -11.87
C PHE B 193 18.59 -0.89 -10.97
N LEU B 194 19.11 0.05 -10.21
CA LEU B 194 18.23 0.84 -9.33
C LEU B 194 18.80 2.19 -9.06
N GLY B 195 17.93 3.11 -8.66
CA GLY B 195 18.36 4.46 -8.37
C GLY B 195 17.96 4.85 -6.97
N ASP B 196 18.09 6.14 -6.65
CA ASP B 196 17.85 6.63 -5.28
C ASP B 196 16.40 6.42 -4.83
N GLY B 197 15.45 6.62 -5.78
CA GLY B 197 14.04 6.36 -5.57
C GLY B 197 13.77 4.98 -5.00
N OCS B 198 14.26 3.94 -5.68
CA OCS B 198 14.08 2.59 -5.19
CB OCS B 198 14.88 1.59 -6.03
SG OCS B 198 14.42 1.61 -7.63
C OCS B 198 14.64 2.41 -3.79
O OCS B 198 14.07 1.68 -2.97
OD1 OCS B 198 14.72 2.91 -8.28
OD2 OCS B 198 12.86 1.25 -7.79
OD3 OCS B 198 15.17 0.58 -8.30
N LEU B 199 15.79 3.03 -3.53
CA LEU B 199 16.47 2.88 -2.24
C LEU B 199 15.74 3.61 -1.08
N MET B 200 14.94 4.65 -1.40
CA MET B 200 14.20 5.34 -0.34
C MET B 200 12.94 4.55 -0.02
N GLU B 201 12.44 3.82 -1.00
CA GLU B 201 11.16 3.12 -0.78
C GLU B 201 11.32 2.02 0.25
N GLY B 202 10.34 1.89 1.14
CA GLY B 202 10.38 0.92 2.23
C GLY B 202 10.56 -0.49 1.71
N ILE B 203 9.98 -0.75 0.55
CA ILE B 203 10.08 -2.08 -0.03
C ILE B 203 11.53 -2.50 -0.32
N SER B 204 12.46 -1.55 -0.55
CA SER B 204 13.88 -1.90 -0.71
C SER B 204 14.44 -2.52 0.56
N HIS B 205 14.12 -1.90 1.69
CA HIS B 205 14.41 -2.44 2.96
C HIS B 205 13.88 -3.85 3.17
N GLU B 206 12.61 -4.10 2.87
CA GLU B 206 12.03 -5.41 3.09
C GLU B 206 12.74 -6.46 2.25
N ALA B 207 12.97 -6.15 0.99
CA ALA B 207 13.53 -7.12 0.05
C ALA B 207 15.01 -7.38 0.28
N CYS B 208 15.75 -6.33 0.55
CA CYS B 208 17.19 -6.48 0.73
C CYS B 208 17.55 -7.11 2.09
N SER B 209 16.81 -6.79 3.15
CA SER B 209 16.95 -7.48 4.44
C SER B 209 16.75 -9.00 4.28
N LEU B 210 15.62 -9.39 3.71
CA LEU B 210 15.36 -10.80 3.45
C LEU B 210 16.42 -11.48 2.57
N ALA B 211 16.81 -10.84 1.48
CA ALA B 211 17.83 -11.37 0.56
C ALA B 211 19.17 -11.58 1.29
N GLY B 212 19.48 -10.67 2.22
CA GLY B 212 20.68 -10.76 3.04
C GLY B 212 20.58 -11.91 4.02
N THR B 213 19.43 -12.10 4.63
CA THR B 213 19.25 -13.19 5.62
C THR B 213 19.27 -14.54 4.89
N LEU B 214 18.79 -14.56 3.65
CA LEU B 214 18.77 -15.78 2.85
C LEU B 214 20.03 -16.02 2.03
N LYS B 215 21.04 -15.16 2.19
CA LYS B 215 22.35 -15.33 1.55
C LYS B 215 22.27 -15.53 0.02
N LEU B 216 21.41 -14.75 -0.63
CA LEU B 216 21.22 -14.86 -2.07
C LEU B 216 22.37 -14.24 -2.83
N ASN B 217 23.49 -14.93 -2.86
CA ASN B 217 24.72 -14.33 -3.34
C ASN B 217 24.86 -14.16 -4.85
N LYS B 218 23.94 -14.72 -5.65
CA LYS B 218 23.98 -14.48 -7.11
C LYS B 218 23.14 -13.27 -7.53
N LEU B 219 22.53 -12.60 -6.56
CA LEU B 219 21.84 -11.34 -6.80
C LEU B 219 22.86 -10.22 -6.82
N ILE B 220 22.88 -9.45 -7.89
CA ILE B 220 23.84 -8.37 -8.03
C ILE B 220 23.14 -7.07 -8.41
N ALA B 221 23.14 -6.11 -7.49
CA ALA B 221 22.47 -4.81 -7.71
C ALA B 221 23.47 -3.74 -8.12
N LEU B 222 23.16 -3.01 -9.19
CA LEU B 222 23.96 -1.86 -9.55
C LEU B 222 23.18 -0.57 -9.32
N TYR B 223 23.77 0.34 -8.55
CA TYR B 223 23.07 1.52 -8.07
C TYR B 223 23.53 2.74 -8.86
N ASP B 224 22.57 3.39 -9.52
CA ASP B 224 22.76 4.66 -10.21
C ASP B 224 22.95 5.77 -9.18
N ASP B 225 24.18 5.88 -8.68
CA ASP B 225 24.45 6.72 -7.54
C ASP B 225 24.83 8.13 -7.99
N ASN B 226 23.84 9.01 -8.10
CA ASN B 226 24.09 10.28 -8.83
C ASN B 226 23.77 11.55 -8.08
N GLY B 227 23.51 11.44 -6.78
CA GLY B 227 23.16 12.61 -5.95
C GLY B 227 21.81 13.27 -6.23
N ILE B 228 21.01 12.66 -7.11
CA ILE B 228 19.78 13.28 -7.60
C ILE B 228 18.53 12.38 -7.46
N SER B 229 17.42 12.98 -7.01
CA SER B 229 16.10 12.41 -7.30
C SER B 229 15.23 13.49 -7.94
N ILE B 230 13.94 13.23 -8.10
CA ILE B 230 13.05 14.14 -8.81
C ILE B 230 13.02 15.56 -8.28
N ASP B 231 13.00 15.74 -6.95
CA ASP B 231 12.87 17.07 -6.33
C ASP B 231 14.19 17.86 -6.36
N GLY B 232 15.28 17.19 -6.76
CA GLY B 232 16.59 17.87 -6.73
C GLY B 232 17.67 17.09 -5.99
N ASP B 233 18.57 17.79 -5.28
CA ASP B 233 19.73 17.14 -4.65
C ASP B 233 19.30 16.20 -3.50
N VAL B 234 19.44 14.89 -3.70
CA VAL B 234 18.90 13.89 -2.74
C VAL B 234 19.27 14.07 -1.28
N VAL B 235 20.45 14.65 -1.02
CA VAL B 235 21.00 14.85 0.32
C VAL B 235 20.05 15.61 1.26
N ASN B 236 19.18 16.46 0.71
CA ASN B 236 18.25 17.19 1.58
C ASN B 236 17.09 16.32 2.11
N TRP B 237 16.90 15.12 1.53
CA TRP B 237 15.84 14.21 2.07
C TRP B 237 16.27 12.77 2.27
N PHE B 238 17.52 12.47 1.91
CA PHE B 238 18.03 11.10 1.85
C PHE B 238 19.57 11.09 2.02
N HIS B 239 20.01 11.07 3.25
CA HIS B 239 21.43 11.19 3.54
C HIS B 239 22.02 9.91 4.08
N ASP B 240 21.34 8.79 3.84
CA ASP B 240 21.84 7.47 4.24
C ASP B 240 23.29 7.21 3.85
N ASP B 241 24.00 6.49 4.73
CA ASP B 241 25.22 5.85 4.36
C ASP B 241 24.74 4.51 3.80
N THR B 242 24.60 4.44 2.48
CA THR B 242 23.98 3.29 1.83
C THR B 242 24.86 2.02 1.91
N PRO B 243 26.19 2.15 1.66
CA PRO B 243 27.08 1.02 1.90
C PRO B 243 26.87 0.43 3.29
N LYS B 244 26.85 1.28 4.31
CA LYS B 244 26.74 0.82 5.69
C LYS B 244 25.39 0.14 5.92
N ARG B 245 24.33 0.73 5.36
CA ARG B 245 23.02 0.14 5.46
C ARG B 245 23.02 -1.27 4.89
N PHE B 246 23.56 -1.40 3.68
CA PHE B 246 23.59 -2.68 2.99
C PHE B 246 24.48 -3.73 3.67
N GLU B 247 25.66 -3.35 4.17
CA GLU B 247 26.42 -4.27 5.00
C GLU B 247 25.62 -4.70 6.22
N ALA B 248 24.81 -3.81 6.78
CA ALA B 248 23.97 -4.24 7.92
C ALA B 248 23.00 -5.37 7.58
N TYR B 249 22.58 -5.42 6.31
CA TYR B 249 21.67 -6.47 5.81
C TYR B 249 22.36 -7.79 5.50
N GLY B 250 23.69 -7.81 5.55
CA GLY B 250 24.43 -8.99 5.13
C GLY B 250 24.80 -8.99 3.66
N TRP B 251 24.81 -7.82 3.03
CA TRP B 251 25.27 -7.71 1.66
C TRP B 251 26.72 -7.34 1.62
N ASN B 252 27.37 -7.71 0.51
CA ASN B 252 28.68 -7.20 0.09
C ASN B 252 28.41 -5.89 -0.62
N VAL B 253 29.23 -4.88 -0.37
CA VAL B 253 29.06 -3.59 -1.07
C VAL B 253 30.36 -3.25 -1.75
N ILE B 254 30.29 -2.82 -3.01
CA ILE B 254 31.45 -2.26 -3.72
C ILE B 254 31.15 -0.77 -3.91
N PRO B 255 31.71 0.08 -3.03
CA PRO B 255 31.34 1.49 -3.05
C PRO B 255 32.20 2.28 -4.07
N ASN B 256 31.80 3.52 -4.33
CA ASN B 256 32.60 4.45 -5.11
C ASN B 256 33.18 3.91 -6.43
N VAL B 257 32.37 3.23 -7.23
CA VAL B 257 32.85 2.83 -8.54
C VAL B 257 32.63 4.04 -9.44
N ASN B 258 33.58 4.34 -10.31
CA ASN B 258 33.38 5.37 -11.31
C ASN B 258 32.38 4.80 -12.33
N GLY B 259 31.18 5.37 -12.37
CA GLY B 259 30.06 4.82 -13.14
C GLY B 259 30.12 5.13 -14.63
N HIS B 260 31.15 5.87 -15.03
CA HIS B 260 31.40 6.20 -16.43
C HIS B 260 32.67 5.56 -16.92
N ASP B 261 33.14 4.57 -16.18
CA ASP B 261 34.36 3.83 -16.51
C ASP B 261 33.94 2.40 -16.73
N VAL B 262 33.83 2.00 -17.99
CA VAL B 262 33.44 0.63 -18.33
C VAL B 262 34.34 -0.43 -17.67
N ASP B 263 35.66 -0.19 -17.70
CA ASP B 263 36.62 -1.11 -17.11
C ASP B 263 36.44 -1.27 -15.61
N ALA B 264 36.28 -0.16 -14.89
CA ALA B 264 36.01 -0.20 -13.46
C ALA B 264 34.72 -0.98 -13.10
N ILE B 265 33.61 -0.68 -13.77
CA ILE B 265 32.35 -1.37 -13.48
C ILE B 265 32.46 -2.88 -13.75
N ASP B 266 32.96 -3.23 -14.92
CA ASP B 266 33.27 -4.60 -15.32
C ASP B 266 33.98 -5.36 -14.18
N ALA B 267 35.12 -4.83 -13.71
CA ALA B 267 35.89 -5.43 -12.61
C ALA B 267 35.07 -5.53 -11.31
N ALA B 268 34.27 -4.50 -11.00
CA ALA B 268 33.36 -4.59 -9.83
C ALA B 268 32.33 -5.72 -10.00
N ILE B 269 31.79 -5.91 -11.19
CA ILE B 269 30.87 -7.04 -11.43
C ILE B 269 31.58 -8.39 -11.27
N ALA B 270 32.81 -8.49 -11.79
CA ALA B 270 33.63 -9.70 -11.61
C ALA B 270 33.80 -10.01 -10.13
N LYS B 271 34.06 -8.97 -9.34
CA LYS B 271 34.27 -9.13 -7.91
C LYS B 271 33.00 -9.59 -7.21
N ALA B 272 31.88 -8.93 -7.56
CA ALA B 272 30.54 -9.32 -7.11
C ALA B 272 30.27 -10.80 -7.41
N LYS B 273 30.56 -11.21 -8.64
CA LYS B 273 30.32 -12.56 -9.10
C LYS B 273 31.00 -13.63 -8.26
N ARG B 274 32.07 -13.27 -7.55
CA ARG B 274 32.77 -14.20 -6.66
C ARG B 274 32.40 -14.03 -5.17
N SER B 275 31.38 -13.21 -4.87
CA SER B 275 30.98 -12.94 -3.47
C SER B 275 30.19 -14.07 -2.80
N ASP B 276 30.38 -14.21 -1.48
CA ASP B 276 29.57 -15.07 -0.60
C ASP B 276 28.21 -14.46 -0.27
N LYS B 277 27.99 -13.21 -0.67
CA LYS B 277 26.80 -12.43 -0.26
C LYS B 277 26.19 -11.69 -1.44
N PRO B 278 24.87 -11.38 -1.41
CA PRO B 278 24.37 -10.50 -2.48
C PRO B 278 25.17 -9.20 -2.47
N SER B 279 25.39 -8.62 -3.66
CA SER B 279 26.21 -7.44 -3.82
C SER B 279 25.49 -6.22 -4.36
N LEU B 280 25.80 -5.08 -3.75
CA LEU B 280 25.43 -3.77 -4.21
C LEU B 280 26.68 -3.11 -4.77
N ILE B 281 26.61 -2.71 -6.04
CA ILE B 281 27.68 -1.94 -6.66
C ILE B 281 27.24 -0.47 -6.74
N CYS B 282 27.96 0.39 -6.05
CA CYS B 282 27.64 1.81 -6.07
C CYS B 282 28.36 2.56 -7.20
N CYS B 283 27.58 2.87 -8.24
CA CYS B 283 28.14 3.49 -9.43
C CYS B 283 27.90 4.99 -9.45
N LYS B 284 28.95 5.76 -9.17
CA LYS B 284 28.88 7.24 -9.19
C LYS B 284 28.76 7.70 -10.63
N THR B 285 27.61 8.28 -10.93
CA THR B 285 27.30 8.73 -12.27
C THR B 285 26.81 10.18 -12.22
N ARG B 286 26.67 10.78 -13.38
CA ARG B 286 26.09 12.09 -13.50
C ARG B 286 24.79 11.87 -14.29
N ILE B 287 23.67 12.37 -13.77
CA ILE B 287 22.41 12.29 -14.52
C ILE B 287 22.49 13.03 -15.88
N GLY B 288 21.91 12.43 -16.90
CA GLY B 288 22.08 12.93 -18.26
C GLY B 288 23.53 13.13 -18.69
N ASN B 289 24.47 12.39 -18.09
CA ASN B 289 25.90 12.46 -18.47
C ASN B 289 26.11 12.37 -19.98
N GLY B 290 26.92 13.29 -20.52
CA GLY B 290 27.16 13.38 -21.97
C GLY B 290 26.34 14.48 -22.62
N ALA B 291 25.24 14.91 -21.99
CA ALA B 291 24.54 16.12 -22.42
C ALA B 291 25.55 17.28 -22.51
N ALA B 292 25.40 18.10 -23.55
CA ALA B 292 26.31 19.20 -23.78
C ALA B 292 26.31 20.18 -22.61
N THR B 293 25.13 20.53 -22.11
CA THR B 293 25.06 21.60 -21.12
C THR B 293 24.23 21.23 -19.89
N LYS B 294 23.48 20.13 -19.97
CA LYS B 294 22.47 19.83 -18.93
C LYS B 294 22.79 18.66 -18.04
N ALA B 295 23.93 17.98 -18.25
CA ALA B 295 24.35 16.90 -17.37
C ALA B 295 24.35 17.39 -15.93
N GLY B 296 23.79 16.59 -15.03
CA GLY B 296 23.78 17.00 -13.64
C GLY B 296 22.67 17.96 -13.28
N GLY B 297 21.93 18.46 -14.26
CA GLY B 297 20.79 19.37 -14.01
C GLY B 297 19.59 18.65 -13.40
N HIS B 298 18.63 19.42 -12.90
CA HIS B 298 17.45 18.87 -12.21
C HIS B 298 16.25 18.79 -13.09
N ASP B 299 16.41 18.98 -14.39
CA ASP B 299 15.28 18.87 -15.33
C ASP B 299 15.48 17.79 -16.39
N VAL B 300 16.54 17.00 -16.27
CA VAL B 300 16.79 15.88 -17.23
C VAL B 300 16.25 14.51 -16.79
N HIS B 301 15.70 14.43 -15.58
CA HIS B 301 15.06 13.19 -15.12
C HIS B 301 13.88 12.78 -15.97
N GLY B 302 12.93 13.67 -16.14
CA GLY B 302 11.66 13.27 -16.73
C GLY B 302 11.09 14.16 -17.81
N ALA B 303 11.96 14.88 -18.53
CA ALA B 303 11.54 15.86 -19.56
C ALA B 303 12.46 15.70 -20.77
N PRO B 304 11.93 15.88 -22.00
CA PRO B 304 12.83 15.84 -23.16
C PRO B 304 13.98 16.85 -23.02
N LEU B 305 15.09 16.61 -23.70
CA LEU B 305 16.23 17.54 -23.63
C LEU B 305 15.99 18.80 -24.46
N GLY B 306 15.09 18.72 -25.44
CA GLY B 306 14.91 19.76 -26.48
C GLY B 306 15.85 19.52 -27.66
N ALA B 307 15.47 19.98 -28.86
CA ALA B 307 16.29 19.83 -30.08
C ALA B 307 17.65 20.52 -29.95
N ASP B 308 17.69 21.66 -29.28
CA ASP B 308 18.92 22.44 -29.21
C ASP B 308 20.02 21.70 -28.44
N GLU B 309 19.64 21.17 -27.28
CA GLU B 309 20.54 20.44 -26.41
C GLU B 309 20.96 19.16 -27.13
N ILE B 310 20.05 18.57 -27.90
CA ILE B 310 20.36 17.32 -28.64
C ILE B 310 21.38 17.54 -29.76
N ALA B 311 21.27 18.63 -30.50
CA ALA B 311 22.22 18.91 -31.56
C ALA B 311 23.60 19.11 -30.92
N LYS B 312 23.63 19.87 -29.83
CA LYS B 312 24.87 20.25 -29.14
C LYS B 312 25.46 19.04 -28.46
N THR B 313 24.59 18.09 -28.13
CA THR B 313 25.03 16.85 -27.50
C THR B 313 25.64 15.99 -28.61
N ARG B 314 25.05 16.01 -29.80
CA ARG B 314 25.67 15.29 -30.93
C ARG B 314 27.12 15.77 -31.17
N GLU B 315 27.37 17.07 -31.07
CA GLU B 315 28.71 17.65 -31.33
C GLU B 315 29.69 17.28 -30.23
N ALA B 316 29.30 17.52 -28.98
CA ALA B 316 30.13 17.21 -27.83
C ALA B 316 30.50 15.72 -27.78
N LEU B 317 29.56 14.84 -28.17
CA LEU B 317 29.86 13.42 -28.18
C LEU B 317 30.55 12.99 -29.46
N GLY B 318 30.44 13.78 -30.51
CA GLY B 318 31.01 13.36 -31.79
C GLY B 318 30.12 12.34 -32.47
N TRP B 319 28.88 12.19 -31.97
CA TRP B 319 27.92 11.27 -32.56
C TRP B 319 27.31 11.93 -33.77
N THR B 320 27.82 11.57 -34.95
CA THR B 320 27.48 12.23 -36.19
C THR B 320 26.17 11.74 -36.85
N TRP B 321 25.65 10.60 -36.42
CA TRP B 321 24.48 10.02 -37.09
C TRP B 321 23.14 10.62 -36.76
N ALA B 322 22.25 10.66 -37.76
CA ALA B 322 20.92 11.22 -37.60
C ALA B 322 20.05 10.42 -36.59
N PRO B 323 18.93 11.00 -36.12
CA PRO B 323 18.11 10.21 -35.19
C PRO B 323 17.83 8.79 -35.70
N PHE B 324 18.03 7.80 -34.83
CA PHE B 324 17.67 6.39 -35.07
C PHE B 324 18.56 5.72 -36.12
N VAL B 325 19.63 6.38 -36.51
CA VAL B 325 20.61 5.77 -37.38
C VAL B 325 21.75 5.26 -36.50
N ILE B 326 22.01 3.96 -36.59
CA ILE B 326 23.05 3.32 -35.84
C ILE B 326 23.96 2.63 -36.84
N PRO B 327 25.25 3.01 -36.87
CA PRO B 327 26.21 2.44 -37.83
C PRO B 327 26.54 0.97 -37.50
N GLN B 328 26.80 0.16 -38.53
CA GLN B 328 26.84 -1.29 -38.40
C GLN B 328 27.94 -1.76 -37.45
N GLU B 329 29.00 -0.96 -37.28
CA GLU B 329 30.08 -1.29 -36.35
C GLU B 329 29.67 -1.13 -34.86
N VAL B 330 28.66 -0.30 -34.60
CA VAL B 330 28.07 -0.26 -33.26
C VAL B 330 27.26 -1.54 -33.06
N TYR B 331 26.50 -1.91 -34.07
CA TYR B 331 25.78 -3.18 -34.08
C TYR B 331 26.70 -4.40 -33.92
N ALA B 332 27.80 -4.42 -34.66
CA ALA B 332 28.76 -5.54 -34.55
C ALA B 332 29.39 -5.61 -33.14
N ALA B 333 29.57 -4.47 -32.50
CA ALA B 333 30.16 -4.50 -31.16
C ALA B 333 29.15 -4.88 -30.07
N TRP B 334 27.87 -4.62 -30.32
CA TRP B 334 26.81 -4.86 -29.34
C TRP B 334 26.11 -6.17 -29.49
N ASP B 335 26.03 -6.70 -30.72
CA ASP B 335 25.22 -7.90 -31.00
C ASP B 335 25.65 -9.12 -30.19
N ALA B 336 24.68 -9.89 -29.70
CA ALA B 336 24.96 -10.98 -28.77
C ALA B 336 24.42 -12.30 -29.28
N LYS B 337 23.95 -12.28 -30.51
CA LYS B 337 23.32 -13.44 -31.10
C LYS B 337 24.29 -14.61 -31.20
N GLU B 338 25.54 -14.30 -31.56
CA GLU B 338 26.59 -15.32 -31.71
C GLU B 338 26.93 -15.96 -30.37
N ALA B 339 27.34 -15.12 -29.42
CA ALA B 339 27.63 -15.53 -28.04
C ALA B 339 26.43 -16.23 -27.37
N GLY B 340 25.25 -15.64 -27.58
CA GLY B 340 23.98 -16.18 -27.08
C GLY B 340 23.71 -17.58 -27.56
N LYS B 341 23.80 -17.78 -28.88
CA LYS B 341 23.67 -19.09 -29.50
C LYS B 341 24.62 -20.10 -28.86
N ARG B 342 25.89 -19.70 -28.73
CA ARG B 342 26.92 -20.55 -28.12
C ARG B 342 26.60 -20.91 -26.69
N SER B 343 26.26 -19.89 -25.88
CA SER B 343 25.82 -20.10 -24.50
C SER B 343 24.62 -21.03 -24.37
N GLU B 344 23.57 -20.81 -25.14
CA GLU B 344 22.42 -21.69 -25.04
C GLU B 344 22.66 -23.12 -25.62
N ASP B 345 23.28 -23.22 -26.80
CA ASP B 345 23.66 -24.56 -27.33
C ASP B 345 24.48 -25.33 -26.30
N ASP B 346 25.41 -24.65 -25.63
CA ASP B 346 26.20 -25.31 -24.59
C ASP B 346 25.32 -25.84 -23.47
N TRP B 347 24.35 -25.02 -23.05
CA TRP B 347 23.45 -25.43 -21.97
C TRP B 347 22.57 -26.57 -22.38
N ASN B 348 22.09 -26.57 -23.63
CA ASN B 348 21.34 -27.70 -24.18
C ASN B 348 22.07 -29.05 -24.12
N ALA B 349 23.37 -29.03 -24.42
CA ALA B 349 24.24 -30.21 -24.33
C ALA B 349 24.39 -30.59 -22.86
N ALA B 350 24.59 -29.57 -22.01
CA ALA B 350 24.61 -29.74 -20.56
C ALA B 350 23.34 -30.43 -20.04
N PHE B 351 22.20 -30.04 -20.59
CA PHE B 351 20.90 -30.55 -20.14
C PHE B 351 20.65 -31.96 -20.66
N ALA B 352 20.95 -32.16 -21.93
CA ALA B 352 20.90 -33.46 -22.57
C ALA B 352 21.70 -34.49 -21.78
N GLN B 353 22.89 -34.09 -21.30
CA GLN B 353 23.70 -34.95 -20.43
C GLN B 353 23.00 -35.15 -19.08
N TYR B 354 22.28 -34.14 -18.62
CA TYR B 354 21.50 -34.26 -17.39
C TYR B 354 20.32 -35.22 -17.54
N ARG B 355 19.58 -35.06 -18.63
CA ARG B 355 18.46 -35.93 -18.95
C ARG B 355 18.88 -37.41 -19.00
N ALA B 356 20.10 -37.68 -19.48
CA ALA B 356 20.58 -39.07 -19.59
C ALA B 356 20.71 -39.70 -18.19
N LYS B 357 21.29 -38.96 -17.25
CA LYS B 357 21.53 -39.45 -15.88
C LYS B 357 20.29 -39.36 -14.98
N TYR B 358 19.37 -38.45 -15.30
CA TYR B 358 18.15 -38.23 -14.49
C TYR B 358 16.95 -37.92 -15.37
N PRO B 359 16.43 -38.94 -16.10
CA PRO B 359 15.28 -38.72 -16.98
C PRO B 359 14.03 -38.16 -16.29
N ALA B 360 13.79 -38.55 -15.03
CA ALA B 360 12.52 -38.17 -14.38
C ALA B 360 12.56 -36.69 -13.96
N GLU B 361 13.64 -36.31 -13.32
CA GLU B 361 13.88 -34.95 -12.89
C GLU B 361 13.96 -33.98 -14.06
N ALA B 362 14.60 -34.39 -15.15
CA ALA B 362 14.67 -33.53 -16.35
C ALA B 362 13.27 -33.24 -16.89
N ALA B 363 12.40 -34.26 -16.90
CA ALA B 363 11.00 -34.10 -17.32
C ALA B 363 10.26 -33.09 -16.42
N GLU B 364 10.46 -33.23 -15.11
CA GLU B 364 9.87 -32.34 -14.11
C GLU B 364 10.32 -30.88 -14.26
N PHE B 365 11.62 -30.69 -14.45
CA PHE B 365 12.21 -29.37 -14.65
C PHE B 365 11.57 -28.65 -15.84
N GLU B 366 11.54 -29.31 -17.00
CA GLU B 366 10.93 -28.75 -18.23
C GLU B 366 9.45 -28.42 -18.03
N ARG B 367 8.71 -29.35 -17.43
CA ARG B 367 7.29 -29.15 -17.14
C ARG B 367 7.06 -27.91 -16.27
N ARG B 368 7.83 -27.84 -15.17
CA ARG B 368 7.72 -26.76 -14.19
C ARG B 368 8.19 -25.40 -14.73
N MET B 369 9.32 -25.38 -15.45
CA MET B 369 9.78 -24.14 -16.09
C MET B 369 8.73 -23.59 -17.05
N ALA B 370 7.97 -24.47 -17.66
CA ALA B 370 6.96 -24.06 -18.62
C ALA B 370 5.68 -23.62 -17.91
N GLY B 371 5.56 -24.02 -16.64
CA GLY B 371 4.40 -23.71 -15.82
C GLY B 371 3.20 -24.60 -16.15
N THR B 372 3.49 -25.80 -16.63
CA THR B 372 2.50 -26.81 -16.98
C THR B 372 2.18 -27.63 -15.73
N LEU B 373 0.90 -27.94 -15.53
CA LEU B 373 0.44 -28.78 -14.40
C LEU B 373 0.73 -30.27 -14.66
N PRO B 374 0.63 -31.14 -13.63
CA PRO B 374 0.85 -32.59 -13.83
C PRO B 374 -0.16 -33.16 -14.81
N ALA B 375 0.14 -34.34 -15.38
CA ALA B 375 -0.73 -34.98 -16.39
C ALA B 375 -2.11 -35.40 -15.86
N ASP B 376 -2.15 -35.84 -14.60
CA ASP B 376 -3.38 -36.34 -13.96
C ASP B 376 -4.10 -35.23 -13.19
N TRP B 377 -3.95 -33.99 -13.65
CA TRP B 377 -4.43 -32.82 -12.91
C TRP B 377 -5.92 -32.79 -12.70
N ALA B 378 -6.71 -32.85 -13.77
CA ALA B 378 -8.17 -32.77 -13.63
C ALA B 378 -8.69 -33.75 -12.58
N ALA B 379 -8.26 -35.01 -12.67
CA ALA B 379 -8.64 -36.05 -11.72
C ALA B 379 -8.14 -35.77 -10.29
N LYS B 380 -6.85 -35.43 -10.15
CA LYS B 380 -6.27 -35.08 -8.83
C LYS B 380 -6.95 -33.83 -8.24
N ALA B 381 -7.27 -32.87 -9.10
CA ALA B 381 -7.98 -31.67 -8.63
C ALA B 381 -9.42 -32.01 -8.26
N ALA B 382 -10.08 -32.83 -9.08
CA ALA B 382 -11.43 -33.28 -8.77
C ALA B 382 -11.43 -34.14 -7.51
N ALA B 383 -10.34 -34.89 -7.28
CA ALA B 383 -10.14 -35.70 -6.07
C ALA B 383 -10.00 -34.84 -4.79
N ILE B 384 -9.21 -33.76 -4.88
CA ILE B 384 -9.12 -32.77 -3.78
C ILE B 384 -10.52 -32.21 -3.44
N VAL B 385 -11.27 -31.80 -4.46
CA VAL B 385 -12.63 -31.25 -4.22
C VAL B 385 -13.63 -32.29 -3.69
N ALA B 386 -13.69 -33.46 -4.34
CA ALA B 386 -14.50 -34.59 -3.89
C ALA B 386 -14.17 -34.95 -2.45
N GLY B 387 -12.87 -35.07 -2.17
CA GLY B 387 -12.34 -35.25 -0.81
C GLY B 387 -12.93 -34.32 0.25
N ALA B 388 -12.95 -33.01 -0.06
CA ALA B 388 -13.54 -32.01 0.83
C ALA B 388 -15.03 -32.25 0.97
N ASN B 389 -15.68 -32.47 -0.16
CA ASN B 389 -17.14 -32.71 -0.17
C ASN B 389 -17.52 -33.94 0.66
N GLU B 390 -16.79 -35.04 0.44
CA GLU B 390 -16.91 -36.29 1.24
C GLU B 390 -16.79 -36.05 2.78
N ARG B 391 -15.76 -35.30 3.18
CA ARG B 391 -15.51 -35.01 4.62
C ARG B 391 -16.58 -34.21 5.36
N GLY B 392 -17.28 -33.33 4.66
CA GLY B 392 -18.35 -32.52 5.29
C GLY B 392 -18.08 -31.79 6.61
N GLU B 393 -16.86 -31.33 6.87
CA GLU B 393 -16.56 -30.70 8.19
C GLU B 393 -16.86 -29.21 8.25
N THR B 394 -17.33 -28.74 9.41
CA THR B 394 -17.45 -27.30 9.66
C THR B 394 -16.19 -26.77 10.35
N VAL B 395 -15.31 -26.17 9.54
CA VAL B 395 -14.08 -25.56 10.03
C VAL B 395 -13.97 -24.14 9.49
N ALA B 396 -13.04 -23.36 10.08
CA ALA B 396 -12.66 -22.08 9.53
C ALA B 396 -12.08 -22.32 8.14
N THR B 397 -12.35 -21.41 7.21
CA THR B 397 -11.81 -21.61 5.87
C THR B 397 -10.27 -21.41 5.85
N ARG B 398 -9.69 -20.80 6.87
CA ARG B 398 -8.22 -20.89 7.01
C ARG B 398 -7.78 -22.35 7.17
N LYS B 399 -8.49 -23.10 8.02
CA LYS B 399 -8.28 -24.55 8.19
C LYS B 399 -8.59 -25.33 6.91
N ALA B 400 -9.71 -25.02 6.26
CA ALA B 400 -10.04 -25.64 4.98
C ALA B 400 -8.91 -25.41 4.00
N SER B 401 -8.40 -24.17 4.00
CA SER B 401 -7.24 -23.81 3.20
C SER B 401 -6.02 -24.68 3.49
N GLN B 402 -5.64 -24.81 4.76
CA GLN B 402 -4.51 -25.64 5.08
C GLN B 402 -4.73 -27.10 4.54
N GLN B 403 -5.96 -27.60 4.68
CA GLN B 403 -6.29 -28.95 4.27
C GLN B 403 -6.16 -29.11 2.76
N THR B 404 -6.59 -28.09 2.04
CA THR B 404 -6.44 -28.06 0.59
C THR B 404 -4.94 -28.02 0.22
N ILE B 405 -4.15 -27.24 0.96
CA ILE B 405 -2.73 -27.17 0.68
C ILE B 405 -2.07 -28.54 0.84
N GLU B 406 -2.40 -29.27 1.92
CA GLU B 406 -1.97 -30.67 2.12
C GLU B 406 -2.15 -31.49 0.83
N GLY B 407 -3.35 -31.39 0.25
CA GLY B 407 -3.70 -32.13 -0.96
C GLY B 407 -3.01 -31.64 -2.23
N LEU B 408 -2.96 -30.32 -2.40
CA LEU B 408 -2.20 -29.69 -3.49
C LEU B 408 -0.72 -30.10 -3.49
N ALA B 409 -0.11 -30.12 -2.30
CA ALA B 409 1.32 -30.38 -2.14
C ALA B 409 1.68 -31.78 -2.57
N ALA B 410 0.84 -32.74 -2.16
CA ALA B 410 1.07 -34.15 -2.46
C ALA B 410 1.01 -34.37 -3.96
N VAL B 411 0.61 -33.32 -4.68
CA VAL B 411 0.22 -33.42 -6.08
C VAL B 411 1.05 -32.44 -6.94
N LEU B 412 1.59 -31.40 -6.29
CA LEU B 412 2.38 -30.36 -6.97
C LEU B 412 3.74 -30.12 -6.26
N PRO B 413 4.80 -30.81 -6.71
CA PRO B 413 6.10 -30.52 -6.12
C PRO B 413 6.51 -29.07 -6.32
N GLU B 414 5.94 -28.39 -7.30
CA GLU B 414 6.27 -26.97 -7.55
C GLU B 414 5.68 -26.02 -6.50
N LEU B 415 4.81 -26.54 -5.62
CA LEU B 415 4.12 -25.68 -4.65
C LEU B 415 5.11 -25.07 -3.69
N LEU B 416 5.09 -23.74 -3.65
CA LEU B 416 5.96 -22.96 -2.79
C LEU B 416 5.14 -22.00 -1.93
N GLY B 417 4.96 -22.35 -0.66
CA GLY B 417 4.14 -21.59 0.26
C GLY B 417 4.90 -20.56 1.05
N GLY B 418 4.22 -19.86 1.92
CA GLY B 418 4.91 -18.91 2.75
C GLY B 418 3.97 -18.00 3.45
N SER B 419 4.47 -17.38 4.50
CA SER B 419 3.70 -16.41 5.23
C SER B 419 4.53 -15.24 5.68
N ALA B 420 3.89 -14.09 5.73
CA ALA B 420 4.54 -12.87 6.26
C ALA B 420 4.51 -12.86 7.79
N ASP B 421 5.20 -13.82 8.42
CA ASP B 421 5.28 -13.92 9.89
C ASP B 421 3.95 -14.23 10.59
N LEU B 422 3.08 -14.91 9.88
CA LEU B 422 1.77 -15.27 10.42
C LEU B 422 1.45 -16.72 10.00
N THR B 423 2.47 -17.56 9.98
CA THR B 423 2.28 -18.95 9.55
C THR B 423 1.25 -19.68 10.42
N GLY B 424 1.40 -19.55 11.73
CA GLY B 424 0.51 -20.16 12.68
C GLY B 424 -0.91 -19.65 12.59
N SER B 425 -1.08 -18.41 12.13
CA SER B 425 -2.40 -17.77 12.02
C SER B 425 -3.02 -17.97 10.65
N ASN B 426 -2.23 -17.77 9.60
CA ASN B 426 -2.66 -17.99 8.22
C ASN B 426 -2.84 -19.47 7.89
N LEU B 427 -2.09 -20.31 8.59
CA LEU B 427 -2.04 -21.77 8.31
C LEU B 427 -1.60 -22.03 6.88
N THR B 428 -0.44 -21.51 6.49
CA THR B 428 0.04 -21.66 5.11
C THR B 428 0.99 -22.83 4.89
N ASN B 429 1.60 -23.33 5.96
CA ASN B 429 2.50 -24.48 5.86
C ASN B 429 1.73 -25.80 6.02
N TRP B 430 2.36 -26.92 5.63
CA TRP B 430 1.67 -28.19 5.64
C TRP B 430 2.55 -29.26 6.20
N LYS B 431 1.94 -30.39 6.58
CA LYS B 431 2.61 -31.50 7.25
C LYS B 431 4.02 -31.80 6.69
N ALA B 432 4.10 -31.98 5.37
CA ALA B 432 5.33 -32.41 4.72
C ALA B 432 6.26 -31.28 4.27
N SER B 433 5.93 -30.04 4.59
CA SER B 433 6.71 -28.94 4.06
C SER B 433 8.03 -28.74 4.80
N LYS B 434 9.02 -28.21 4.09
CA LYS B 434 10.32 -27.87 4.67
C LYS B 434 10.50 -26.36 4.58
N ALA B 435 10.82 -25.74 5.71
CA ALA B 435 11.03 -24.30 5.79
C ALA B 435 12.32 -23.92 5.06
N VAL B 436 12.25 -23.05 4.05
CA VAL B 436 13.44 -22.55 3.34
C VAL B 436 14.41 -21.81 4.28
N ARG B 437 15.69 -22.19 4.34
CA ARG B 437 16.65 -21.48 5.20
C ARG B 437 17.98 -21.25 4.49
N ALA B 438 18.66 -20.16 4.81
CA ALA B 438 20.04 -19.98 4.35
C ALA B 438 20.94 -21.12 4.89
N ASN B 439 21.93 -21.56 4.10
CA ASN B 439 22.92 -22.53 4.63
C ASN B 439 23.63 -21.90 5.84
N ALA B 440 23.82 -22.68 6.88
CA ALA B 440 24.50 -22.20 8.08
C ALA B 440 25.91 -21.68 7.80
N ASP B 441 26.63 -22.37 6.91
CA ASP B 441 28.04 -22.08 6.74
C ASP B 441 28.39 -21.37 5.44
N GLY B 442 27.90 -21.85 4.31
CA GLY B 442 28.17 -21.15 3.05
C GLY B 442 27.00 -20.27 2.61
N PRO B 443 27.17 -19.55 1.48
CA PRO B 443 26.09 -18.79 0.83
C PRO B 443 24.94 -19.67 0.34
N GLY B 444 23.86 -19.05 -0.10
CA GLY B 444 22.73 -19.79 -0.69
C GLY B 444 21.75 -20.32 0.33
N VAL B 445 20.73 -21.04 -0.16
CA VAL B 445 19.71 -21.60 0.70
C VAL B 445 19.66 -23.12 0.64
N GLN B 446 19.28 -23.73 1.75
CA GLN B 446 18.89 -25.11 1.74
C GLN B 446 17.50 -25.12 1.15
N TRP B 447 17.20 -26.11 0.30
CA TRP B 447 15.89 -26.22 -0.30
C TRP B 447 14.80 -26.33 0.71
N GLY B 448 13.67 -25.71 0.40
CA GLY B 448 12.47 -25.85 1.19
C GLY B 448 11.29 -25.48 0.33
N ASN B 449 10.08 -25.62 0.88
CA ASN B 449 8.89 -25.17 0.15
C ASN B 449 7.86 -24.37 0.93
N HIS B 450 8.25 -23.86 2.09
CA HIS B 450 7.50 -22.82 2.78
C HIS B 450 8.46 -21.74 3.22
N ILE B 451 8.23 -20.50 2.80
CA ILE B 451 9.11 -19.39 3.16
C ILE B 451 8.50 -18.57 4.31
N ASN B 452 9.26 -18.33 5.39
CA ASN B 452 8.85 -17.36 6.44
C ASN B 452 9.38 -16.03 5.96
N TYR B 453 8.51 -15.18 5.46
CA TYR B 453 8.94 -13.92 4.83
C TYR B 453 9.26 -12.83 5.83
N GLY B 454 8.94 -13.06 7.09
CA GLY B 454 9.06 -11.99 8.11
C GLY B 454 7.87 -11.04 7.95
N VAL B 455 7.86 -9.99 8.76
CA VAL B 455 6.77 -9.03 8.73
C VAL B 455 7.02 -8.03 7.56
N ARG B 456 6.87 -8.53 6.32
CA ARG B 456 7.22 -7.83 5.07
C ARG B 456 6.18 -8.12 4.00
N GLU B 457 4.97 -7.64 4.20
CA GLU B 457 3.90 -8.07 3.29
C GLU B 457 4.10 -7.61 1.87
N PHE B 458 4.48 -6.34 1.71
CA PHE B 458 4.74 -5.77 0.38
C PHE B 458 5.91 -6.48 -0.31
N GLY B 459 7.07 -6.58 0.35
CA GLY B 459 8.25 -7.28 -0.19
C GLY B 459 7.97 -8.74 -0.52
N MET B 460 7.28 -9.42 0.38
CA MET B 460 6.82 -10.79 0.08
C MET B 460 5.99 -10.82 -1.22
N SER B 461 5.01 -9.92 -1.33
CA SER B 461 4.16 -9.94 -2.54
C SER B 461 4.90 -9.64 -3.87
N ALA B 462 5.78 -8.66 -3.88
CA ALA B 462 6.62 -8.42 -5.04
C ALA B 462 7.57 -9.58 -5.31
N ALA B 463 8.07 -10.21 -4.24
CA ALA B 463 9.00 -11.32 -4.40
C ALA B 463 8.26 -12.48 -5.06
N ILE B 464 7.05 -12.78 -4.56
CA ILE B 464 6.15 -13.76 -5.21
C ILE B 464 5.99 -13.50 -6.72
N ASN B 465 5.76 -12.26 -7.10
CA ASN B 465 5.72 -11.93 -8.51
C ASN B 465 7.02 -12.34 -9.23
N GLY B 466 8.16 -12.15 -8.57
CA GLY B 466 9.45 -12.63 -9.11
C GLY B 466 9.56 -14.15 -9.20
N LEU B 467 9.14 -14.85 -8.13
CA LEU B 467 9.15 -16.32 -8.15
C LEU B 467 8.31 -16.86 -9.30
N VAL B 468 7.14 -16.23 -9.50
CA VAL B 468 6.22 -16.64 -10.55
C VAL B 468 6.89 -16.40 -11.91
N LEU B 469 7.38 -15.18 -12.14
CA LEU B 469 8.00 -14.88 -13.43
C LEU B 469 9.24 -15.71 -13.73
N HIS B 470 10.02 -16.07 -12.71
CA HIS B 470 11.18 -16.91 -12.95
C HIS B 470 10.84 -18.24 -13.61
N GLY B 471 9.74 -18.85 -13.15
CA GLY B 471 9.34 -20.19 -13.54
C GLY B 471 9.93 -21.25 -12.63
N GLY B 472 9.26 -22.38 -12.53
CA GLY B 472 9.79 -23.54 -11.82
C GLY B 472 9.04 -23.89 -10.55
N TYR B 473 8.37 -22.87 -10.00
CA TYR B 473 7.50 -23.00 -8.82
C TYR B 473 6.09 -22.43 -8.99
N LYS B 474 5.22 -22.82 -8.08
CA LYS B 474 3.85 -22.30 -8.04
C LYS B 474 3.72 -21.65 -6.65
N PRO B 475 4.14 -20.38 -6.53
CA PRO B 475 4.18 -19.75 -5.20
C PRO B 475 2.89 -19.14 -4.73
N PHE B 476 2.76 -19.11 -3.43
CA PHE B 476 1.72 -18.30 -2.77
C PHE B 476 2.28 -17.78 -1.45
N GLY B 477 1.58 -16.82 -0.85
CA GLY B 477 2.04 -16.22 0.41
C GLY B 477 0.90 -15.54 1.15
N GLY B 478 0.94 -15.65 2.47
CA GLY B 478 -0.20 -15.22 3.24
C GLY B 478 0.09 -14.10 4.18
N THR B 479 -0.98 -13.41 4.53
CA THR B 479 -1.01 -12.45 5.65
C THR B 479 -2.47 -12.20 6.02
N PHE B 480 -2.72 -11.27 6.95
CA PHE B 480 -4.08 -10.90 7.32
C PHE B 480 -4.68 -10.04 6.20
N LEU B 481 -5.99 -10.14 5.97
CA LEU B 481 -6.61 -9.42 4.85
C LEU B 481 -6.37 -7.91 4.87
N THR B 482 -6.59 -7.30 6.04
CA THR B 482 -6.40 -5.86 6.14
C THR B 482 -5.00 -5.43 5.68
N PHE B 483 -4.00 -6.32 5.86
CA PHE B 483 -2.62 -5.93 5.48
C PHE B 483 -2.39 -6.04 3.98
N SER B 484 -3.41 -6.47 3.23
CA SER B 484 -3.38 -6.28 1.79
C SER B 484 -3.16 -4.81 1.45
N ASP B 485 -3.45 -3.92 2.39
CA ASP B 485 -3.25 -2.52 2.17
C ASP B 485 -1.76 -2.17 2.06
N TYR B 486 -0.91 -2.91 2.80
CA TYR B 486 0.54 -2.76 2.69
C TYR B 486 1.02 -3.32 1.32
N SER B 487 0.46 -4.43 0.85
CA SER B 487 1.03 -5.07 -0.37
C SER B 487 0.28 -4.78 -1.70
N ARG B 488 -0.78 -3.99 -1.58
CA ARG B 488 -1.70 -3.68 -2.69
C ARG B 488 -1.11 -3.50 -4.09
N ASN B 489 -0.10 -2.65 -4.23
CA ASN B 489 0.39 -2.41 -5.57
C ASN B 489 1.04 -3.64 -6.20
N ALA B 490 1.61 -4.53 -5.39
CA ALA B 490 2.14 -5.81 -5.91
C ALA B 490 1.03 -6.71 -6.45
N LEU B 491 -0.11 -6.74 -5.74
CA LEU B 491 -1.27 -7.51 -6.21
C LEU B 491 -1.68 -6.91 -7.55
N ARG B 492 -1.74 -5.59 -7.59
CA ARG B 492 -2.11 -4.87 -8.79
C ARG B 492 -1.19 -5.24 -9.95
N VAL B 493 0.12 -5.27 -9.70
CA VAL B 493 1.12 -5.47 -10.75
C VAL B 493 1.08 -6.89 -11.29
N ALA B 494 0.80 -7.86 -10.41
CA ALA B 494 0.50 -9.24 -10.83
C ALA B 494 -0.67 -9.23 -11.84
N ALA B 495 -1.70 -8.44 -11.53
CA ALA B 495 -2.89 -8.39 -12.39
C ALA B 495 -2.56 -7.74 -13.72
N LEU B 496 -1.70 -6.71 -13.70
CA LEU B 496 -1.35 -6.02 -14.94
C LEU B 496 -0.54 -6.95 -15.86
N MET B 497 0.36 -7.74 -15.25
CA MET B 497 1.27 -8.62 -15.97
C MET B 497 0.58 -9.86 -16.46
N LYS B 498 -0.56 -10.15 -15.84
CA LYS B 498 -1.39 -11.34 -16.11
C LYS B 498 -0.66 -12.61 -15.74
N VAL B 499 -0.09 -12.63 -14.55
CA VAL B 499 0.62 -13.83 -14.09
C VAL B 499 -0.08 -14.44 -12.87
N PRO B 500 -0.10 -15.79 -12.76
CA PRO B 500 -0.96 -16.43 -11.72
C PRO B 500 -0.39 -16.43 -10.28
N SER B 501 0.04 -15.28 -9.77
CA SER B 501 0.46 -15.13 -8.36
C SER B 501 -0.73 -15.43 -7.48
N ILE B 502 -0.49 -16.10 -6.36
CA ILE B 502 -1.57 -16.41 -5.41
C ILE B 502 -1.24 -15.70 -4.13
N PHE B 503 -2.20 -14.93 -3.62
CA PHE B 503 -2.00 -14.17 -2.38
C PHE B 503 -3.06 -14.61 -1.39
N VAL B 504 -2.63 -15.12 -0.24
CA VAL B 504 -3.59 -15.73 0.70
C VAL B 504 -3.87 -14.70 1.82
N PHE B 505 -5.14 -14.47 2.12
CA PHE B 505 -5.47 -13.56 3.23
C PHE B 505 -6.40 -14.28 4.17
N THR B 506 -6.14 -14.18 5.48
CA THR B 506 -7.05 -14.75 6.46
C THR B 506 -7.52 -13.62 7.39
N HIS B 507 -8.45 -13.91 8.30
CA HIS B 507 -8.93 -12.95 9.30
C HIS B 507 -9.68 -11.84 8.59
N ASP B 508 -10.78 -12.22 7.94
CA ASP B 508 -11.33 -11.43 6.82
C ASP B 508 -12.43 -10.43 7.14
N SER B 509 -12.79 -10.30 8.42
CA SER B 509 -13.91 -9.45 8.80
C SER B 509 -13.94 -9.23 10.31
N ILE B 510 -15.02 -8.60 10.77
CA ILE B 510 -15.31 -8.49 12.20
C ILE B 510 -15.39 -9.89 12.87
N GLY B 511 -15.47 -10.94 12.06
CA GLY B 511 -15.50 -12.31 12.60
C GLY B 511 -14.22 -12.65 13.33
N LEU B 512 -13.18 -11.87 13.07
CA LEU B 512 -11.92 -12.10 13.74
C LEU B 512 -11.99 -11.77 15.22
N GLY B 513 -12.98 -10.95 15.59
CA GLY B 513 -13.24 -10.56 16.99
C GLY B 513 -12.28 -9.54 17.63
N GLU B 514 -11.71 -9.95 18.76
CA GLU B 514 -11.11 -9.03 19.72
C GLU B 514 -9.97 -8.10 19.26
N ASP B 515 -9.19 -8.52 18.25
CA ASP B 515 -8.14 -7.64 17.74
C ASP B 515 -8.64 -6.29 17.26
N GLY B 516 -9.89 -6.23 16.82
CA GLY B 516 -10.55 -4.94 16.69
C GLY B 516 -10.36 -4.21 15.38
N PRO B 517 -10.75 -2.92 15.36
CA PRO B 517 -10.95 -2.32 14.05
C PRO B 517 -9.73 -2.06 13.16
N THR B 518 -8.49 -2.09 13.72
CA THR B 518 -7.30 -1.92 12.89
C THR B 518 -7.03 -3.23 12.12
N HIS B 519 -7.55 -4.35 12.64
CA HIS B 519 -7.35 -5.65 11.98
C HIS B 519 -8.56 -6.06 11.17
N GLN B 520 -9.75 -5.70 11.65
CA GLN B 520 -11.02 -6.06 10.98
C GLN B 520 -11.21 -5.39 9.61
N SER B 521 -11.11 -6.19 8.54
CA SER B 521 -11.38 -5.72 7.20
C SER B 521 -12.87 -5.37 7.08
N VAL B 522 -13.16 -4.29 6.34
CA VAL B 522 -14.51 -3.88 6.03
C VAL B 522 -14.63 -3.54 4.54
N GLU B 523 -13.61 -2.86 4.02
CA GLU B 523 -13.62 -2.41 2.64
C GLU B 523 -12.75 -3.30 1.74
N HIS B 524 -11.95 -4.19 2.35
CA HIS B 524 -10.83 -4.82 1.66
C HIS B 524 -11.28 -5.77 0.58
N VAL B 525 -12.26 -6.58 0.91
CA VAL B 525 -12.75 -7.58 -0.03
C VAL B 525 -13.24 -6.89 -1.32
N ALA B 526 -14.06 -5.85 -1.16
CA ALA B 526 -14.58 -5.08 -2.31
C ALA B 526 -13.45 -4.31 -3.04
N SER B 527 -12.49 -3.78 -2.30
CA SER B 527 -11.41 -3.00 -2.92
C SER B 527 -10.53 -3.91 -3.82
N LEU B 528 -10.41 -5.18 -3.49
CA LEU B 528 -9.61 -6.12 -4.29
C LEU B 528 -10.34 -6.58 -5.54
N ARG B 529 -11.65 -6.82 -5.42
CA ARG B 529 -12.54 -7.06 -6.56
C ARG B 529 -12.37 -6.01 -7.62
N LEU B 530 -12.22 -4.78 -7.20
CA LEU B 530 -12.16 -3.67 -8.10
C LEU B 530 -10.88 -3.62 -8.95
N ILE B 531 -9.81 -4.29 -8.53
CA ILE B 531 -8.59 -4.27 -9.35
C ILE B 531 -8.82 -5.15 -10.59
N PRO B 532 -8.68 -4.57 -11.82
CA PRO B 532 -8.84 -5.43 -13.02
C PRO B 532 -7.99 -6.67 -13.03
N ASN B 533 -8.60 -7.78 -13.45
CA ASN B 533 -7.89 -9.00 -13.77
C ASN B 533 -7.39 -9.76 -12.52
N LEU B 534 -7.71 -9.23 -11.33
CA LEU B 534 -7.37 -9.88 -10.06
C LEU B 534 -8.57 -10.71 -9.57
N ASP B 535 -8.45 -12.04 -9.51
CA ASP B 535 -9.60 -12.86 -9.06
C ASP B 535 -9.62 -12.84 -7.55
N VAL B 536 -10.81 -12.63 -7.00
CA VAL B 536 -10.99 -12.66 -5.56
C VAL B 536 -11.94 -13.76 -5.20
N TRP B 537 -11.47 -14.66 -4.34
CA TRP B 537 -12.31 -15.78 -3.87
C TRP B 537 -12.54 -15.65 -2.41
N ARG B 538 -13.80 -15.77 -1.98
CA ARG B 538 -14.13 -15.78 -0.54
C ARG B 538 -15.04 -17.00 -0.22
N PRO B 539 -14.42 -18.19 -0.12
CA PRO B 539 -15.17 -19.44 0.09
C PRO B 539 -15.99 -19.56 1.38
N ALA B 540 -17.21 -20.12 1.26
CA ALA B 540 -18.11 -20.36 2.39
C ALA B 540 -17.72 -21.56 3.24
N ASP B 541 -17.05 -22.54 2.63
CA ASP B 541 -16.76 -23.80 3.33
C ASP B 541 -15.58 -24.57 2.72
N THR B 542 -15.40 -25.82 3.15
CA THR B 542 -14.27 -26.66 2.74
C THR B 542 -14.28 -26.92 1.24
N VAL B 543 -15.47 -27.08 0.68
CA VAL B 543 -15.65 -27.35 -0.73
C VAL B 543 -15.40 -26.11 -1.60
N GLU B 544 -15.91 -24.96 -1.17
CA GLU B 544 -15.66 -23.75 -1.91
C GLU B 544 -14.17 -23.42 -1.82
N THR B 545 -13.55 -23.70 -0.68
CA THR B 545 -12.10 -23.53 -0.55
C THR B 545 -11.31 -24.41 -1.53
N ALA B 546 -11.66 -25.70 -1.57
CA ALA B 546 -11.00 -26.66 -2.46
C ALA B 546 -11.12 -26.20 -3.90
N VAL B 547 -12.32 -25.70 -4.25
CA VAL B 547 -12.62 -25.25 -5.60
C VAL B 547 -11.80 -24.02 -5.91
N ALA B 548 -11.82 -23.05 -4.98
CA ALA B 548 -11.10 -21.81 -5.14
C ALA B 548 -9.59 -22.03 -5.39
N TRP B 549 -8.97 -22.87 -4.55
CA TRP B 549 -7.53 -23.15 -4.65
C TRP B 549 -7.12 -23.84 -5.94
N THR B 550 -7.88 -24.88 -6.31
CA THR B 550 -7.57 -25.67 -7.51
C THR B 550 -7.84 -24.83 -8.75
N TYR B 551 -8.86 -23.95 -8.66
CA TYR B 551 -9.13 -23.00 -9.74
C TYR B 551 -7.95 -22.07 -9.89
N ALA B 552 -7.49 -21.53 -8.77
CA ALA B 552 -6.45 -20.51 -8.76
C ALA B 552 -5.12 -21.07 -9.27
N VAL B 553 -4.81 -22.29 -8.88
CA VAL B 553 -3.55 -22.94 -9.25
C VAL B 553 -3.51 -23.22 -10.75
N ALA B 554 -4.69 -23.47 -11.31
CA ALA B 554 -4.84 -23.84 -12.72
C ALA B 554 -5.15 -22.70 -13.71
N HIS B 555 -5.44 -21.48 -13.24
CA HIS B 555 -5.73 -20.40 -14.20
C HIS B 555 -4.68 -19.32 -14.29
N GLN B 556 -4.82 -18.41 -15.25
CA GLN B 556 -3.80 -17.41 -15.56
C GLN B 556 -3.88 -16.11 -14.69
N HIS B 557 -5.05 -15.82 -14.13
CA HIS B 557 -5.24 -14.63 -13.30
C HIS B 557 -4.56 -14.75 -11.97
N PRO B 558 -3.95 -13.64 -11.47
CA PRO B 558 -3.48 -13.69 -10.07
C PRO B 558 -4.69 -13.84 -9.18
N SER B 559 -4.53 -14.46 -8.02
CA SER B 559 -5.70 -14.67 -7.16
C SER B 559 -5.49 -14.18 -5.73
N CYS B 560 -6.52 -13.58 -5.14
CA CYS B 560 -6.60 -13.39 -3.70
C CYS B 560 -7.58 -14.41 -3.17
N LEU B 561 -7.10 -15.22 -2.24
CA LEU B 561 -7.92 -16.23 -1.63
C LEU B 561 -8.17 -15.79 -0.21
N ILE B 562 -9.45 -15.60 0.13
CA ILE B 562 -9.78 -14.92 1.38
C ILE B 562 -10.50 -15.81 2.40
N PHE B 563 -9.83 -16.05 3.51
CA PHE B 563 -10.26 -17.03 4.48
C PHE B 563 -10.63 -16.40 5.83
N SER B 564 -11.49 -17.07 6.59
CA SER B 564 -12.02 -16.57 7.85
C SER B 564 -11.19 -17.15 8.97
N ARG B 565 -11.20 -16.47 10.11
CA ARG B 565 -10.64 -16.99 11.36
C ARG B 565 -11.55 -18.05 11.94
N GLN B 566 -12.85 -17.77 11.92
CA GLN B 566 -13.80 -18.54 12.70
C GLN B 566 -14.48 -19.66 11.89
N ASN B 567 -15.10 -20.60 12.58
CA ASN B 567 -15.71 -21.74 11.94
C ASN B 567 -16.94 -21.38 11.11
N LEU B 568 -17.04 -21.93 9.90
CA LEU B 568 -18.22 -21.75 9.02
C LEU B 568 -18.88 -23.15 8.72
N ALA B 569 -20.20 -23.22 8.80
CA ALA B 569 -20.95 -24.45 8.56
C ALA B 569 -20.69 -24.99 7.16
N PHE B 570 -20.45 -26.31 7.08
CA PHE B 570 -20.37 -27.01 5.80
C PHE B 570 -21.76 -26.97 5.14
N ASN B 571 -21.80 -26.78 3.82
CA ASN B 571 -23.05 -26.90 3.05
C ASN B 571 -22.99 -28.15 2.13
N ALA B 572 -24.14 -28.77 1.90
CA ALA B 572 -24.24 -29.96 1.05
C ALA B 572 -24.61 -29.52 -0.36
N ARG B 573 -24.08 -30.20 -1.38
CA ARG B 573 -24.30 -29.80 -2.80
C ARG B 573 -24.54 -30.97 -3.78
N THR B 574 -25.43 -30.77 -4.75
CA THR B 574 -25.59 -31.69 -5.88
C THR B 574 -24.33 -31.73 -6.75
N ASP B 575 -24.21 -32.79 -7.52
CA ASP B 575 -23.18 -32.90 -8.55
C ASP B 575 -23.19 -31.67 -9.49
N ALA B 576 -24.37 -31.27 -9.96
CA ALA B 576 -24.50 -30.05 -10.76
C ALA B 576 -23.94 -28.83 -10.03
N GLN B 577 -24.17 -28.75 -8.72
CA GLN B 577 -23.77 -27.57 -7.94
C GLN B 577 -22.26 -27.52 -7.78
N LEU B 578 -21.67 -28.69 -7.51
CA LEU B 578 -20.23 -28.85 -7.36
C LEU B 578 -19.47 -28.35 -8.59
N ALA B 579 -19.98 -28.72 -9.78
CA ALA B 579 -19.46 -28.26 -11.07
C ALA B 579 -19.64 -26.75 -11.33
N ASN B 580 -20.66 -26.15 -10.71
CA ASN B 580 -20.89 -24.69 -10.85
C ASN B 580 -20.15 -23.73 -9.91
N VAL B 581 -19.59 -24.24 -8.82
CA VAL B 581 -18.78 -23.43 -7.92
C VAL B 581 -17.65 -22.76 -8.70
N GLU B 582 -17.02 -23.51 -9.61
CA GLU B 582 -15.94 -23.00 -10.45
C GLU B 582 -16.36 -21.83 -11.36
N LYS B 583 -17.67 -21.60 -11.46
CA LYS B 583 -18.24 -20.47 -12.19
C LYS B 583 -18.38 -19.22 -11.30
N GLY B 584 -17.81 -19.24 -10.09
CA GLY B 584 -17.77 -18.03 -9.23
C GLY B 584 -19.02 -17.71 -8.43
N GLY B 585 -20.18 -17.92 -9.05
CA GLY B 585 -21.48 -17.75 -8.40
C GLY B 585 -22.41 -18.82 -8.93
N TYR B 586 -23.20 -19.41 -8.05
CA TYR B 586 -24.07 -20.48 -8.43
C TYR B 586 -25.20 -20.51 -7.44
N VAL B 587 -26.30 -21.17 -7.82
CA VAL B 587 -27.47 -21.27 -6.99
C VAL B 587 -27.18 -22.34 -5.93
N LEU B 588 -27.11 -21.93 -4.66
CA LEU B 588 -26.81 -22.90 -3.61
C LEU B 588 -28.07 -23.58 -3.20
N ARG B 589 -29.14 -22.79 -3.16
CA ARG B 589 -30.46 -23.33 -2.82
C ARG B 589 -31.52 -22.63 -3.67
N ASP B 590 -32.27 -23.43 -4.43
CA ASP B 590 -33.33 -22.92 -5.31
C ASP B 590 -34.66 -22.77 -4.56
N TRP B 591 -35.59 -22.05 -5.16
CA TRP B 591 -36.99 -22.10 -4.73
C TRP B 591 -37.53 -23.48 -5.01
N ASP B 592 -38.51 -23.93 -4.23
CA ASP B 592 -39.26 -25.12 -4.62
C ASP B 592 -40.45 -24.67 -5.45
N GLU B 593 -40.73 -25.42 -6.53
CA GLU B 593 -41.91 -25.21 -7.38
C GLU B 593 -43.20 -25.13 -6.56
N GLU B 594 -43.21 -25.86 -5.42
CA GLU B 594 -44.37 -25.95 -4.52
C GLU B 594 -44.55 -24.75 -3.56
N ILE B 595 -43.67 -23.75 -3.64
CA ILE B 595 -43.72 -22.59 -2.72
C ILE B 595 -44.89 -21.66 -3.01
N VAL B 596 -44.92 -21.11 -4.24
CA VAL B 596 -45.91 -20.11 -4.69
C VAL B 596 -46.16 -18.97 -3.68
N ALA B 597 -45.08 -18.46 -3.07
CA ALA B 597 -45.06 -17.15 -2.34
C ALA B 597 -44.04 -16.19 -2.97
N ARG B 598 -43.88 -14.99 -2.42
CA ARG B 598 -43.06 -13.94 -3.06
C ARG B 598 -41.57 -14.29 -3.12
N LYS B 599 -41.01 -14.27 -4.34
CA LYS B 599 -39.62 -14.68 -4.60
C LYS B 599 -38.59 -13.60 -4.24
N ILE B 600 -37.51 -14.01 -3.57
CA ILE B 600 -36.35 -13.10 -3.45
C ILE B 600 -35.04 -13.87 -3.66
N ILE B 601 -33.98 -13.18 -4.07
CA ILE B 601 -32.67 -13.83 -4.19
C ILE B 601 -31.75 -13.32 -3.09
N LEU B 602 -31.20 -14.21 -2.28
CA LEU B 602 -30.21 -13.82 -1.29
C LEU B 602 -28.88 -14.17 -1.88
N ILE B 603 -28.08 -13.14 -2.17
CA ILE B 603 -26.69 -13.31 -2.60
C ILE B 603 -25.69 -13.19 -1.45
N ALA B 604 -24.91 -14.24 -1.19
CA ALA B 604 -23.99 -14.20 -0.06
C ALA B 604 -22.62 -14.81 -0.36
N THR B 605 -21.61 -14.40 0.41
CA THR B 605 -20.24 -14.89 0.24
C THR B 605 -19.67 -15.28 1.57
N GLY B 606 -18.68 -16.17 1.53
CA GLY B 606 -17.83 -16.48 2.68
C GLY B 606 -18.64 -16.86 3.91
N SER B 607 -18.27 -16.30 5.05
CA SER B 607 -18.99 -16.55 6.30
C SER B 607 -20.46 -16.14 6.29
N GLU B 608 -20.89 -15.32 5.34
CA GLU B 608 -22.30 -14.91 5.34
C GLU B 608 -23.24 -15.85 4.57
N VAL B 609 -22.68 -16.85 3.90
CA VAL B 609 -23.46 -17.86 3.24
C VAL B 609 -24.29 -18.59 4.29
N GLU B 610 -23.66 -18.84 5.45
CA GLU B 610 -24.35 -19.45 6.59
C GLU B 610 -25.59 -18.66 7.00
N LEU B 611 -25.48 -17.33 6.98
CA LEU B 611 -26.59 -16.49 7.41
C LEU B 611 -27.76 -16.55 6.40
N ALA B 612 -27.44 -16.39 5.12
CA ALA B 612 -28.41 -16.50 4.03
C ALA B 612 -29.17 -17.84 4.13
N MET B 613 -28.44 -18.86 4.55
CA MET B 613 -28.91 -20.24 4.57
C MET B 613 -29.85 -20.37 5.76
N LYS B 614 -29.41 -19.87 6.92
CA LYS B 614 -30.27 -19.85 8.11
C LYS B 614 -31.51 -18.96 7.90
N ALA B 615 -31.43 -17.99 6.99
CA ALA B 615 -32.56 -17.10 6.73
C ALA B 615 -33.78 -17.73 5.98
N VAL B 616 -33.57 -18.87 5.31
CA VAL B 616 -34.57 -19.41 4.38
C VAL B 616 -35.94 -19.75 5.03
N GLU B 617 -35.95 -20.65 6.01
CA GLU B 617 -37.16 -21.00 6.75
C GLU B 617 -37.81 -19.81 7.48
N PRO B 618 -37.01 -19.04 8.25
CA PRO B 618 -37.68 -17.87 8.84
C PRO B 618 -38.35 -16.95 7.80
N LEU B 619 -37.74 -16.84 6.62
CA LEU B 619 -38.32 -16.02 5.55
C LEU B 619 -39.57 -16.71 4.97
N ALA B 620 -39.55 -18.04 4.88
CA ALA B 620 -40.69 -18.84 4.41
C ALA B 620 -41.88 -18.62 5.34
N GLN B 621 -41.65 -18.79 6.63
CA GLN B 621 -42.68 -18.52 7.64
C GLN B 621 -43.21 -17.07 7.59
N GLN B 622 -42.55 -16.19 6.82
CA GLN B 622 -43.04 -14.81 6.58
C GLN B 622 -43.61 -14.55 5.18
N GLY B 623 -43.70 -15.59 4.36
CA GLY B 623 -44.25 -15.48 3.01
C GLY B 623 -43.26 -15.02 1.95
N ILE B 624 -41.98 -15.27 2.18
CA ILE B 624 -40.95 -14.88 1.24
C ILE B 624 -40.23 -16.16 0.84
N ALA B 625 -40.15 -16.43 -0.46
CA ALA B 625 -39.38 -17.61 -0.94
C ALA B 625 -37.99 -17.18 -1.40
N ALA B 626 -36.94 -17.66 -0.73
CA ALA B 626 -35.59 -17.11 -0.96
C ALA B 626 -34.70 -18.11 -1.70
N ARG B 627 -34.24 -17.74 -2.91
CA ARG B 627 -33.18 -18.51 -3.55
C ARG B 627 -31.85 -18.02 -2.98
N VAL B 628 -31.02 -18.95 -2.52
CA VAL B 628 -29.68 -18.57 -2.02
C VAL B 628 -28.61 -18.77 -3.08
N VAL B 629 -28.03 -17.66 -3.50
CA VAL B 629 -26.92 -17.70 -4.44
C VAL B 629 -25.62 -17.50 -3.66
N SER B 630 -24.70 -18.44 -3.82
CA SER B 630 -23.38 -18.28 -3.22
C SER B 630 -22.47 -17.73 -4.28
N MET B 631 -21.82 -16.60 -3.98
CA MET B 631 -20.90 -16.02 -4.92
C MET B 631 -19.44 -15.95 -4.41
N PRO B 632 -18.76 -17.12 -4.35
CA PRO B 632 -17.41 -17.17 -3.81
C PRO B 632 -16.43 -16.34 -4.62
N SER B 633 -16.72 -16.17 -5.91
CA SER B 633 -16.00 -15.19 -6.70
C SER B 633 -16.85 -14.41 -7.69
N SER B 634 -17.08 -13.14 -7.38
CA SER B 634 -17.86 -12.33 -8.29
C SER B 634 -17.07 -12.09 -9.55
N ASP B 635 -15.73 -12.06 -9.48
CA ASP B 635 -14.92 -11.81 -10.68
C ASP B 635 -15.02 -12.94 -11.69
N VAL B 636 -14.96 -14.17 -11.19
CA VAL B 636 -15.14 -15.37 -12.00
C VAL B 636 -16.59 -15.42 -12.50
N PHE B 637 -17.54 -15.00 -11.67
CA PHE B 637 -18.96 -15.02 -12.07
C PHE B 637 -19.21 -14.07 -13.24
N ASP B 638 -18.59 -12.89 -13.20
CA ASP B 638 -18.75 -11.86 -14.23
C ASP B 638 -18.22 -12.26 -15.59
N ARG B 639 -17.24 -13.17 -15.61
CA ARG B 639 -16.68 -13.74 -16.85
C ARG B 639 -17.55 -14.80 -17.50
N GLN B 640 -18.62 -15.21 -16.83
CA GLN B 640 -19.51 -16.24 -17.37
C GLN B 640 -20.42 -15.68 -18.46
N ASP B 641 -20.97 -16.57 -19.28
CA ASP B 641 -21.84 -16.15 -20.37
C ASP B 641 -23.19 -15.67 -19.87
N ALA B 642 -23.88 -14.91 -20.72
CA ALA B 642 -25.08 -14.21 -20.33
C ALA B 642 -26.20 -15.14 -19.94
N GLU B 643 -26.26 -16.30 -20.59
CA GLU B 643 -27.25 -17.34 -20.30
C GLU B 643 -27.08 -17.85 -18.88
N TYR B 644 -25.85 -18.21 -18.52
CA TYR B 644 -25.57 -18.67 -17.17
C TYR B 644 -25.84 -17.60 -16.14
N ARG B 645 -25.51 -16.35 -16.43
CA ARG B 645 -25.71 -15.31 -15.43
C ARG B 645 -27.19 -15.08 -15.21
N GLU B 646 -27.97 -15.15 -16.29
CA GLU B 646 -29.42 -14.98 -16.20
C GLU B 646 -30.06 -16.14 -15.43
N ARG B 647 -29.61 -17.36 -15.68
CA ARG B 647 -30.05 -18.52 -14.89
C ARG B 647 -29.88 -18.31 -13.37
N VAL B 648 -28.68 -17.85 -12.95
CA VAL B 648 -28.39 -17.70 -11.53
C VAL B 648 -29.08 -16.48 -10.92
N LEU B 649 -29.07 -15.38 -11.67
CA LEU B 649 -29.70 -14.15 -11.21
C LEU B 649 -30.75 -13.72 -12.20
N PRO B 650 -31.93 -14.38 -12.15
CA PRO B 650 -32.98 -14.02 -13.10
C PRO B 650 -33.32 -12.55 -13.11
N HIS B 651 -33.19 -11.94 -14.28
CA HIS B 651 -33.53 -10.54 -14.45
C HIS B 651 -34.91 -10.28 -13.89
N GLY B 652 -35.07 -9.22 -13.10
CA GLY B 652 -36.37 -8.89 -12.52
C GLY B 652 -36.79 -9.52 -11.20
N VAL B 653 -36.11 -10.58 -10.74
CA VAL B 653 -36.27 -11.03 -9.34
C VAL B 653 -35.35 -10.16 -8.46
N ARG B 654 -35.93 -9.58 -7.41
CA ARG B 654 -35.19 -8.68 -6.51
C ARG B 654 -34.21 -9.44 -5.60
N ARG B 655 -33.26 -8.70 -5.03
CA ARG B 655 -32.11 -9.34 -4.38
C ARG B 655 -31.68 -8.60 -3.14
N VAL B 656 -31.22 -9.38 -2.16
CA VAL B 656 -30.54 -8.84 -0.99
C VAL B 656 -29.20 -9.50 -0.95
N ALA B 657 -28.14 -8.70 -0.88
CA ALA B 657 -26.79 -9.21 -0.74
C ALA B 657 -26.39 -9.19 0.73
N ILE B 658 -25.70 -10.24 1.16
CA ILE B 658 -25.25 -10.43 2.53
C ILE B 658 -23.72 -10.71 2.61
N GLU B 659 -22.96 -9.76 3.14
CA GLU B 659 -21.49 -9.92 3.25
C GLU B 659 -21.01 -9.01 4.35
N ALA B 660 -20.12 -9.51 5.22
CA ALA B 660 -19.59 -8.65 6.28
C ALA B 660 -18.54 -7.72 5.68
N GLY B 661 -18.98 -6.85 4.78
CA GLY B 661 -18.09 -5.81 4.22
C GLY B 661 -18.92 -4.63 3.76
N VAL B 662 -18.27 -3.63 3.14
CA VAL B 662 -18.97 -2.40 2.75
C VAL B 662 -20.11 -2.75 1.79
N THR B 663 -21.22 -2.02 1.87
CA THR B 663 -22.44 -2.42 1.12
C THR B 663 -22.48 -1.97 -0.36
N ASP B 664 -21.96 -0.77 -0.67
CA ASP B 664 -22.08 -0.18 -2.03
C ASP B 664 -21.67 -1.10 -3.18
N PHE B 665 -20.71 -1.97 -2.91
CA PHE B 665 -20.24 -2.90 -3.92
C PHE B 665 -21.39 -3.73 -4.50
N TRP B 666 -22.33 -4.14 -3.65
CA TRP B 666 -23.36 -5.11 -4.05
C TRP B 666 -24.41 -4.54 -4.96
N ARG B 667 -24.36 -3.22 -5.11
CA ARG B 667 -25.32 -2.49 -5.92
C ARG B 667 -25.24 -2.94 -7.36
N LYS B 668 -24.07 -3.42 -7.76
CA LYS B 668 -23.94 -3.99 -9.12
C LYS B 668 -24.74 -5.26 -9.35
N TYR B 669 -25.08 -5.98 -8.29
CA TYR B 669 -25.94 -7.18 -8.38
C TYR B 669 -27.36 -6.93 -7.87
N VAL B 670 -27.55 -5.98 -6.97
CA VAL B 670 -28.88 -5.81 -6.36
C VAL B 670 -29.61 -4.55 -6.85
N GLY B 671 -28.88 -3.63 -7.49
CA GLY B 671 -29.48 -2.43 -8.04
C GLY B 671 -29.91 -1.43 -6.98
N LEU B 672 -30.52 -0.36 -7.44
CA LEU B 672 -31.03 0.69 -6.56
C LEU B 672 -32.17 0.15 -5.70
N GLU B 673 -32.91 -0.85 -6.19
CA GLU B 673 -34.12 -1.25 -5.50
C GLU B 673 -33.83 -2.43 -4.57
N GLY B 674 -32.68 -3.07 -4.74
CA GLY B 674 -32.35 -4.26 -3.93
C GLY B 674 -31.86 -3.87 -2.56
N GLY B 675 -31.36 -4.82 -1.81
CA GLY B 675 -30.93 -4.55 -0.47
C GLY B 675 -29.53 -5.09 -0.20
N VAL B 676 -28.92 -4.57 0.87
CA VAL B 676 -27.63 -5.12 1.34
C VAL B 676 -27.57 -5.18 2.88
N VAL B 677 -27.20 -6.36 3.38
CA VAL B 677 -26.83 -6.55 4.78
C VAL B 677 -25.29 -6.58 4.83
N GLY B 678 -24.69 -5.49 5.26
CA GLY B 678 -23.21 -5.45 5.37
C GLY B 678 -22.79 -4.48 6.45
N ILE B 679 -21.57 -3.96 6.32
CA ILE B 679 -21.04 -3.09 7.33
C ILE B 679 -20.28 -1.96 6.62
N ASP B 680 -20.69 -0.74 6.96
CA ASP B 680 -20.20 0.46 6.31
C ASP B 680 -19.42 1.34 7.28
N THR B 681 -19.19 0.85 8.48
CA THR B 681 -18.33 1.52 9.46
C THR B 681 -17.13 0.64 9.75
N PHE B 682 -16.13 1.19 10.47
CA PHE B 682 -15.10 0.33 11.08
C PHE B 682 -15.73 -0.58 12.15
N GLY B 683 -15.00 -1.61 12.54
CA GLY B 683 -15.49 -2.58 13.54
C GLY B 683 -15.35 -2.08 14.96
N GLU B 684 -15.32 -3.02 15.90
CA GLU B 684 -15.06 -2.75 17.30
C GLU B 684 -14.26 -3.94 17.86
N SER B 685 -13.62 -3.74 19.01
CA SER B 685 -12.90 -4.81 19.70
C SER B 685 -13.83 -5.56 20.67
N ALA B 686 -14.17 -6.82 20.35
CA ALA B 686 -15.15 -7.66 21.13
C ALA B 686 -15.19 -9.07 20.56
N PRO B 687 -15.76 -10.03 21.31
CA PRO B 687 -15.77 -11.36 20.68
C PRO B 687 -16.55 -11.33 19.33
N ALA B 688 -16.26 -12.26 18.41
CA ALA B 688 -16.92 -12.36 17.10
C ALA B 688 -18.47 -12.44 17.16
N GLY B 689 -19.00 -13.32 18.02
CA GLY B 689 -20.45 -13.46 18.20
C GLY B 689 -21.11 -12.17 18.65
N VAL B 690 -20.45 -11.45 19.54
CA VAL B 690 -20.94 -10.16 20.01
C VAL B 690 -21.02 -9.15 18.82
N LEU B 691 -19.98 -9.13 18.00
CA LEU B 691 -19.91 -8.14 16.93
C LEU B 691 -20.92 -8.41 15.83
N PHE B 692 -21.12 -9.70 15.53
CA PHE B 692 -22.00 -10.07 14.45
C PHE B 692 -23.40 -9.64 14.77
N LYS B 693 -23.82 -9.84 16.04
CA LYS B 693 -25.10 -9.31 16.51
C LYS B 693 -25.08 -7.78 16.47
N HIS B 694 -24.11 -7.18 17.15
CA HIS B 694 -24.05 -5.72 17.27
C HIS B 694 -24.20 -5.05 15.93
N PHE B 695 -23.63 -5.67 14.88
CA PHE B 695 -23.55 -5.06 13.57
C PHE B 695 -24.65 -5.51 12.61
N GLY B 696 -25.64 -6.24 13.11
CA GLY B 696 -26.88 -6.53 12.38
C GLY B 696 -26.78 -7.69 11.39
N PHE B 697 -25.82 -8.58 11.57
CA PHE B 697 -25.79 -9.78 10.78
C PHE B 697 -26.64 -10.84 11.52
N THR B 698 -27.96 -10.63 11.49
CA THR B 698 -28.94 -11.45 12.21
C THR B 698 -30.06 -11.87 11.25
N VAL B 699 -30.75 -12.98 11.54
CA VAL B 699 -31.91 -13.37 10.73
C VAL B 699 -32.92 -12.21 10.70
N GLU B 700 -33.17 -11.60 11.86
CA GLU B 700 -34.11 -10.49 11.96
C GLU B 700 -33.83 -9.36 10.95
N HIS B 701 -32.56 -8.99 10.78
CA HIS B 701 -32.16 -7.93 9.84
C HIS B 701 -32.35 -8.37 8.41
N VAL B 702 -32.00 -9.62 8.12
CA VAL B 702 -32.22 -10.15 6.77
C VAL B 702 -33.72 -10.06 6.39
N ILE B 703 -34.60 -10.49 7.30
CA ILE B 703 -36.06 -10.41 7.10
C ILE B 703 -36.52 -8.95 6.89
N GLU B 704 -36.12 -8.09 7.81
CA GLU B 704 -36.44 -6.68 7.76
C GLU B 704 -36.04 -6.09 6.40
N THR B 705 -34.82 -6.39 5.95
CA THR B 705 -34.35 -5.91 4.66
C THR B 705 -35.17 -6.49 3.51
N ALA B 706 -35.41 -7.81 3.54
CA ALA B 706 -36.19 -8.47 2.50
C ALA B 706 -37.63 -7.89 2.35
N LYS B 707 -38.32 -7.64 3.47
CA LYS B 707 -39.64 -6.98 3.46
C LYS B 707 -39.56 -5.59 2.88
N ALA B 708 -38.47 -4.88 3.19
CA ALA B 708 -38.31 -3.52 2.68
C ALA B 708 -38.08 -3.56 1.16
N VAL B 709 -37.30 -4.54 0.69
CA VAL B 709 -37.00 -4.66 -0.74
C VAL B 709 -38.24 -5.07 -1.54
N LEU B 710 -39.10 -5.89 -0.95
CA LEU B 710 -40.24 -6.46 -1.66
C LEU B 710 -41.49 -5.57 -1.60
N ALA B 711 -41.49 -4.63 -0.65
CA ALA B 711 -42.57 -3.64 -0.46
C ALA B 711 -42.99 -2.94 -1.76
S SO4 C . 4.74 15.44 -15.46
O1 SO4 C . 4.48 16.57 -14.57
O2 SO4 C . 5.70 14.50 -14.90
O3 SO4 C . 3.56 14.58 -15.66
O4 SO4 C . 5.31 16.03 -16.68
S SO4 D . -5.22 -16.13 15.96
O1 SO4 D . -5.56 -16.53 17.35
O2 SO4 D . -4.65 -17.23 15.13
O3 SO4 D . -6.46 -15.67 15.31
O4 SO4 D . -4.25 -15.03 16.04
CL CL E . 17.32 6.69 -11.25
#